data_8RZL
#
_entry.id   8RZL
#
_cell.length_a   1.00
_cell.length_b   1.00
_cell.length_c   1.00
_cell.angle_alpha   90.00
_cell.angle_beta   90.00
_cell.angle_gamma   90.00
#
_symmetry.space_group_name_H-M   'P 1'
#
loop_
_entity.id
_entity.type
_entity.pdbx_description
1 polymer 'Sulfolobus acidocaldarius threads (0406) filament.'
2 branched beta-D-glucopyranose-(1-4)-6-deoxy-6-sulfo-beta-D-glucopyranose-(1-3)-[alpha-D-mannopyranose-(1-4)][alpha-D-mannopyranose-(1-6)]2-acetamido-2-deoxy-beta-D-glucopyranose-(1-4)-2-acetamido-2-deoxy-beta-D-glucopyranose
3 non-polymer alpha-D-mannopyranose
#
_entity_poly.entity_id   1
_entity_poly.type   'polypeptide(L)'
_entity_poly.pdbx_seq_one_letter_code
;DVIYYYQGQITVGNVAPPMYFAIQPNGNAKIGNNSNVPSYINAQPSSGGSGFTAQVNITNATYNYYFNFMGLAVSKTGYI
YLAKVAYSYTATNNPIQNATLYIMNQQGQIVYKYKLIVNGVVNSTLPSTPLQINSGSYIVSLLIVPYQGTLPKTPSNDLA
TITVNFGFSPMTASPPPIPLPSP
;
_entity_poly.pdbx_strand_id   C,E,A,B,D
#
loop_
_chem_comp.id
_chem_comp.type
_chem_comp.name
_chem_comp.formula
BGC D-saccharide, beta linking beta-D-glucopyranose 'C6 H12 O6'
MAN D-saccharide, alpha linking alpha-D-mannopyranose 'C6 H12 O6'
NAG D-saccharide, beta linking 2-acetamido-2-deoxy-beta-D-glucopyranose 'C8 H15 N O6'
YZT saccharide 6-deoxy-6-sulfo-beta-D-glucopyranose 'C6 H12 O8 S'
#
# COMPACT_ATOMS: atom_id res chain seq x y z
N ASP A 1 -8.17 -3.29 -50.48
CA ASP A 1 -7.39 -2.91 -49.30
C ASP A 1 -6.12 -3.77 -49.21
N VAL A 2 -5.05 -3.19 -48.66
CA VAL A 2 -3.84 -3.93 -48.36
C VAL A 2 -3.68 -3.99 -46.85
N ILE A 3 -3.66 -5.22 -46.32
CA ILE A 3 -3.39 -5.46 -44.90
C ILE A 3 -2.08 -6.23 -44.79
N TYR A 4 -1.17 -5.72 -43.94
CA TYR A 4 0.02 -6.45 -43.55
C TYR A 4 -0.19 -6.98 -42.13
N TYR A 5 0.00 -8.29 -41.95
CA TYR A 5 -0.18 -8.91 -40.63
C TYR A 5 1.17 -9.30 -40.03
N TYR A 6 1.32 -8.97 -38.74
CA TYR A 6 2.53 -9.21 -37.96
C TYR A 6 2.16 -10.15 -36.81
N GLN A 7 2.92 -11.24 -36.66
CA GLN A 7 2.57 -12.28 -35.70
C GLN A 7 3.46 -12.20 -34.47
N GLY A 8 2.84 -12.00 -33.31
CA GLY A 8 3.50 -12.18 -32.03
C GLY A 8 3.17 -13.56 -31.46
N GLN A 9 4.21 -14.29 -31.03
CA GLN A 9 4.01 -15.56 -30.36
C GLN A 9 4.63 -15.51 -28.96
N ILE A 10 3.79 -15.67 -27.94
CA ILE A 10 4.21 -15.61 -26.55
C ILE A 10 4.05 -17.00 -25.95
N THR A 11 5.16 -17.59 -25.49
CA THR A 11 5.12 -18.86 -24.76
C THR A 11 5.31 -18.58 -23.28
N VAL A 12 4.42 -19.15 -22.46
CA VAL A 12 4.33 -18.82 -21.05
C VAL A 12 4.84 -20.01 -20.23
N GLY A 13 5.84 -19.73 -19.40
CA GLY A 13 6.35 -20.68 -18.41
C GLY A 13 6.06 -20.20 -17.00
N ASN A 14 6.59 -20.95 -16.02
CA ASN A 14 6.26 -20.75 -14.61
C ASN A 14 7.53 -20.77 -13.77
N VAL A 15 7.67 -19.80 -12.85
CA VAL A 15 8.85 -19.62 -12.01
C VAL A 15 8.45 -19.36 -10.56
N ALA A 16 9.24 -19.92 -9.62
CA ALA A 16 9.04 -19.72 -8.19
C ALA A 16 9.08 -18.22 -7.83
N PRO A 17 8.16 -17.71 -6.98
CA PRO A 17 8.01 -16.26 -6.80
C PRO A 17 9.21 -15.60 -6.12
N PRO A 18 9.70 -14.45 -6.65
CA PRO A 18 10.78 -13.68 -6.03
C PRO A 18 10.47 -13.22 -4.61
N MET A 19 9.19 -12.92 -4.33
CA MET A 19 8.72 -12.69 -2.98
C MET A 19 7.28 -13.17 -2.86
N TYR A 20 6.85 -13.46 -1.63
CA TYR A 20 5.48 -13.91 -1.39
C TYR A 20 5.08 -13.59 0.04
N PHE A 21 3.76 -13.45 0.26
CA PHE A 21 3.20 -13.28 1.59
C PHE A 21 2.86 -14.65 2.17
N ALA A 22 3.13 -14.83 3.47
CA ALA A 22 2.96 -16.10 4.14
C ALA A 22 2.82 -15.93 5.65
N ILE A 23 2.28 -16.97 6.31
CA ILE A 23 2.28 -17.07 7.75
C ILE A 23 3.36 -18.06 8.15
N GLN A 24 4.30 -17.59 9.00
CA GLN A 24 5.45 -18.37 9.44
C GLN A 24 6.21 -18.95 8.23
N PRO A 25 6.74 -18.10 7.30
CA PRO A 25 7.47 -18.59 6.12
C PRO A 25 8.70 -19.38 6.54
N ASN A 26 8.97 -20.48 5.82
CA ASN A 26 10.07 -21.41 6.08
C ASN A 26 10.01 -22.01 7.50
N GLY A 27 8.85 -21.94 8.16
CA GLY A 27 8.66 -22.42 9.53
C GLY A 27 9.17 -21.44 10.61
N ASN A 28 9.49 -20.21 10.23
CA ASN A 28 10.01 -19.21 11.15
C ASN A 28 8.89 -18.68 12.04
N ALA A 29 8.85 -19.16 13.29
CA ALA A 29 7.76 -18.88 14.23
C ALA A 29 7.70 -17.42 14.71
N LYS A 30 8.63 -16.56 14.24
CA LYS A 30 8.67 -15.15 14.64
C LYS A 30 8.12 -14.23 13.55
N ILE A 31 7.89 -14.74 12.33
CA ILE A 31 7.47 -13.93 11.19
C ILE A 31 6.01 -14.22 10.87
N GLY A 32 5.18 -13.18 10.82
CA GLY A 32 3.74 -13.32 10.57
C GLY A 32 2.98 -14.09 11.64
N ASN A 33 3.24 -13.85 12.92
CA ASN A 33 2.48 -14.62 13.89
C ASN A 33 1.37 -13.81 14.59
N ASN A 34 0.51 -13.10 13.85
CA ASN A 34 -0.51 -12.32 14.54
C ASN A 34 -1.49 -12.04 13.48
N SER A 35 -1.58 -13.13 12.79
CA SER A 35 -2.53 -12.95 11.74
C SER A 35 -3.93 -12.94 12.30
N ASN A 36 -4.17 -13.50 13.50
CA ASN A 36 -5.54 -13.78 13.93
C ASN A 36 -5.70 -13.52 15.44
N VAL A 37 -6.40 -12.43 15.79
CA VAL A 37 -6.81 -12.15 17.16
C VAL A 37 -8.34 -12.06 17.15
N PRO A 38 -9.05 -12.96 17.89
CA PRO A 38 -10.42 -13.35 17.54
C PRO A 38 -11.59 -12.36 17.54
N SER A 39 -11.32 -11.06 17.75
CA SER A 39 -12.34 -10.02 17.56
C SER A 39 -11.77 -8.73 16.96
N TYR A 40 -10.47 -8.72 16.63
CA TYR A 40 -9.76 -7.48 16.33
C TYR A 40 -9.04 -7.51 14.97
N ILE A 41 -8.50 -8.66 14.59
CA ILE A 41 -7.90 -8.82 13.27
C ILE A 41 -8.05 -10.25 12.78
N ASN A 42 -8.29 -10.40 11.47
CA ASN A 42 -8.23 -11.67 10.79
C ASN A 42 -7.60 -11.45 9.42
N ALA A 43 -6.33 -11.85 9.28
CA ALA A 43 -5.57 -11.69 8.05
C ALA A 43 -5.10 -13.05 7.53
N GLN A 44 -5.02 -13.16 6.20
CA GLN A 44 -4.60 -14.39 5.54
C GLN A 44 -3.77 -14.03 4.30
N PRO A 45 -2.82 -14.89 3.89
CA PRO A 45 -2.16 -14.69 2.60
C PRO A 45 -3.17 -15.06 1.52
N SER A 46 -3.21 -14.24 0.46
CA SER A 46 -4.01 -14.52 -0.72
C SER A 46 -3.48 -15.79 -1.40
N SER A 47 -4.30 -16.45 -2.23
CA SER A 47 -3.97 -17.75 -2.78
C SER A 47 -2.59 -17.77 -3.43
N GLY A 48 -1.81 -18.83 -3.16
CA GLY A 48 -0.44 -19.00 -3.65
C GLY A 48 0.58 -18.00 -3.11
N GLY A 49 0.22 -17.21 -2.09
CA GLY A 49 1.08 -16.17 -1.52
C GLY A 49 1.13 -14.88 -2.36
N SER A 50 0.15 -14.70 -3.24
CA SER A 50 0.08 -13.66 -4.27
C SER A 50 -0.14 -12.24 -3.72
N GLY A 51 -0.33 -12.12 -2.40
CA GLY A 51 -0.82 -10.90 -1.77
C GLY A 51 -1.42 -11.25 -0.42
N PHE A 52 -2.25 -10.36 0.15
CA PHE A 52 -2.90 -10.67 1.42
C PHE A 52 -4.28 -10.01 1.51
N THR A 53 -5.13 -10.59 2.37
CA THR A 53 -6.44 -10.05 2.69
C THR A 53 -6.51 -9.89 4.21
N ALA A 54 -7.01 -8.74 4.67
CA ALA A 54 -7.15 -8.50 6.11
C ALA A 54 -8.47 -7.83 6.46
N GLN A 55 -9.14 -8.36 7.49
CA GLN A 55 -10.27 -7.70 8.13
C GLN A 55 -9.68 -7.12 9.41
N VAL A 56 -9.90 -5.82 9.66
CA VAL A 56 -9.16 -5.09 10.68
C VAL A 56 -10.15 -4.22 11.45
N ASN A 57 -10.25 -4.46 12.76
CA ASN A 57 -11.17 -3.68 13.58
C ASN A 57 -10.49 -2.53 14.29
N ILE A 58 -10.85 -1.31 13.90
CA ILE A 58 -10.37 -0.15 14.64
C ILE A 58 -11.32 0.17 15.80
N THR A 59 -10.80 0.93 16.77
CA THR A 59 -11.56 1.33 17.95
C THR A 59 -11.29 2.80 18.24
N ASN A 60 -11.53 3.23 19.49
CA ASN A 60 -11.40 4.63 19.89
C ASN A 60 -9.95 4.99 20.20
N ALA A 61 -9.07 3.98 20.34
CA ALA A 61 -7.66 4.23 20.58
C ALA A 61 -7.10 5.21 19.55
N THR A 62 -6.26 6.14 20.01
CA THR A 62 -5.67 7.17 19.14
C THR A 62 -4.67 6.61 18.14
N TYR A 63 -4.01 5.49 18.45
CA TYR A 63 -3.30 4.70 17.45
C TYR A 63 -3.74 3.25 17.53
N ASN A 64 -4.06 2.66 16.37
CA ASN A 64 -4.46 1.27 16.28
C ASN A 64 -3.36 0.54 15.52
N TYR A 65 -2.69 -0.44 16.15
CA TYR A 65 -1.49 -1.03 15.59
C TYR A 65 -1.61 -2.55 15.49
N TYR A 66 -1.35 -3.06 14.27
CA TYR A 66 -1.49 -4.46 13.93
C TYR A 66 -0.10 -4.99 13.63
N PHE A 67 0.62 -5.34 14.69
CA PHE A 67 2.02 -5.75 14.59
C PHE A 67 2.10 -7.19 14.08
N ASN A 68 2.96 -7.44 13.08
CA ASN A 68 3.32 -8.77 12.61
C ASN A 68 2.11 -9.54 12.09
N PHE A 69 1.14 -8.87 11.47
CA PHE A 69 -0.08 -9.52 11.00
C PHE A 69 0.15 -10.41 9.76
N MET A 70 1.27 -10.18 9.06
CA MET A 70 1.67 -10.96 7.89
C MET A 70 3.18 -11.15 7.91
N GLY A 71 3.66 -12.17 7.19
CA GLY A 71 5.08 -12.33 6.92
C GLY A 71 5.37 -12.12 5.44
N LEU A 72 6.43 -11.38 5.13
CA LEU A 72 6.87 -11.21 3.76
C LEU A 72 8.17 -12.00 3.58
N ALA A 73 8.16 -12.98 2.68
CA ALA A 73 9.34 -13.76 2.35
C ALA A 73 9.91 -13.26 1.02
N VAL A 74 11.23 -13.04 0.96
CA VAL A 74 11.90 -12.60 -0.25
C VAL A 74 12.96 -13.64 -0.60
N SER A 75 12.73 -14.38 -1.71
CA SER A 75 13.55 -15.53 -2.07
C SER A 75 14.82 -15.11 -2.82
N LYS A 76 14.77 -13.97 -3.53
CA LYS A 76 15.88 -13.43 -4.31
C LYS A 76 15.88 -11.91 -4.19
N THR A 77 17.07 -11.29 -4.18
CA THR A 77 17.18 -9.83 -4.01
C THR A 77 16.53 -9.09 -5.18
N GLY A 78 15.97 -7.91 -4.91
CA GLY A 78 15.28 -7.13 -5.92
C GLY A 78 14.86 -5.76 -5.40
N TYR A 79 14.10 -5.02 -6.21
CA TYR A 79 13.66 -3.67 -5.85
C TYR A 79 12.16 -3.66 -5.66
N ILE A 80 11.70 -3.07 -4.54
CA ILE A 80 10.29 -3.02 -4.15
C ILE A 80 9.81 -1.57 -4.06
N TYR A 81 8.53 -1.35 -4.38
CA TYR A 81 7.91 -0.04 -4.24
C TYR A 81 6.41 -0.13 -4.06
N LEU A 82 5.82 0.95 -3.54
CA LEU A 82 4.38 1.09 -3.45
C LEU A 82 3.86 1.60 -4.80
N ALA A 83 3.17 0.73 -5.54
CA ALA A 83 2.79 1.01 -6.91
C ALA A 83 1.48 1.79 -7.00
N LYS A 84 0.48 1.42 -6.18
CA LYS A 84 -0.85 2.01 -6.25
C LYS A 84 -1.56 1.82 -4.91
N VAL A 85 -2.37 2.82 -4.52
CA VAL A 85 -3.27 2.73 -3.39
C VAL A 85 -4.64 3.22 -3.81
N ALA A 86 -5.69 2.55 -3.34
CA ALA A 86 -7.07 2.98 -3.50
C ALA A 86 -7.78 2.90 -2.15
N TYR A 87 -8.58 3.92 -1.84
CA TYR A 87 -9.24 4.04 -0.54
C TYR A 87 -10.67 4.51 -0.74
N SER A 88 -11.61 3.88 -0.02
CA SER A 88 -13.00 4.29 -0.01
C SER A 88 -13.66 3.94 1.33
N TYR A 89 -14.72 4.68 1.68
CA TYR A 89 -15.40 4.49 2.95
C TYR A 89 -16.92 4.61 2.78
N THR A 90 -17.67 3.87 3.61
CA THR A 90 -19.13 3.80 3.52
C THR A 90 -19.82 4.81 4.43
N ALA A 91 -19.10 5.27 5.47
CA ALA A 91 -19.62 6.22 6.45
C ALA A 91 -19.85 7.62 5.85
N THR A 92 -20.60 8.46 6.57
CA THR A 92 -20.87 9.85 6.23
C THR A 92 -19.59 10.70 6.33
N ASN A 93 -18.75 10.37 7.32
CA ASN A 93 -17.49 11.07 7.58
C ASN A 93 -16.32 10.12 7.35
N ASN A 94 -15.21 10.68 6.85
CA ASN A 94 -13.98 9.95 6.58
C ASN A 94 -13.43 9.35 7.87
N PRO A 95 -13.31 8.01 8.02
CA PRO A 95 -12.89 7.41 9.29
C PRO A 95 -11.41 7.41 9.64
N ILE A 96 -10.52 7.54 8.64
CA ILE A 96 -9.08 7.37 8.84
C ILE A 96 -8.34 8.68 8.55
N GLN A 97 -7.46 9.11 9.47
CA GLN A 97 -6.59 10.25 9.26
C GLN A 97 -5.31 9.81 8.57
N ASN A 98 -4.62 8.82 9.16
CA ASN A 98 -3.34 8.35 8.66
C ASN A 98 -3.30 6.83 8.66
N ALA A 99 -2.85 6.21 7.56
CA ALA A 99 -2.59 4.78 7.56
C ALA A 99 -1.22 4.48 6.96
N THR A 100 -0.41 3.70 7.68
CA THR A 100 0.97 3.45 7.33
C THR A 100 1.27 1.96 7.46
N LEU A 101 1.99 1.42 6.47
CA LEU A 101 2.32 0.01 6.39
C LEU A 101 3.84 -0.14 6.42
N TYR A 102 4.35 -0.98 7.34
CA TYR A 102 5.79 -1.06 7.61
C TYR A 102 6.31 -2.43 7.20
N ILE A 103 7.47 -2.46 6.55
CA ILE A 103 8.26 -3.67 6.41
C ILE A 103 9.38 -3.58 7.45
N MET A 104 9.54 -4.62 8.26
CA MET A 104 10.38 -4.56 9.44
C MET A 104 11.30 -5.78 9.52
N ASN A 105 12.53 -5.55 10.00
CA ASN A 105 13.52 -6.57 10.29
C ASN A 105 13.00 -7.49 11.39
N GLN A 106 13.56 -8.69 11.52
CA GLN A 106 13.12 -9.65 12.54
C GLN A 106 13.28 -9.07 13.96
N GLN A 107 14.25 -8.17 14.16
CA GLN A 107 14.49 -7.48 15.42
C GLN A 107 13.55 -6.29 15.66
N GLY A 108 12.56 -6.07 14.76
CA GLY A 108 11.55 -5.04 14.93
C GLY A 108 11.99 -3.64 14.49
N GLN A 109 13.15 -3.54 13.82
CA GLN A 109 13.60 -2.29 13.21
C GLN A 109 12.82 -2.04 11.92
N ILE A 110 12.49 -0.78 11.62
CA ILE A 110 11.80 -0.46 10.37
C ILE A 110 12.81 -0.47 9.23
N VAL A 111 12.51 -1.26 8.17
CA VAL A 111 13.30 -1.27 6.95
C VAL A 111 12.75 -0.22 5.99
N TYR A 112 11.44 -0.29 5.68
CA TYR A 112 10.74 0.70 4.86
C TYR A 112 9.37 1.03 5.44
N LYS A 113 9.00 2.31 5.34
CA LYS A 113 7.71 2.83 5.79
C LYS A 113 6.91 3.31 4.57
N TYR A 114 5.70 2.78 4.40
CA TYR A 114 4.82 3.14 3.30
C TYR A 114 3.59 3.89 3.81
N LYS A 115 3.53 5.20 3.57
CA LYS A 115 2.35 5.97 3.92
C LYS A 115 1.27 5.72 2.88
N LEU A 116 0.20 5.02 3.26
CA LEU A 116 -0.90 4.71 2.35
C LEU A 116 -1.87 5.90 2.26
N ILE A 117 -2.24 6.42 3.42
CA ILE A 117 -3.20 7.50 3.58
C ILE A 117 -2.59 8.55 4.50
N VAL A 118 -2.70 9.83 4.11
CA VAL A 118 -2.16 10.95 4.87
C VAL A 118 -3.23 12.04 4.96
N ASN A 119 -3.55 12.49 6.18
CA ASN A 119 -4.59 13.47 6.44
C ASN A 119 -5.92 13.16 5.73
N GLY A 120 -6.24 11.86 5.57
CA GLY A 120 -7.53 11.43 5.05
C GLY A 120 -7.58 11.16 3.55
N VAL A 121 -6.48 11.40 2.81
CA VAL A 121 -6.42 11.16 1.37
C VAL A 121 -5.30 10.17 1.04
N VAL A 122 -5.43 9.44 -0.07
CA VAL A 122 -4.39 8.53 -0.52
C VAL A 122 -3.10 9.28 -0.83
N ASN A 123 -1.96 8.61 -0.63
CA ASN A 123 -0.67 9.14 -1.00
C ASN A 123 -0.73 9.56 -2.46
N SER A 124 -0.43 10.83 -2.75
CA SER A 124 -0.57 11.39 -4.09
C SER A 124 0.69 11.22 -4.95
N THR A 125 1.84 10.90 -4.33
CA THR A 125 3.14 10.92 -5.00
C THR A 125 3.47 9.58 -5.71
N LEU A 126 2.57 8.60 -5.61
CA LEU A 126 2.77 7.23 -6.09
C LEU A 126 2.81 7.16 -7.62
N PRO A 127 3.50 6.17 -8.24
CA PRO A 127 4.29 5.13 -7.55
C PRO A 127 5.59 5.63 -6.92
N SER A 128 5.96 5.06 -5.77
CA SER A 128 7.16 5.45 -5.03
C SER A 128 8.44 4.96 -5.70
N THR A 129 9.60 5.48 -5.26
CA THR A 129 10.91 5.06 -5.76
C THR A 129 11.15 3.58 -5.44
N PRO A 130 11.59 2.74 -6.42
CA PRO A 130 12.05 1.38 -6.13
C PRO A 130 13.31 1.38 -5.27
N LEU A 131 13.23 0.68 -4.13
CA LEU A 131 14.34 0.56 -3.19
C LEU A 131 14.73 -0.92 -3.08
N GLN A 132 16.02 -1.19 -2.92
CA GLN A 132 16.50 -2.57 -2.82
C GLN A 132 16.02 -3.23 -1.54
N ILE A 133 15.62 -4.51 -1.63
CA ILE A 133 15.32 -5.33 -0.48
C ILE A 133 16.08 -6.66 -0.61
N ASN A 134 16.75 -7.06 0.47
CA ASN A 134 17.56 -8.26 0.48
C ASN A 134 16.71 -9.51 0.66
N SER A 135 17.24 -10.67 0.24
CA SER A 135 16.61 -11.96 0.50
C SER A 135 16.56 -12.24 1.99
N GLY A 136 15.57 -13.03 2.41
CA GLY A 136 15.28 -13.27 3.81
C GLY A 136 13.78 -13.21 4.07
N SER A 137 13.41 -12.81 5.30
CA SER A 137 12.00 -12.66 5.63
C SER A 137 11.79 -11.51 6.61
N TYR A 138 10.61 -10.87 6.49
CA TYR A 138 10.33 -9.60 7.13
C TYR A 138 8.97 -9.63 7.82
N ILE A 139 8.92 -9.01 9.00
CA ILE A 139 7.68 -8.67 9.68
C ILE A 139 6.97 -7.60 8.86
N VAL A 140 5.64 -7.70 8.70
CA VAL A 140 4.87 -6.60 8.13
C VAL A 140 3.72 -6.22 9.05
N SER A 141 3.55 -4.90 9.26
CA SER A 141 2.73 -4.33 10.31
C SER A 141 1.96 -3.13 9.79
N LEU A 142 0.73 -2.93 10.28
CA LEU A 142 -0.11 -1.82 9.84
C LEU A 142 -0.45 -0.92 11.03
N LEU A 143 -0.32 0.41 10.83
CA LEU A 143 -0.76 1.40 11.80
C LEU A 143 -1.89 2.24 11.22
N ILE A 144 -3.00 2.38 11.96
CA ILE A 144 -4.10 3.25 11.57
C ILE A 144 -4.35 4.28 12.66
N VAL A 145 -4.52 5.54 12.25
CA VAL A 145 -4.90 6.64 13.11
C VAL A 145 -6.30 7.07 12.69
N PRO A 146 -7.38 6.73 13.44
CA PRO A 146 -8.73 7.18 13.10
C PRO A 146 -8.92 8.69 13.25
N TYR A 147 -9.98 9.21 12.62
CA TYR A 147 -10.56 10.48 13.03
C TYR A 147 -11.54 10.23 14.17
N GLN A 148 -11.16 10.64 15.39
CA GLN A 148 -12.03 10.48 16.56
C GLN A 148 -13.36 11.22 16.38
N GLY A 149 -14.43 10.66 16.95
CA GLY A 149 -15.75 11.26 16.81
C GLY A 149 -16.51 10.78 15.58
N THR A 150 -15.80 10.22 14.57
CA THR A 150 -16.43 9.78 13.34
C THR A 150 -16.90 8.33 13.41
N LEU A 151 -16.26 7.52 14.26
CA LEU A 151 -16.56 6.10 14.38
C LEU A 151 -17.93 5.91 15.04
N PRO A 152 -18.86 5.10 14.45
CA PRO A 152 -20.20 4.95 15.03
C PRO A 152 -20.17 4.18 16.35
N LYS A 153 -21.15 4.47 17.21
CA LYS A 153 -21.29 3.81 18.51
C LYS A 153 -21.59 2.32 18.33
N THR A 154 -22.40 1.99 17.30
CA THR A 154 -22.72 0.61 16.94
C THR A 154 -21.62 0.05 16.05
N PRO A 155 -21.00 -1.12 16.39
CA PRO A 155 -20.00 -1.76 15.53
C PRO A 155 -20.46 -2.06 14.10
N SER A 156 -19.48 -2.14 13.18
CA SER A 156 -19.74 -2.45 11.77
C SER A 156 -18.55 -3.15 11.13
N ASN A 157 -18.81 -3.87 10.02
CA ASN A 157 -17.81 -4.73 9.38
C ASN A 157 -17.22 -4.10 8.11
N ASP A 158 -17.75 -2.96 7.67
CA ASP A 158 -17.50 -2.43 6.33
C ASP A 158 -17.39 -0.90 6.30
N LEU A 159 -16.70 -0.36 7.31
CA LEU A 159 -16.54 1.08 7.50
C LEU A 159 -15.72 1.68 6.35
N ALA A 160 -14.63 0.99 5.97
CA ALA A 160 -13.72 1.44 4.92
C ALA A 160 -12.96 0.26 4.30
N THR A 161 -12.37 0.49 3.12
CA THR A 161 -11.53 -0.49 2.45
C THR A 161 -10.29 0.19 1.87
N ILE A 162 -9.12 -0.42 2.07
CA ILE A 162 -7.86 0.04 1.50
C ILE A 162 -7.31 -1.09 0.63
N THR A 163 -7.06 -0.78 -0.65
CA THR A 163 -6.42 -1.70 -1.57
C THR A 163 -5.04 -1.16 -1.90
N VAL A 164 -4.01 -2.00 -1.77
CA VAL A 164 -2.63 -1.58 -1.96
C VAL A 164 -1.92 -2.57 -2.88
N ASN A 165 -1.14 -2.06 -3.84
CA ASN A 165 -0.32 -2.89 -4.70
C ASN A 165 1.16 -2.58 -4.49
N PHE A 166 1.94 -3.61 -4.12
CA PHE A 166 3.38 -3.50 -4.10
C PHE A 166 3.94 -4.05 -5.41
N GLY A 167 4.77 -3.25 -6.08
CA GLY A 167 5.55 -3.73 -7.21
C GLY A 167 6.90 -4.26 -6.74
N PHE A 168 7.28 -5.43 -7.25
CA PHE A 168 8.61 -5.98 -7.00
C PHE A 168 9.23 -6.35 -8.34
N SER A 169 10.53 -6.06 -8.51
CA SER A 169 11.25 -6.44 -9.71
C SER A 169 12.53 -7.19 -9.34
N PRO A 170 12.78 -8.39 -9.91
CA PRO A 170 13.95 -9.19 -9.56
C PRO A 170 15.23 -8.83 -10.31
N MET A 171 15.30 -7.61 -10.86
CA MET A 171 16.45 -7.16 -11.63
C MET A 171 17.61 -6.75 -10.73
N THR A 172 18.83 -6.78 -11.29
CA THR A 172 20.05 -6.36 -10.59
C THR A 172 20.14 -4.85 -10.45
N ALA A 173 19.67 -4.12 -11.48
CA ALA A 173 19.65 -2.66 -11.51
C ALA A 173 18.23 -2.14 -11.33
N SER A 174 18.11 -0.99 -10.65
CA SER A 174 16.83 -0.39 -10.27
C SER A 174 16.03 -0.01 -11.53
N PRO A 175 14.73 -0.39 -11.64
CA PRO A 175 13.89 0.06 -12.76
C PRO A 175 13.37 1.48 -12.50
N PRO A 176 12.68 2.11 -13.48
CA PRO A 176 11.89 3.30 -13.19
C PRO A 176 10.68 2.90 -12.34
N PRO A 177 10.01 3.85 -11.66
CA PRO A 177 8.78 3.52 -10.91
C PRO A 177 7.60 3.30 -11.86
N ILE A 178 7.49 2.07 -12.39
CA ILE A 178 6.46 1.72 -13.37
C ILE A 178 5.08 1.65 -12.70
N PRO A 179 4.06 2.44 -13.14
CA PRO A 179 2.72 2.35 -12.57
C PRO A 179 1.95 1.16 -13.15
N LEU A 180 1.14 0.51 -12.30
CA LEU A 180 0.37 -0.68 -12.68
C LEU A 180 -0.81 -0.27 -13.57
N PRO A 181 -0.91 -0.74 -14.84
CA PRO A 181 -2.05 -0.44 -15.70
C PRO A 181 -3.35 -1.10 -15.25
N SER A 182 -4.48 -0.59 -15.75
CA SER A 182 -5.73 -1.34 -15.72
C SER A 182 -5.68 -2.47 -16.74
N PRO A 183 -6.06 -3.74 -16.37
CA PRO A 183 -6.13 -4.84 -17.33
C PRO A 183 -7.12 -4.61 -18.49
N ASP B 1 -0.03 -9.47 16.84
CA ASP B 1 -0.57 -8.82 18.02
C ASP B 1 -1.32 -7.54 17.64
N VAL B 2 -2.36 -7.21 18.41
CA VAL B 2 -3.06 -5.95 18.25
C VAL B 2 -2.81 -5.10 19.49
N ILE B 3 -2.20 -3.92 19.27
CA ILE B 3 -2.00 -2.93 20.32
C ILE B 3 -2.83 -1.70 19.99
N TYR B 4 -3.61 -1.24 20.98
CA TYR B 4 -4.28 0.04 20.90
C TYR B 4 -3.54 1.02 21.80
N TYR B 5 -3.14 2.17 21.25
CA TYR B 5 -2.44 3.17 22.02
C TYR B 5 -3.31 4.40 22.31
N TYR B 6 -3.26 4.83 23.57
CA TYR B 6 -4.03 5.95 24.09
C TYR B 6 -3.05 7.03 24.54
N GLN B 7 -3.26 8.27 24.06
CA GLN B 7 -2.32 9.34 24.30
C GLN B 7 -2.83 10.30 25.37
N GLY B 8 -2.06 10.42 26.47
CA GLY B 8 -2.27 11.48 27.44
C GLY B 8 -1.30 12.63 27.17
N GLN B 9 -1.84 13.86 27.12
CA GLN B 9 -1.00 15.04 27.00
C GLN B 9 -1.22 15.96 28.19
N ILE B 10 -0.15 16.19 28.96
CA ILE B 10 -0.21 17.00 30.17
C ILE B 10 0.63 18.26 29.91
N THR B 11 -0.02 19.43 29.99
CA THR B 11 0.68 20.71 29.91
C THR B 11 0.78 21.31 31.30
N VAL B 12 1.99 21.72 31.68
CA VAL B 12 2.29 22.11 33.05
C VAL B 12 2.51 23.61 33.10
N GLY B 13 1.72 24.29 33.94
CA GLY B 13 1.89 25.70 34.24
C GLY B 13 2.31 25.90 35.70
N ASN B 14 2.38 27.18 36.10
CA ASN B 14 2.95 27.56 37.39
C ASN B 14 2.03 28.57 38.07
N VAL B 15 1.76 28.36 39.37
CA VAL B 15 0.85 29.19 40.16
C VAL B 15 1.45 29.52 41.53
N ALA B 16 1.21 30.74 42.01
CA ALA B 16 1.67 31.20 43.33
C ALA B 16 1.13 30.29 44.43
N PRO B 17 1.94 29.89 45.43
CA PRO B 17 1.55 28.83 46.37
C PRO B 17 0.40 29.23 47.29
N PRO B 18 -0.61 28.34 47.47
CA PRO B 18 -1.72 28.57 48.40
C PRO B 18 -1.27 28.78 49.85
N MET B 19 -0.19 28.10 50.25
CA MET B 19 0.47 28.36 51.52
C MET B 19 1.97 28.10 51.37
N TYR B 20 2.77 28.71 52.25
CA TYR B 20 4.22 28.52 52.21
C TYR B 20 4.81 28.79 53.59
N PHE B 21 5.96 28.18 53.86
CA PHE B 21 6.72 28.44 55.08
C PHE B 21 7.70 29.58 54.82
N ALA B 22 7.86 30.46 55.81
CA ALA B 22 8.67 31.66 55.67
C ALA B 22 9.11 32.19 57.04
N ILE B 23 10.15 33.03 57.02
CA ILE B 23 10.56 33.80 58.20
C ILE B 23 10.08 35.23 58.00
N GLN B 24 9.27 35.74 58.95
CA GLN B 24 8.67 37.06 58.88
C GLN B 24 7.92 37.25 57.56
N PRO B 25 6.90 36.42 57.23
CA PRO B 25 6.15 36.55 55.97
C PRO B 25 5.47 37.91 55.88
N ASN B 26 5.49 38.51 54.67
CA ASN B 26 4.96 39.84 54.38
C ASN B 26 5.59 40.94 55.24
N GLY B 27 6.75 40.67 55.85
CA GLY B 27 7.44 41.59 56.74
C GLY B 27 6.87 41.63 58.17
N ASN B 28 6.00 40.67 58.52
CA ASN B 28 5.37 40.62 59.84
C ASN B 28 6.38 40.14 60.88
N ALA B 29 6.93 41.08 61.67
CA ALA B 29 8.01 40.82 62.62
C ALA B 29 7.60 39.95 63.81
N LYS B 30 6.33 39.51 63.88
CA LYS B 30 5.83 38.68 64.97
C LYS B 30 5.70 37.21 64.57
N ILE B 31 5.79 36.89 63.27
CA ILE B 31 5.56 35.55 62.76
C ILE B 31 6.89 34.92 62.33
N GLY B 32 7.21 33.74 62.87
CA GLY B 32 8.47 33.06 62.59
C GLY B 32 9.72 33.79 63.08
N ASN B 33 9.71 34.36 64.29
CA ASN B 33 10.93 35.04 64.69
C ASN B 33 11.75 34.25 65.73
N ASN B 34 12.05 32.98 65.49
CA ASN B 34 12.81 32.25 66.50
C ASN B 34 13.32 31.08 65.75
N SER B 35 13.66 31.52 64.59
CA SER B 35 14.16 30.44 63.82
C SER B 35 15.55 30.05 64.30
N ASN B 36 16.28 30.93 65.00
CA ASN B 36 17.70 30.71 65.23
C ASN B 36 18.12 31.17 66.62
N VAL B 37 18.39 30.22 67.52
CA VAL B 37 19.00 30.49 68.82
C VAL B 37 20.31 29.70 68.87
N PRO B 38 21.48 30.39 68.99
CA PRO B 38 22.76 29.86 68.51
C PRO B 38 23.40 28.59 69.05
N SER B 39 22.70 27.85 69.93
CA SER B 39 23.16 26.52 70.34
C SER B 39 22.00 25.53 70.53
N TYR B 40 20.75 25.97 70.27
CA TYR B 40 19.57 25.24 70.68
C TYR B 40 18.59 24.94 69.53
N ILE B 41 18.47 25.86 68.58
CA ILE B 41 17.68 25.62 67.38
C ILE B 41 18.26 26.38 66.19
N ASN B 42 18.20 25.75 65.01
CA ASN B 42 18.48 26.39 63.75
C ASN B 42 17.50 25.84 62.71
N ALA B 43 16.50 26.67 62.37
CA ALA B 43 15.46 26.30 61.42
C ALA B 43 15.45 27.28 60.24
N GLN B 44 15.09 26.76 59.06
CA GLN B 44 15.04 27.54 57.84
C GLN B 44 13.87 27.07 56.99
N PRO B 45 13.26 27.95 56.16
CA PRO B 45 12.28 27.49 55.18
C PRO B 45 13.05 26.76 54.08
N SER B 46 12.50 25.63 53.64
CA SER B 46 13.04 24.90 52.50
C SER B 46 12.89 25.75 51.25
N SER B 47 13.66 25.45 50.19
CA SER B 47 13.76 26.32 49.01
C SER B 47 12.37 26.66 48.46
N GLY B 48 12.17 27.94 48.11
CA GLY B 48 10.91 28.45 47.59
C GLY B 48 9.74 28.45 48.58
N GLY B 49 10.00 28.18 49.87
CA GLY B 49 8.97 28.10 50.89
C GLY B 49 8.21 26.77 50.90
N SER B 50 8.78 25.74 50.26
CA SER B 50 8.18 24.44 49.96
C SER B 50 7.96 23.55 51.19
N GLY B 51 8.40 24.01 52.37
CA GLY B 51 8.51 23.19 53.57
C GLY B 51 9.52 23.82 54.52
N PHE B 52 10.05 23.04 55.48
CA PHE B 52 11.05 23.59 56.38
C PHE B 52 12.04 22.50 56.82
N THR B 53 13.23 22.96 57.23
CA THR B 53 14.27 22.10 57.80
C THR B 53 14.65 22.67 59.16
N ALA B 54 14.77 21.81 60.18
CA ALA B 54 15.14 22.26 61.51
C ALA B 54 16.14 21.33 62.18
N GLN B 55 17.19 21.91 62.77
CA GLN B 55 18.09 21.21 63.69
C GLN B 55 17.65 21.67 65.07
N VAL B 56 17.39 20.72 65.98
CA VAL B 56 16.70 21.01 67.23
C VAL B 56 17.42 20.29 68.36
N ASN B 57 17.92 21.05 69.33
CA ASN B 57 18.63 20.44 70.45
C ASN B 57 17.75 20.25 71.66
N ILE B 58 17.50 18.99 72.00
CA ILE B 58 16.80 18.69 73.24
C ILE B 58 17.79 18.58 74.39
N THR B 59 17.29 18.72 75.63
CA THR B 59 18.09 18.64 76.83
C THR B 59 17.35 17.80 77.87
N ASN B 60 17.70 17.98 79.15
CA ASN B 60 17.14 17.20 80.24
C ASN B 60 15.78 17.75 80.69
N ALA B 61 15.44 18.97 80.26
CA ALA B 61 14.15 19.58 80.59
C ALA B 61 13.02 18.60 80.24
N THR B 62 12.02 18.51 81.13
CA THR B 62 10.88 17.60 80.97
C THR B 62 9.95 18.00 79.81
N TYR B 63 9.88 19.29 79.46
CA TYR B 63 9.31 19.72 78.19
C TYR B 63 10.31 20.63 77.48
N ASN B 64 10.53 20.36 76.18
CA ASN B 64 11.41 21.17 75.35
C ASN B 64 10.53 21.85 74.32
N TYR B 65 10.48 23.20 74.32
CA TYR B 65 9.52 23.92 73.50
C TYR B 65 10.19 24.95 72.61
N TYR B 66 9.86 24.86 71.31
CA TYR B 66 10.45 25.67 70.25
C TYR B 66 9.35 26.56 69.71
N PHE B 67 9.11 27.68 70.40
CA PHE B 67 8.02 28.58 70.08
C PHE B 67 8.38 29.44 68.88
N ASN B 68 7.46 29.54 67.90
CA ASN B 68 7.55 30.47 66.77
C ASN B 68 8.81 30.24 65.92
N PHE B 69 9.25 28.98 65.77
CA PHE B 69 10.47 28.67 65.04
C PHE B 69 10.31 28.84 63.52
N MET B 70 9.06 28.85 63.03
CA MET B 70 8.72 29.05 61.63
C MET B 70 7.46 29.91 61.54
N GLY B 71 7.26 30.52 60.37
CA GLY B 71 6.00 31.18 60.05
C GLY B 71 5.31 30.45 58.91
N LEU B 72 3.99 30.24 59.05
CA LEU B 72 3.19 29.66 57.99
C LEU B 72 2.30 30.75 57.40
N ALA B 73 2.48 31.05 56.11
CA ALA B 73 1.65 32.02 55.41
C ALA B 73 0.63 31.26 54.56
N VAL B 74 -0.65 31.69 54.62
CA VAL B 74 -1.71 31.08 53.83
C VAL B 74 -2.33 32.18 52.96
N SER B 75 -2.11 32.09 51.64
CA SER B 75 -2.47 33.15 50.71
C SER B 75 -3.94 33.07 50.29
N LYS B 76 -4.52 31.86 50.32
CA LYS B 76 -5.90 31.60 49.95
C LYS B 76 -6.49 30.52 50.88
N THR B 77 -7.78 30.62 51.23
CA THR B 77 -8.41 29.67 52.15
C THR B 77 -8.41 28.26 51.56
N GLY B 78 -8.32 27.25 52.44
CA GLY B 78 -8.26 25.86 52.01
C GLY B 78 -8.30 24.90 53.20
N TYR B 79 -8.12 23.61 52.93
CA TYR B 79 -8.18 22.57 53.95
C TYR B 79 -6.79 21.95 54.15
N ILE B 80 -6.35 21.85 55.40
CA ILE B 80 -5.02 21.35 55.76
C ILE B 80 -5.15 20.10 56.64
N TYR B 81 -4.18 19.16 56.50
CA TYR B 81 -4.12 17.98 57.34
C TYR B 81 -2.70 17.43 57.43
N LEU B 82 -2.47 16.62 58.47
CA LEU B 82 -1.23 15.88 58.62
C LEU B 82 -1.32 14.61 57.77
N ALA B 83 -0.53 14.59 56.69
CA ALA B 83 -0.65 13.54 55.69
C ALA B 83 0.19 12.30 56.05
N LYS B 84 1.41 12.50 56.54
CA LYS B 84 2.35 11.43 56.81
C LYS B 84 3.38 11.88 57.84
N VAL B 85 3.80 10.95 58.72
CA VAL B 85 4.91 11.15 59.63
C VAL B 85 5.83 9.93 59.55
N ALA B 86 7.14 10.17 59.57
CA ALA B 86 8.15 9.14 59.69
C ALA B 86 9.14 9.51 60.77
N TYR B 87 9.53 8.54 61.61
CA TYR B 87 10.38 8.77 62.76
C TYR B 87 11.42 7.66 62.87
N SER B 88 12.67 8.04 63.13
CA SER B 88 13.75 7.10 63.37
C SER B 88 14.80 7.69 64.31
N TYR B 89 15.55 6.83 65.00
CA TYR B 89 16.53 7.26 65.98
C TYR B 89 17.79 6.38 65.90
N THR B 90 18.94 6.98 66.21
CA THR B 90 20.24 6.32 66.11
C THR B 90 20.68 5.69 67.43
N ALA B 91 20.12 6.18 68.54
CA ALA B 91 20.45 5.70 69.88
C ALA B 91 19.95 4.27 70.14
N THR B 92 20.47 3.65 71.21
CA THR B 92 20.07 2.33 71.68
C THR B 92 18.63 2.34 72.21
N ASN B 93 18.26 3.45 72.86
CA ASN B 93 16.93 3.64 73.45
C ASN B 93 16.21 4.79 72.73
N ASN B 94 14.89 4.63 72.61
CA ASN B 94 14.02 5.62 71.98
C ASN B 94 14.08 6.95 72.74
N PRO B 95 14.55 8.07 72.14
CA PRO B 95 14.73 9.31 72.87
C PRO B 95 13.50 10.17 73.15
N ILE B 96 12.41 10.01 72.38
CA ILE B 96 11.26 10.90 72.44
C ILE B 96 10.01 10.14 72.90
N GLN B 97 9.30 10.67 73.91
CA GLN B 97 8.03 10.12 74.35
C GLN B 97 6.89 10.71 73.51
N ASN B 98 6.81 12.05 73.49
CA ASN B 98 5.75 12.75 72.79
C ASN B 98 6.31 13.91 71.98
N ALA B 99 5.89 14.05 70.71
CA ALA B 99 6.22 15.23 69.93
C ALA B 99 4.97 15.79 69.25
N THR B 100 4.74 17.10 69.42
CA THR B 100 3.53 17.76 68.98
C THR B 100 3.88 19.07 68.28
N LEU B 101 3.20 19.32 67.16
CA LEU B 101 3.46 20.48 66.32
C LEU B 101 2.18 21.31 66.26
N TYR B 102 2.27 22.62 66.57
CA TYR B 102 1.10 23.47 66.74
C TYR B 102 1.07 24.55 65.65
N ILE B 103 -0.11 24.78 65.08
CA ILE B 103 -0.36 25.99 64.30
C ILE B 103 -1.14 26.93 65.21
N MET B 104 -0.65 28.18 65.32
CA MET B 104 -1.13 29.10 66.35
C MET B 104 -1.45 30.46 65.74
N ASN B 105 -2.51 31.08 66.27
CA ASN B 105 -2.92 32.45 65.95
C ASN B 105 -1.82 33.43 66.38
N GLN B 106 -1.81 34.65 65.83
CA GLN B 106 -0.79 35.64 66.18
C GLN B 106 -0.80 35.98 67.68
N GLN B 107 -1.97 35.85 68.33
CA GLN B 107 -2.14 36.06 69.76
C GLN B 107 -1.71 34.85 70.62
N GLY B 108 -1.16 33.81 69.99
CA GLY B 108 -0.62 32.65 70.69
C GLY B 108 -1.67 31.60 71.08
N GLN B 109 -2.91 31.74 70.57
CA GLN B 109 -3.94 30.73 70.73
C GLN B 109 -3.66 29.56 69.78
N ILE B 110 -3.94 28.32 70.22
CA ILE B 110 -3.77 27.17 69.35
C ILE B 110 -4.95 27.09 68.38
N VAL B 111 -4.64 27.02 67.07
CA VAL B 111 -5.63 26.81 66.03
C VAL B 111 -5.79 25.30 65.80
N TYR B 112 -4.68 24.61 65.51
CA TYR B 112 -4.66 23.15 65.35
C TYR B 112 -3.43 22.55 66.03
N LYS B 113 -3.62 21.37 66.64
CA LYS B 113 -2.59 20.60 67.31
C LYS B 113 -2.37 19.29 66.56
N TYR B 114 -1.12 19.04 66.13
CA TYR B 114 -0.76 17.82 65.41
C TYR B 114 0.17 16.96 66.26
N LYS B 115 -0.36 15.83 66.76
CA LYS B 115 0.47 14.88 67.49
C LYS B 115 1.26 14.06 66.48
N LEU B 116 2.59 14.26 66.43
CA LEU B 116 3.45 13.54 65.50
C LEU B 116 3.81 12.18 66.07
N ILE B 117 4.23 12.18 67.34
CA ILE B 117 4.69 11.00 68.06
C ILE B 117 3.97 10.94 69.40
N VAL B 118 3.47 9.75 69.77
CA VAL B 118 2.74 9.55 71.02
C VAL B 118 3.28 8.28 71.69
N ASN B 119 3.70 8.40 72.96
CA ASN B 119 4.29 7.30 73.72
C ASN B 119 5.41 6.58 72.96
N GLY B 120 6.16 7.32 72.12
CA GLY B 120 7.35 6.79 71.45
C GLY B 120 7.12 6.23 70.05
N VAL B 121 5.88 6.21 69.55
CA VAL B 121 5.57 5.73 68.20
C VAL B 121 4.88 6.82 67.39
N VAL B 122 5.00 6.77 66.06
CA VAL B 122 4.34 7.71 65.18
C VAL B 122 2.82 7.60 65.33
N ASN B 123 2.13 8.73 65.11
CA ASN B 123 0.68 8.75 65.09
C ASN B 123 0.19 7.71 64.09
N SER B 124 -0.63 6.76 64.53
CA SER B 124 -1.06 5.63 63.71
C SER B 124 -2.33 5.94 62.89
N THR B 125 -3.07 6.99 63.24
CA THR B 125 -4.39 7.26 62.66
C THR B 125 -4.32 8.07 61.35
N LEU B 126 -3.11 8.43 60.90
CA LEU B 126 -2.88 9.31 59.76
C LEU B 126 -3.27 8.64 58.43
N PRO B 127 -3.64 9.39 57.37
CA PRO B 127 -3.76 10.86 57.38
C PRO B 127 -4.95 11.40 58.17
N SER B 128 -4.77 12.56 58.82
CA SER B 128 -5.80 13.17 59.65
C SER B 128 -6.91 13.81 58.81
N THR B 129 -8.03 14.18 59.45
CA THR B 129 -9.14 14.86 58.80
C THR B 129 -8.70 16.22 58.27
N PRO B 130 -9.00 16.58 56.99
CA PRO B 130 -8.80 17.94 56.49
C PRO B 130 -9.70 18.94 57.19
N LEU B 131 -9.07 19.97 57.78
CA LEU B 131 -9.78 21.03 58.48
C LEU B 131 -9.52 22.36 57.79
N GLN B 132 -10.51 23.26 57.76
CA GLN B 132 -10.37 24.53 57.09
C GLN B 132 -9.37 25.43 57.82
N ILE B 133 -8.53 26.14 57.04
CA ILE B 133 -7.65 27.18 57.57
C ILE B 133 -7.84 28.44 56.73
N ASN B 134 -8.00 29.58 57.41
CA ASN B 134 -8.25 30.86 56.76
C ASN B 134 -6.95 31.47 56.25
N SER B 135 -7.08 32.37 55.25
CA SER B 135 -5.95 33.15 54.77
C SER B 135 -5.43 34.07 55.89
N GLY B 136 -4.13 34.40 55.80
CA GLY B 136 -3.42 35.13 56.86
C GLY B 136 -2.06 34.51 57.12
N SER B 137 -1.58 34.63 58.36
CA SER B 137 -0.31 34.01 58.74
C SER B 137 -0.33 33.54 60.19
N TYR B 138 0.42 32.47 60.45
CA TYR B 138 0.32 31.69 61.67
C TYR B 138 1.71 31.42 62.24
N ILE B 139 1.81 31.51 63.57
CA ILE B 139 2.94 31.02 64.34
C ILE B 139 2.94 29.49 64.24
N VAL B 140 4.11 28.87 64.06
CA VAL B 140 4.22 27.42 64.18
C VAL B 140 5.32 27.05 65.16
N SER B 141 5.00 26.09 66.05
CA SER B 141 5.77 25.80 67.26
C SER B 141 5.85 24.30 67.47
N LEU B 142 6.97 23.80 68.00
CA LEU B 142 7.17 22.39 68.24
C LEU B 142 7.42 22.12 69.73
N LEU B 143 6.74 21.11 70.28
CA LEU B 143 6.97 20.63 71.64
C LEU B 143 7.50 19.20 71.60
N ILE B 144 8.61 18.94 72.31
CA ILE B 144 9.14 17.59 72.47
C ILE B 144 9.23 17.24 73.95
N VAL B 145 8.78 16.02 74.28
CA VAL B 145 8.91 15.45 75.61
C VAL B 145 9.87 14.26 75.49
N PRO B 146 11.14 14.38 75.95
CA PRO B 146 12.07 13.26 75.91
C PRO B 146 11.69 12.13 76.86
N TYR B 147 12.27 10.95 76.64
CA TYR B 147 12.37 9.93 77.66
C TYR B 147 13.63 10.21 78.50
N GLN B 148 13.44 10.68 79.74
CA GLN B 148 14.56 10.96 80.64
C GLN B 148 15.40 9.70 80.90
N GLY B 149 16.71 9.88 81.08
CA GLY B 149 17.60 8.76 81.29
C GLY B 149 18.17 8.17 79.99
N THR B 150 17.50 8.43 78.85
CA THR B 150 17.92 7.85 77.58
C THR B 150 18.94 8.75 76.86
N LEU B 151 18.90 10.06 77.12
CA LEU B 151 19.77 11.03 76.45
C LEU B 151 21.21 10.84 76.91
N PRO B 152 22.20 10.73 75.99
CA PRO B 152 23.59 10.50 76.40
C PRO B 152 24.20 11.72 77.09
N LYS B 153 25.17 11.47 77.97
CA LYS B 153 25.86 12.53 78.70
C LYS B 153 26.67 13.41 77.74
N THR B 154 27.25 12.79 76.71
CA THR B 154 27.99 13.49 75.67
C THR B 154 27.01 13.99 74.60
N PRO B 155 27.01 15.31 74.25
CA PRO B 155 26.16 15.85 73.18
C PRO B 155 26.34 15.16 71.83
N SER B 156 25.28 15.23 71.00
CA SER B 156 25.27 14.66 69.65
C SER B 156 24.33 15.41 68.71
N ASN B 157 24.58 15.29 67.40
CA ASN B 157 23.88 16.07 66.38
C ASN B 157 22.80 15.29 65.64
N ASP B 158 22.71 13.98 65.90
CA ASP B 158 21.94 13.05 65.06
C ASP B 158 21.24 11.96 65.88
N LEU B 159 20.66 12.35 67.02
CA LEU B 159 20.00 11.46 67.94
C LEU B 159 18.75 10.84 67.31
N ALA B 160 17.97 11.67 66.61
CA ALA B 160 16.73 11.26 65.96
C ALA B 160 16.38 12.18 64.79
N THR B 161 15.46 11.72 63.93
CA THR B 161 14.94 12.52 62.83
C THR B 161 13.42 12.30 62.70
N ILE B 162 12.68 13.40 62.53
CA ILE B 162 11.25 13.37 62.29
C ILE B 162 10.98 14.03 60.94
N THR B 163 10.33 13.29 60.03
CA THR B 163 9.89 13.84 58.76
C THR B 163 8.37 13.92 58.76
N VAL B 164 7.83 15.10 58.42
CA VAL B 164 6.40 15.33 58.47
C VAL B 164 5.93 15.95 57.16
N ASN B 165 4.79 15.47 56.64
CA ASN B 165 4.18 16.05 55.44
C ASN B 165 2.81 16.61 55.78
N PHE B 166 2.61 17.91 55.52
CA PHE B 166 1.29 18.51 55.59
C PHE B 166 0.69 18.54 54.20
N GLY B 167 -0.53 18.02 54.07
CA GLY B 167 -1.30 18.19 52.85
C GLY B 167 -2.18 19.43 52.95
N PHE B 168 -2.18 20.24 51.88
CA PHE B 168 -3.08 21.38 51.78
C PHE B 168 -3.81 21.31 50.45
N SER B 169 -5.12 21.61 50.46
CA SER B 169 -5.89 21.65 49.23
C SER B 169 -6.65 22.97 49.13
N PRO B 170 -6.54 23.71 48.00
CA PRO B 170 -7.17 25.02 47.85
C PRO B 170 -8.64 24.98 47.41
N MET B 171 -9.31 23.84 47.61
CA MET B 171 -10.70 23.67 47.20
C MET B 171 -11.67 24.34 48.17
N THR B 172 -12.87 24.65 47.68
CA THR B 172 -13.94 25.25 48.48
C THR B 172 -14.58 24.24 49.43
N ALA B 173 -14.70 22.98 48.95
CA ALA B 173 -15.26 21.87 49.72
C ALA B 173 -14.17 20.91 50.17
N SER B 174 -14.35 20.33 51.36
CA SER B 174 -13.36 19.47 52.00
C SER B 174 -13.11 18.21 51.17
N PRO B 175 -11.83 17.83 50.88
CA PRO B 175 -11.55 16.57 50.20
C PRO B 175 -11.59 15.40 51.17
N PRO B 176 -11.46 14.13 50.69
CA PRO B 176 -11.16 13.02 51.60
C PRO B 176 -9.73 13.18 52.10
N PRO B 177 -9.33 12.49 53.20
CA PRO B 177 -7.93 12.52 53.65
C PRO B 177 -7.04 11.68 52.73
N ILE B 178 -6.58 12.29 51.63
CA ILE B 178 -5.78 11.59 50.63
C ILE B 178 -4.36 11.31 51.15
N PRO B 179 -3.88 10.05 51.23
CA PRO B 179 -2.52 9.76 51.66
C PRO B 179 -1.50 10.01 50.54
N LEU B 180 -0.32 10.52 50.91
CA LEU B 180 0.74 10.84 49.96
C LEU B 180 1.40 9.56 49.43
N PRO B 181 1.35 9.26 48.10
CA PRO B 181 2.03 8.08 47.55
C PRO B 181 3.56 8.19 47.58
N SER B 182 4.22 7.04 47.45
CA SER B 182 5.63 7.02 47.09
C SER B 182 5.79 7.40 45.61
N PRO B 183 6.72 8.33 45.24
CA PRO B 183 6.99 8.66 43.84
C PRO B 183 7.48 7.47 42.99
N ASP C 1 2.78 -40.98 -106.14
CA ASP C 1 2.26 -40.96 -104.74
C ASP C 1 0.76 -40.74 -104.77
N VAL C 2 0.06 -41.29 -103.78
CA VAL C 2 -1.36 -41.07 -103.59
C VAL C 2 -1.56 -40.27 -102.31
N ILE C 3 -2.15 -39.08 -102.44
CA ILE C 3 -2.53 -38.25 -101.31
C ILE C 3 -4.05 -38.14 -101.27
N TYR C 4 -4.62 -38.41 -100.09
CA TYR C 4 -6.02 -38.14 -99.83
C TYR C 4 -6.10 -36.89 -98.94
N TYR C 5 -6.88 -35.90 -99.36
CA TYR C 5 -7.02 -34.67 -98.59
C TYR C 5 -8.41 -34.58 -97.95
N TYR C 6 -8.41 -34.21 -96.66
CA TYR C 6 -9.60 -34.08 -95.84
C TYR C 6 -9.73 -32.63 -95.40
N GLN C 7 -10.92 -32.03 -95.63
CA GLN C 7 -11.10 -30.61 -95.40
C GLN C 7 -11.88 -30.36 -94.11
N GLY C 8 -11.25 -29.63 -93.18
CA GLY C 8 -11.94 -29.08 -92.02
C GLY C 8 -12.30 -27.62 -92.30
N GLN C 9 -13.56 -27.27 -92.03
CA GLN C 9 -14.00 -25.88 -92.14
C GLN C 9 -14.54 -25.41 -90.80
N ILE C 10 -13.89 -24.39 -90.23
CA ILE C 10 -14.24 -23.85 -88.92
C ILE C 10 -14.77 -22.43 -89.13
N THR C 11 -16.02 -22.19 -88.74
CA THR C 11 -16.59 -20.85 -88.75
C THR C 11 -16.64 -20.32 -87.32
N VAL C 12 -16.14 -19.10 -87.14
CA VAL C 12 -15.92 -18.55 -85.81
C VAL C 12 -16.93 -17.43 -85.56
N GLY C 13 -17.70 -17.59 -84.48
CA GLY C 13 -18.61 -16.56 -84.00
C GLY C 13 -18.15 -16.01 -82.64
N ASN C 14 -18.97 -15.12 -82.07
CA ASN C 14 -18.60 -14.38 -80.88
C ASN C 14 -19.75 -14.42 -79.87
N VAL C 15 -19.44 -14.69 -78.60
CA VAL C 15 -20.42 -14.86 -77.52
C VAL C 15 -19.97 -14.12 -76.25
N ALA C 16 -20.93 -13.52 -75.54
CA ALA C 16 -20.67 -12.82 -74.28
C ALA C 16 -20.02 -13.75 -73.27
N PRO C 17 -18.98 -13.31 -72.52
CA PRO C 17 -18.18 -14.23 -71.69
C PRO C 17 -18.95 -14.83 -70.51
N PRO C 18 -18.83 -16.16 -70.29
CA PRO C 18 -19.43 -16.82 -69.13
C PRO C 18 -18.96 -16.27 -67.78
N MET C 19 -17.70 -15.82 -67.72
CA MET C 19 -17.18 -15.09 -66.58
C MET C 19 -16.13 -14.09 -67.07
N TYR C 20 -15.90 -13.03 -66.27
CA TYR C 20 -14.90 -12.03 -66.62
C TYR C 20 -14.41 -11.34 -65.36
N PHE C 21 -13.18 -10.80 -65.42
CA PHE C 21 -12.63 -9.98 -64.36
C PHE C 21 -12.97 -8.52 -64.62
N ALA C 22 -13.31 -7.80 -63.54
CA ALA C 22 -13.76 -6.41 -63.64
C ALA C 22 -13.56 -5.67 -62.32
N ILE C 23 -13.59 -4.33 -62.40
CA ILE C 23 -13.64 -3.48 -61.23
C ILE C 23 -15.06 -2.97 -61.09
N GLN C 24 -15.69 -3.22 -59.94
CA GLN C 24 -17.09 -2.87 -59.66
C GLN C 24 -18.01 -3.39 -60.77
N PRO C 25 -18.07 -4.73 -61.02
CA PRO C 25 -18.93 -5.30 -62.07
C PRO C 25 -20.40 -4.98 -61.80
N ASN C 26 -21.14 -4.65 -62.87
CA ASN C 26 -22.54 -4.26 -62.84
C ASN C 26 -22.79 -3.02 -61.94
N GLY C 27 -21.74 -2.26 -61.64
CA GLY C 27 -21.81 -1.09 -60.76
C GLY C 27 -21.81 -1.43 -59.26
N ASN C 28 -21.52 -2.69 -58.90
CA ASN C 28 -21.53 -3.14 -57.52
C ASN C 28 -20.30 -2.60 -56.78
N ALA C 29 -20.50 -1.55 -55.97
CA ALA C 29 -19.41 -0.82 -55.31
C ALA C 29 -18.70 -1.62 -54.22
N LYS C 30 -19.11 -2.87 -53.97
CA LYS C 30 -18.49 -3.73 -52.96
C LYS C 30 -17.56 -4.78 -53.56
N ILE C 31 -17.59 -4.97 -54.88
CA ILE C 31 -16.82 -6.02 -55.55
C ILE C 31 -15.66 -5.39 -56.33
N GLY C 32 -14.43 -5.87 -56.06
CA GLY C 32 -13.23 -5.33 -56.68
C GLY C 32 -12.92 -3.87 -56.34
N ASN C 33 -13.06 -3.46 -55.07
CA ASN C 33 -12.75 -2.07 -54.82
C ASN C 33 -11.40 -1.86 -54.12
N ASN C 34 -10.30 -2.44 -54.61
CA ASN C 34 -9.06 -2.24 -53.89
C ASN C 34 -8.03 -2.63 -54.89
N SER C 35 -8.45 -2.15 -56.02
CA SER C 35 -7.52 -2.48 -57.04
C SER C 35 -6.28 -1.62 -56.90
N ASN C 36 -6.34 -0.47 -56.23
CA ASN C 36 -5.26 0.51 -56.32
C ASN C 36 -5.02 1.19 -54.97
N VAL C 37 -3.90 0.86 -54.31
CA VAL C 37 -3.42 1.56 -53.13
C VAL C 37 -2.03 2.09 -53.47
N PRO C 38 -1.83 3.43 -53.46
CA PRO C 38 -0.80 4.08 -54.28
C PRO C 38 0.71 3.80 -54.11
N SER C 39 1.08 2.85 -53.25
CA SER C 39 2.47 2.40 -53.17
C SER C 39 2.58 0.89 -52.90
N TYR C 40 1.44 0.18 -52.84
CA TYR C 40 1.39 -1.19 -52.30
C TYR C 40 0.75 -2.18 -53.27
N ILE C 41 -0.28 -1.76 -54.02
CA ILE C 41 -0.87 -2.59 -55.06
C ILE C 41 -1.39 -1.72 -56.21
N ASN C 42 -1.23 -2.23 -57.43
CA ASN C 42 -1.87 -1.68 -58.61
C ASN C 42 -2.30 -2.84 -59.50
N ALA C 43 -3.60 -3.12 -59.50
CA ALA C 43 -4.20 -4.19 -60.28
C ALA C 43 -5.23 -3.65 -61.25
N GLN C 44 -5.35 -4.32 -62.41
CA GLN C 44 -6.28 -3.94 -63.45
C GLN C 44 -6.84 -5.19 -64.13
N PRO C 45 -8.07 -5.16 -64.66
CA PRO C 45 -8.54 -6.26 -65.49
C PRO C 45 -7.81 -6.17 -66.82
N SER C 46 -7.38 -7.34 -67.32
CA SER C 46 -6.79 -7.44 -68.65
C SER C 46 -7.84 -7.09 -69.70
N SER C 47 -7.40 -6.72 -70.92
CA SER C 47 -8.30 -6.17 -71.94
C SER C 47 -9.53 -7.06 -72.15
N GLY C 48 -10.71 -6.44 -72.24
CA GLY C 48 -11.99 -7.12 -72.41
C GLY C 48 -12.44 -7.97 -71.23
N GLY C 49 -11.76 -7.87 -70.07
CA GLY C 49 -12.05 -8.67 -68.89
C GLY C 49 -11.49 -10.10 -68.96
N SER C 50 -10.52 -10.33 -69.85
CA SER C 50 -9.97 -11.63 -70.23
C SER C 50 -9.12 -12.29 -69.14
N GLY C 51 -8.91 -11.60 -68.01
CA GLY C 51 -7.93 -11.97 -67.01
C GLY C 51 -7.56 -10.74 -66.18
N PHE C 52 -6.43 -10.76 -65.48
CA PHE C 52 -6.01 -9.59 -64.73
C PHE C 52 -4.48 -9.48 -64.66
N THR C 53 -4.01 -8.25 -64.42
CA THR C 53 -2.60 -7.95 -64.22
C THR C 53 -2.47 -7.23 -62.88
N ALA C 54 -1.50 -7.63 -62.06
CA ALA C 54 -1.28 -6.98 -60.77
C ALA C 54 0.20 -6.76 -60.48
N GLN C 55 0.53 -5.54 -60.01
CA GLN C 55 1.82 -5.24 -59.42
C GLN C 55 1.56 -5.22 -57.92
N VAL C 56 2.35 -5.97 -57.14
CA VAL C 56 2.02 -6.26 -55.75
C VAL C 56 3.29 -6.10 -54.93
N ASN C 57 3.25 -5.18 -53.95
CA ASN C 57 4.41 -4.94 -53.12
C ASN C 57 4.34 -5.68 -51.80
N ILE C 58 5.23 -6.65 -51.62
CA ILE C 58 5.34 -7.30 -50.32
C ILE C 58 6.31 -6.54 -49.42
N THR C 59 6.20 -6.78 -48.11
CA THR C 59 7.05 -6.13 -47.12
C THR C 59 7.49 -7.17 -46.10
N ASN C 60 7.88 -6.73 -44.90
CA ASN C 60 8.41 -7.60 -43.86
C ASN C 60 7.29 -8.28 -43.07
N ALA C 61 6.05 -7.81 -43.22
CA ALA C 61 4.90 -8.41 -42.55
C ALA C 61 4.88 -9.91 -42.82
N THR C 62 4.57 -10.70 -41.78
CA THR C 62 4.54 -12.16 -41.87
C THR C 62 3.39 -12.69 -42.74
N TYR C 63 2.28 -11.95 -42.86
CA TYR C 63 1.29 -12.20 -43.91
C TYR C 63 1.03 -10.89 -44.64
N ASN C 64 1.04 -10.96 -45.98
CA ASN C 64 0.76 -9.82 -46.84
C ASN C 64 -0.56 -10.12 -47.55
N TYR C 65 -1.60 -9.32 -47.33
CA TYR C 65 -2.94 -9.66 -47.81
C TYR C 65 -3.54 -8.54 -48.64
N TYR C 66 -3.99 -8.91 -49.85
CA TYR C 66 -4.52 -8.01 -50.86
C TYR C 66 -5.99 -8.33 -51.02
N PHE C 67 -6.81 -7.79 -50.13
CA PHE C 67 -8.23 -8.09 -50.06
C PHE C 67 -8.97 -7.33 -51.17
N ASN C 68 -9.84 -8.03 -51.91
CA ASN C 68 -10.77 -7.44 -52.87
C ASN C 68 -10.06 -6.66 -53.99
N PHE C 69 -8.87 -7.11 -54.42
CA PHE C 69 -8.08 -6.40 -55.42
C PHE C 69 -8.69 -6.49 -56.83
N MET C 70 -9.56 -7.49 -57.05
CA MET C 70 -10.27 -7.70 -58.31
C MET C 70 -11.70 -8.14 -58.01
N GLY C 71 -12.58 -7.98 -59.01
CA GLY C 71 -13.91 -8.56 -58.96
C GLY C 71 -14.06 -9.62 -60.04
N LEU C 72 -14.65 -10.76 -59.68
CA LEU C 72 -14.94 -11.81 -60.64
C LEU C 72 -16.46 -11.85 -60.86
N ALA C 73 -16.89 -11.59 -62.10
CA ALA C 73 -18.29 -11.67 -62.46
C ALA C 73 -18.55 -12.98 -63.21
N VAL C 74 -19.62 -13.70 -62.84
CA VAL C 74 -19.99 -14.95 -63.47
C VAL C 74 -21.41 -14.78 -64.02
N SER C 75 -21.53 -14.74 -65.35
CA SER C 75 -22.79 -14.41 -66.02
C SER C 75 -23.72 -15.63 -66.14
N LYS C 76 -23.13 -16.84 -66.20
CA LYS C 76 -23.86 -18.10 -66.32
C LYS C 76 -23.14 -19.17 -65.48
N THR C 77 -23.91 -20.10 -64.87
CA THR C 77 -23.33 -21.13 -64.01
C THR C 77 -22.40 -22.05 -64.81
N GLY C 78 -21.36 -22.57 -64.14
CA GLY C 78 -20.37 -23.41 -64.78
C GLY C 78 -19.37 -23.98 -63.79
N TYR C 79 -18.33 -24.67 -64.29
CA TYR C 79 -17.34 -25.30 -63.45
C TYR C 79 -15.99 -24.61 -63.65
N ILE C 80 -15.32 -24.25 -62.52
CA ILE C 80 -14.07 -23.53 -62.52
C ILE C 80 -12.97 -24.35 -61.85
N TYR C 81 -11.72 -24.20 -62.32
CA TYR C 81 -10.56 -24.85 -61.71
C TYR C 81 -9.27 -24.08 -61.99
N LEU C 82 -8.26 -24.36 -61.16
CA LEU C 82 -6.92 -23.85 -61.36
C LEU C 82 -6.22 -24.75 -62.38
N ALA C 83 -5.99 -24.22 -63.59
CA ALA C 83 -5.51 -25.02 -64.71
C ALA C 83 -3.98 -25.13 -64.72
N LYS C 84 -3.28 -24.01 -64.45
CA LYS C 84 -1.83 -23.96 -64.54
C LYS C 84 -1.31 -22.81 -63.67
N VAL C 85 -0.14 -23.03 -63.06
CA VAL C 85 0.62 -21.99 -62.36
C VAL C 85 2.06 -22.05 -62.82
N ALA C 86 2.67 -20.87 -63.01
CA ALA C 86 4.10 -20.74 -63.27
C ALA C 86 4.67 -19.66 -62.36
N TYR C 87 5.85 -19.93 -61.78
CA TYR C 87 6.47 -19.05 -60.80
C TYR C 87 7.96 -18.94 -61.08
N SER C 88 8.49 -17.71 -61.00
CA SER C 88 9.92 -17.46 -61.13
C SER C 88 10.31 -16.22 -60.33
N TYR C 89 11.59 -16.14 -59.94
CA TYR C 89 12.10 -15.05 -59.13
C TYR C 89 13.50 -14.64 -59.58
N THR C 90 13.81 -13.34 -59.41
CA THR C 90 15.06 -12.75 -59.88
C THR C 90 16.12 -12.73 -58.78
N ALA C 91 15.70 -12.81 -57.52
CA ALA C 91 16.59 -12.76 -56.36
C ALA C 91 17.45 -14.04 -56.25
N THR C 92 18.50 -13.96 -55.41
CA THR C 92 19.39 -15.09 -55.09
C THR C 92 18.64 -16.17 -54.30
N ASN C 93 17.73 -15.73 -53.41
CA ASN C 93 16.94 -16.60 -52.56
C ASN C 93 15.47 -16.49 -52.93
N ASN C 94 14.76 -17.62 -52.81
CA ASN C 94 13.33 -17.72 -53.09
C ASN C 94 12.54 -16.79 -52.16
N PRO C 95 11.81 -15.76 -52.65
CA PRO C 95 11.15 -14.80 -51.77
C PRO C 95 9.83 -15.20 -51.12
N ILE C 96 9.12 -16.19 -51.69
CA ILE C 96 7.77 -16.54 -51.25
C ILE C 96 7.71 -17.96 -50.69
N GLN C 97 7.14 -18.11 -49.49
CA GLN C 97 6.90 -19.43 -48.91
C GLN C 97 5.56 -19.98 -49.39
N ASN C 98 4.49 -19.21 -49.20
CA ASN C 98 3.14 -19.63 -49.55
C ASN C 98 2.40 -18.52 -50.26
N ALA C 99 1.72 -18.83 -51.37
CA ALA C 99 0.83 -17.86 -52.00
C ALA C 99 -0.51 -18.52 -52.32
N THR C 100 -1.60 -17.87 -51.90
CA THR C 100 -2.94 -18.42 -51.98
C THR C 100 -3.91 -17.37 -52.51
N LEU C 101 -4.78 -17.79 -53.44
CA LEU C 101 -5.72 -16.91 -54.11
C LEU C 101 -7.14 -17.39 -53.78
N TYR C 102 -8.00 -16.48 -53.30
CA TYR C 102 -9.31 -16.84 -52.77
C TYR C 102 -10.40 -16.25 -53.64
N ILE C 103 -11.44 -17.05 -53.93
CA ILE C 103 -12.70 -16.54 -54.43
C ILE C 103 -13.66 -16.49 -53.25
N MET C 104 -14.29 -15.33 -53.03
CA MET C 104 -15.02 -15.07 -51.80
C MET C 104 -16.41 -14.50 -52.10
N ASN C 105 -17.38 -14.89 -51.28
CA ASN C 105 -18.74 -14.38 -51.30
C ASN C 105 -18.72 -12.89 -50.94
N GLN C 106 -19.78 -12.14 -51.28
CA GLN C 106 -19.85 -10.71 -50.97
C GLN C 106 -19.74 -10.42 -49.47
N GLN C 107 -20.18 -11.39 -48.64
CA GLN C 107 -20.09 -11.30 -47.18
C GLN C 107 -18.70 -11.69 -46.63
N GLY C 108 -17.72 -11.94 -47.51
CA GLY C 108 -16.34 -12.21 -47.12
C GLY C 108 -16.08 -13.67 -46.72
N GLN C 109 -17.05 -14.56 -46.94
CA GLN C 109 -16.86 -16.00 -46.75
C GLN C 109 -16.04 -16.57 -47.91
N ILE C 110 -15.15 -17.53 -47.63
CA ILE C 110 -14.38 -18.17 -48.69
C ILE C 110 -15.28 -19.19 -49.41
N VAL C 111 -15.36 -19.06 -50.75
CA VAL C 111 -16.04 -20.01 -51.60
C VAL C 111 -15.05 -21.10 -52.03
N TYR C 112 -13.93 -20.69 -52.64
CA TYR C 112 -12.85 -21.59 -53.03
C TYR C 112 -11.48 -20.98 -52.71
N LYS C 113 -10.55 -21.84 -52.26
CA LYS C 113 -9.18 -21.48 -51.95
C LYS C 113 -8.24 -22.17 -52.93
N TYR C 114 -7.41 -21.38 -53.62
CA TYR C 114 -6.45 -21.91 -54.59
C TYR C 114 -5.01 -21.69 -54.08
N LYS C 115 -4.34 -22.77 -53.68
CA LYS C 115 -2.94 -22.69 -53.29
C LYS C 115 -2.10 -22.63 -54.56
N LEU C 116 -1.47 -21.48 -54.83
CA LEU C 116 -0.64 -21.31 -56.01
C LEU C 116 0.76 -21.85 -55.76
N ILE C 117 1.33 -21.47 -54.61
CA ILE C 117 2.68 -21.81 -54.19
C ILE C 117 2.62 -22.33 -52.77
N VAL C 118 3.32 -23.44 -52.50
CA VAL C 118 3.36 -24.08 -51.18
C VAL C 118 4.81 -24.41 -50.85
N ASN C 119 5.28 -23.95 -49.68
CA ASN C 119 6.67 -24.14 -49.24
C ASN C 119 7.70 -23.76 -50.31
N GLY C 120 7.37 -22.76 -51.14
CA GLY C 120 8.32 -22.20 -52.10
C GLY C 120 8.25 -22.79 -53.52
N VAL C 121 7.41 -23.80 -53.75
CA VAL C 121 7.26 -24.42 -55.07
C VAL C 121 5.81 -24.32 -55.54
N VAL C 122 5.60 -24.32 -56.87
CA VAL C 122 4.26 -24.30 -57.44
C VAL C 122 3.48 -25.54 -57.01
N ASN C 123 2.16 -25.38 -56.90
CA ASN C 123 1.26 -26.49 -56.64
C ASN C 123 1.52 -27.57 -57.68
N SER C 124 1.86 -28.79 -57.24
CA SER C 124 2.25 -29.87 -58.13
C SER C 124 1.07 -30.71 -58.63
N THR C 125 -0.10 -30.60 -57.98
CA THR C 125 -1.24 -31.48 -58.23
C THR C 125 -2.14 -31.01 -59.39
N LEU C 126 -1.80 -29.87 -59.99
CA LEU C 126 -2.61 -29.19 -61.01
C LEU C 126 -2.67 -29.98 -62.32
N PRO C 127 -3.72 -29.85 -63.16
CA PRO C 127 -4.91 -29.02 -62.88
C PRO C 127 -5.84 -29.57 -61.80
N SER C 128 -6.45 -28.67 -61.02
CA SER C 128 -7.34 -29.04 -59.92
C SER C 128 -8.70 -29.55 -60.41
N THR C 129 -9.48 -30.16 -59.51
CA THR C 129 -10.83 -30.63 -59.80
C THR C 129 -11.73 -29.46 -60.20
N PRO C 130 -12.50 -29.54 -61.33
CA PRO C 130 -13.55 -28.56 -61.63
C PRO C 130 -14.67 -28.60 -60.60
N LEU C 131 -14.94 -27.43 -60.00
CA LEU C 131 -15.99 -27.28 -59.00
C LEU C 131 -17.03 -26.27 -59.52
N GLN C 132 -18.31 -26.49 -59.21
CA GLN C 132 -19.36 -25.61 -59.68
C GLN C 132 -19.26 -24.23 -59.03
N ILE C 133 -19.50 -23.18 -59.82
CA ILE C 133 -19.65 -21.82 -59.33
C ILE C 133 -20.92 -21.21 -59.89
N ASN C 134 -21.71 -20.59 -59.02
CA ASN C 134 -23.00 -20.02 -59.39
C ASN C 134 -22.82 -18.65 -60.05
N SER C 135 -23.82 -18.24 -60.84
CA SER C 135 -23.87 -16.89 -61.40
C SER C 135 -23.97 -15.85 -60.28
N GLY C 136 -23.47 -14.64 -60.55
CA GLY C 136 -23.35 -13.58 -59.56
C GLY C 136 -21.99 -12.89 -59.67
N SER C 137 -21.49 -12.38 -58.55
CA SER C 137 -20.17 -11.76 -58.53
C SER C 137 -19.46 -12.00 -57.20
N TYR C 138 -18.13 -12.07 -57.28
CA TYR C 138 -17.29 -12.57 -56.19
C TYR C 138 -16.12 -11.63 -55.95
N ILE C 139 -15.79 -11.42 -54.68
CA ILE C 139 -14.55 -10.81 -54.25
C ILE C 139 -13.41 -11.77 -54.58
N VAL C 140 -12.28 -11.26 -55.08
CA VAL C 140 -11.08 -12.08 -55.23
C VAL C 140 -9.90 -11.41 -54.55
N SER C 141 -9.14 -12.21 -53.78
CA SER C 141 -8.16 -11.73 -52.80
C SER C 141 -6.91 -12.61 -52.86
N LEU C 142 -5.73 -12.01 -52.65
CA LEU C 142 -4.47 -12.73 -52.68
C LEU C 142 -3.75 -12.62 -51.33
N LEU C 143 -3.25 -13.76 -50.82
CA LEU C 143 -2.41 -13.80 -49.63
C LEU C 143 -1.02 -14.30 -50.00
N ILE C 144 0.02 -13.55 -49.58
CA ILE C 144 1.40 -13.97 -49.75
C ILE C 144 2.09 -14.05 -48.38
N VAL C 145 2.83 -15.15 -48.17
CA VAL C 145 3.68 -15.33 -47.00
C VAL C 145 5.12 -15.34 -47.49
N PRO C 146 5.91 -14.25 -47.28
CA PRO C 146 7.31 -14.23 -47.68
C PRO C 146 8.18 -15.19 -46.87
N TYR C 147 9.37 -15.48 -47.40
CA TYR C 147 10.46 -15.99 -46.59
C TYR C 147 11.21 -14.80 -45.98
N GLN C 148 11.04 -14.59 -44.66
CA GLN C 148 11.72 -13.49 -43.97
C GLN C 148 13.24 -13.62 -44.08
N GLY C 149 13.93 -12.47 -44.13
CA GLY C 149 15.38 -12.46 -44.28
C GLY C 149 15.85 -12.47 -45.74
N THR C 150 14.96 -12.88 -46.67
CA THR C 150 15.34 -12.98 -48.09
C THR C 150 15.10 -11.67 -48.83
N LEU C 151 14.12 -10.86 -48.37
CA LEU C 151 13.74 -9.62 -49.02
C LEU C 151 14.85 -8.58 -48.89
N PRO C 152 15.30 -7.93 -49.99
CA PRO C 152 16.41 -6.97 -49.90
C PRO C 152 16.02 -5.70 -49.15
N LYS C 153 17.01 -5.06 -48.52
CA LYS C 153 16.80 -3.82 -47.79
C LYS C 153 16.38 -2.68 -48.72
N THR C 154 16.94 -2.67 -49.94
CA THR C 154 16.58 -1.72 -50.99
C THR C 154 15.36 -2.22 -51.75
N PRO C 155 14.27 -1.41 -51.86
CA PRO C 155 13.09 -1.79 -52.65
C PRO C 155 13.38 -2.15 -54.11
N SER C 156 12.49 -2.98 -54.69
CA SER C 156 12.59 -3.42 -56.08
C SER C 156 11.21 -3.73 -56.68
N ASN C 157 11.13 -3.68 -58.03
CA ASN C 157 9.86 -3.77 -58.75
C ASN C 157 9.64 -5.16 -59.37
N ASP C 158 10.65 -6.04 -59.31
CA ASP C 158 10.69 -7.26 -60.13
C ASP C 158 11.30 -8.45 -59.38
N LEU C 159 10.93 -8.59 -58.11
CA LEU C 159 11.45 -9.61 -57.22
C LEU C 159 11.02 -11.01 -57.69
N ALA C 160 9.75 -11.13 -58.09
CA ALA C 160 9.16 -12.39 -58.54
C ALA C 160 7.95 -12.16 -59.44
N THR C 161 7.55 -13.20 -60.18
CA THR C 161 6.35 -13.16 -61.01
C THR C 161 5.59 -14.48 -60.88
N ILE C 162 4.27 -14.38 -60.71
CA ILE C 162 3.36 -15.53 -60.67
C ILE C 162 2.37 -15.39 -61.82
N THR C 163 2.32 -16.41 -62.69
CA THR C 163 1.32 -16.48 -63.76
C THR C 163 0.36 -17.61 -63.43
N VAL C 164 -0.95 -17.31 -63.47
CA VAL C 164 -1.98 -18.27 -63.09
C VAL C 164 -3.06 -18.32 -64.18
N ASN C 165 -3.49 -19.53 -64.54
CA ASN C 165 -4.59 -19.71 -65.48
C ASN C 165 -5.76 -20.40 -64.79
N PHE C 166 -6.94 -19.75 -64.79
CA PHE C 166 -8.17 -20.39 -64.38
C PHE C 166 -8.90 -20.92 -65.60
N GLY C 167 -9.26 -22.20 -65.57
CA GLY C 167 -10.15 -22.76 -66.58
C GLY C 167 -11.60 -22.67 -66.11
N PHE C 168 -12.48 -22.21 -67.00
CA PHE C 168 -13.91 -22.20 -66.75
C PHE C 168 -14.62 -22.89 -67.91
N SER C 169 -15.63 -23.71 -67.59
CA SER C 169 -16.43 -24.36 -68.62
C SER C 169 -17.93 -24.12 -68.36
N PRO C 170 -18.70 -23.63 -69.36
CA PRO C 170 -20.11 -23.32 -69.16
C PRO C 170 -21.06 -24.50 -69.31
N MET C 171 -20.55 -25.73 -69.17
CA MET C 171 -21.34 -26.93 -69.32
C MET C 171 -22.20 -27.22 -68.08
N THR C 172 -23.28 -27.99 -68.27
CA THR C 172 -24.18 -28.40 -67.19
C THR C 172 -23.55 -29.49 -66.32
N ALA C 173 -22.77 -30.39 -66.95
CA ALA C 173 -22.07 -31.48 -66.28
C ALA C 173 -20.57 -31.21 -66.22
N SER C 174 -19.95 -31.64 -65.11
CA SER C 174 -18.54 -31.38 -64.83
C SER C 174 -17.64 -32.02 -65.88
N PRO C 175 -16.66 -31.29 -66.48
CA PRO C 175 -15.70 -31.88 -67.40
C PRO C 175 -14.58 -32.60 -66.63
N PRO C 176 -13.66 -33.32 -67.32
CA PRO C 176 -12.41 -33.73 -66.70
C PRO C 176 -11.55 -32.49 -66.45
N PRO C 177 -10.52 -32.55 -65.58
CA PRO C 177 -9.60 -31.43 -65.41
C PRO C 177 -8.64 -31.31 -66.61
N ILE C 178 -9.10 -30.63 -67.67
CA ILE C 178 -8.35 -30.49 -68.91
C ILE C 178 -7.16 -29.53 -68.71
N PRO C 179 -5.89 -29.96 -68.94
CA PRO C 179 -4.75 -29.05 -68.83
C PRO C 179 -4.61 -28.17 -70.08
N LEU C 180 -4.19 -26.90 -69.87
CA LEU C 180 -4.05 -25.93 -70.95
C LEU C 180 -2.81 -26.24 -71.78
N PRO C 181 -2.94 -26.54 -73.11
CA PRO C 181 -1.76 -26.77 -73.97
C PRO C 181 -0.93 -25.52 -74.22
N SER C 182 0.32 -25.73 -74.66
CA SER C 182 1.08 -24.66 -75.29
C SER C 182 0.51 -24.36 -76.69
N PRO C 183 0.27 -23.08 -77.07
CA PRO C 183 -0.16 -22.74 -78.43
C PRO C 183 0.82 -23.14 -79.54
N ASP D 1 -15.90 -31.02 -74.92
CA ASP D 1 -16.02 -30.02 -73.83
C ASP D 1 -15.43 -28.69 -74.28
N VAL D 2 -16.00 -27.60 -73.75
CA VAL D 2 -15.49 -26.26 -74.02
C VAL D 2 -14.94 -25.69 -72.72
N ILE D 3 -13.64 -25.36 -72.73
CA ILE D 3 -12.99 -24.70 -71.61
C ILE D 3 -12.54 -23.31 -72.07
N TYR D 4 -12.90 -22.29 -71.29
CA TYR D 4 -12.36 -20.96 -71.46
C TYR D 4 -11.33 -20.71 -70.36
N TYR D 5 -10.12 -20.30 -70.74
CA TYR D 5 -9.07 -20.04 -69.77
C TYR D 5 -8.79 -18.54 -69.65
N TYR D 6 -8.68 -18.09 -68.40
CA TYR D 6 -8.45 -16.70 -68.04
C TYR D 6 -7.12 -16.60 -67.31
N GLN D 7 -6.24 -15.69 -67.76
CA GLN D 7 -4.89 -15.63 -67.24
C GLN D 7 -4.72 -14.45 -66.28
N GLY D 8 -4.36 -14.75 -65.04
CA GLY D 8 -3.90 -13.75 -64.09
C GLY D 8 -2.38 -13.71 -64.07
N GLN D 9 -1.80 -12.51 -64.18
CA GLN D 9 -0.36 -12.35 -64.05
C GLN D 9 -0.05 -11.39 -62.90
N ILE D 10 0.65 -11.91 -61.89
CA ILE D 10 1.00 -11.14 -60.70
C ILE D 10 2.51 -10.94 -60.69
N THR D 11 2.95 -9.68 -60.72
CA THR D 11 4.37 -9.36 -60.57
C THR D 11 4.60 -8.81 -59.17
N VAL D 12 5.61 -9.37 -58.50
CA VAL D 12 5.84 -9.12 -57.08
C VAL D 12 7.09 -8.26 -56.91
N GLY D 13 6.90 -7.11 -56.26
CA GLY D 13 8.00 -6.25 -55.86
C GLY D 13 8.14 -6.20 -54.33
N ASN D 14 9.06 -5.35 -53.87
CA ASN D 14 9.46 -5.32 -52.46
C ASN D 14 9.48 -3.87 -51.98
N VAL D 15 8.91 -3.61 -50.78
CA VAL D 15 8.77 -2.28 -50.20
C VAL D 15 9.13 -2.30 -48.71
N ALA D 16 9.80 -1.23 -48.24
CA ALA D 16 10.16 -1.06 -46.84
C ALA D 16 8.92 -1.11 -45.94
N PRO D 17 8.95 -1.83 -44.79
CA PRO D 17 7.74 -2.11 -44.03
C PRO D 17 7.11 -0.87 -43.39
N PRO D 18 5.77 -0.70 -43.52
CA PRO D 18 5.04 0.40 -42.86
C PRO D 18 5.20 0.42 -41.35
N MET D 19 5.32 -0.75 -40.72
CA MET D 19 5.68 -0.88 -39.32
C MET D 19 6.49 -2.16 -39.12
N TYR D 20 7.29 -2.20 -38.05
CA TYR D 20 8.08 -3.38 -37.74
C TYR D 20 8.40 -3.43 -36.25
N PHE D 21 8.63 -4.63 -35.74
CA PHE D 21 9.08 -4.83 -34.37
C PHE D 21 10.61 -4.82 -34.32
N ALA D 22 11.16 -4.18 -33.28
CA ALA D 22 12.60 -4.00 -33.17
C ALA D 22 13.01 -3.75 -31.72
N ILE D 23 14.30 -3.95 -31.44
CA ILE D 23 14.91 -3.55 -30.17
C ILE D 23 15.70 -2.28 -30.42
N GLN D 24 15.37 -1.21 -29.67
CA GLN D 24 15.97 0.11 -29.82
C GLN D 24 15.89 0.58 -31.28
N PRO D 25 14.68 0.71 -31.87
CA PRO D 25 14.54 1.16 -33.27
C PRO D 25 15.14 2.56 -33.45
N ASN D 26 15.82 2.76 -34.60
CA ASN D 26 16.51 4.00 -34.95
C ASN D 26 17.57 4.41 -33.91
N GLY D 27 17.99 3.47 -33.05
CA GLY D 27 18.95 3.72 -31.98
C GLY D 27 18.34 4.36 -30.73
N ASN D 28 17.00 4.41 -30.64
CA ASN D 28 16.30 5.03 -29.52
C ASN D 28 16.39 4.13 -28.29
N ALA D 29 17.28 4.49 -27.35
CA ALA D 29 17.61 3.66 -26.18
C ALA D 29 16.47 3.55 -25.17
N LYS D 30 15.32 4.19 -25.42
CA LYS D 30 14.16 4.16 -24.52
C LYS D 30 13.07 3.21 -25.02
N ILE D 31 13.15 2.74 -26.26
CA ILE D 31 12.11 1.93 -26.87
C ILE D 31 12.59 0.47 -27.00
N GLY D 32 11.80 -0.47 -26.45
CA GLY D 32 12.16 -1.89 -26.45
C GLY D 32 13.41 -2.23 -25.65
N ASN D 33 13.59 -1.65 -24.45
CA ASN D 33 14.82 -2.02 -23.74
C ASN D 33 14.56 -3.00 -22.58
N ASN D 34 13.85 -4.11 -22.79
CA ASN D 34 13.62 -4.99 -21.65
C ASN D 34 13.21 -6.26 -22.30
N SER D 35 13.98 -6.39 -23.33
CA SER D 35 13.65 -7.60 -24.01
C SER D 35 14.16 -8.79 -23.22
N ASN D 36 15.15 -8.62 -22.32
CA ASN D 36 15.86 -9.77 -21.77
C ASN D 36 16.19 -9.55 -20.29
N VAL D 37 15.48 -10.26 -19.40
CA VAL D 37 15.81 -10.32 -17.99
C VAL D 37 16.07 -11.79 -17.65
N PRO D 38 17.30 -12.15 -17.21
CA PRO D 38 17.85 -13.50 -17.40
C PRO D 38 17.21 -14.75 -16.78
N SER D 39 16.03 -14.61 -16.12
CA SER D 39 15.27 -15.77 -15.68
C SER D 39 13.75 -15.57 -15.83
N TYR D 40 13.33 -14.41 -16.36
CA TYR D 40 11.93 -13.98 -16.28
C TYR D 40 11.32 -13.66 -17.65
N ILE D 41 12.11 -13.08 -18.58
CA ILE D 41 11.65 -12.84 -19.93
C ILE D 41 12.82 -12.94 -20.90
N ASN D 42 12.54 -13.50 -22.09
CA ASN D 42 13.44 -13.46 -23.23
C ASN D 42 12.61 -13.26 -24.48
N ALA D 43 12.65 -12.03 -25.02
CA ALA D 43 11.89 -11.66 -26.20
C ALA D 43 12.83 -11.18 -27.30
N GLN D 44 12.46 -11.44 -28.56
CA GLN D 44 13.23 -11.06 -29.73
C GLN D 44 12.29 -10.64 -30.85
N PRO D 45 12.72 -9.74 -31.75
CA PRO D 45 11.93 -9.49 -32.96
C PRO D 45 12.11 -10.70 -33.87
N SER D 46 10.99 -11.13 -34.48
CA SER D 46 11.02 -12.17 -35.50
C SER D 46 11.81 -11.69 -36.72
N SER D 47 12.29 -12.61 -37.56
CA SER D 47 13.20 -12.27 -38.65
C SER D 47 12.68 -11.11 -39.50
N GLY D 48 13.57 -10.15 -39.83
CA GLY D 48 13.24 -8.97 -40.61
C GLY D 48 12.29 -7.98 -39.93
N GLY D 49 12.01 -8.16 -38.63
CA GLY D 49 11.09 -7.32 -37.89
C GLY D 49 9.61 -7.66 -38.12
N SER D 50 9.34 -8.86 -38.66
CA SER D 50 8.05 -9.34 -39.15
C SER D 50 7.01 -9.59 -38.04
N GLY D 51 7.40 -9.42 -36.78
CA GLY D 51 6.63 -9.87 -35.63
C GLY D 51 7.57 -10.05 -34.44
N PHE D 52 7.14 -10.80 -33.42
CA PHE D 52 8.02 -11.04 -32.28
C PHE D 52 7.77 -12.42 -31.65
N THR D 53 8.79 -12.91 -30.95
CA THR D 53 8.71 -14.15 -30.19
C THR D 53 9.11 -13.85 -28.75
N ALA D 54 8.34 -14.34 -27.78
CA ALA D 54 8.67 -14.11 -26.36
C ALA D 54 8.48 -15.37 -25.53
N GLN D 55 9.48 -15.66 -24.67
CA GLN D 55 9.36 -16.64 -23.61
C GLN D 55 9.15 -15.81 -22.35
N VAL D 56 8.10 -16.12 -21.57
CA VAL D 56 7.64 -15.24 -20.51
C VAL D 56 7.34 -16.09 -19.28
N ASN D 57 8.04 -15.80 -18.18
CA ASN D 57 7.84 -16.56 -16.96
C ASN D 57 6.89 -15.86 -16.00
N ILE D 58 5.73 -16.48 -15.79
CA ILE D 58 4.83 -15.98 -14.76
C ILE D 58 5.16 -16.60 -13.40
N THR D 59 4.68 -15.95 -12.33
CA THR D 59 4.92 -16.41 -10.97
C THR D 59 3.62 -16.28 -10.18
N ASN D 60 3.73 -16.21 -8.84
CA ASN D 60 2.58 -16.17 -7.96
C ASN D 60 2.03 -14.75 -7.82
N ALA D 61 2.79 -13.75 -8.26
CA ALA D 61 2.34 -12.36 -8.23
C ALA D 61 0.96 -12.23 -8.88
N THR D 62 0.08 -11.43 -8.26
CA THR D 62 -1.28 -11.24 -8.75
C THR D 62 -1.36 -10.48 -10.08
N TYR D 63 -0.38 -9.61 -10.37
CA TYR D 63 -0.18 -9.10 -11.73
C TYR D 63 1.27 -9.32 -12.14
N ASN D 64 1.46 -9.85 -13.34
CA ASN D 64 2.78 -10.09 -13.91
C ASN D 64 2.93 -9.13 -15.09
N TYR D 65 3.90 -8.20 -15.04
CA TYR D 65 3.96 -7.14 -16.03
C TYR D 65 5.33 -7.06 -16.69
N TYR D 66 5.31 -7.09 -18.03
CA TYR D 66 6.49 -7.13 -18.87
C TYR D 66 6.55 -5.81 -19.63
N PHE D 67 7.08 -4.79 -18.96
CA PHE D 67 7.10 -3.44 -19.49
C PHE D 67 8.21 -3.31 -20.53
N ASN D 68 7.88 -2.71 -21.70
CA ASN D 68 8.85 -2.33 -22.73
C ASN D 68 9.65 -3.52 -23.27
N PHE D 69 9.03 -4.71 -23.36
CA PHE D 69 9.74 -5.91 -23.80
C PHE D 69 10.05 -5.91 -25.29
N MET D 70 9.34 -5.06 -26.06
CA MET D 70 9.54 -4.89 -27.50
C MET D 70 9.39 -3.42 -27.86
N GLY D 71 9.94 -3.03 -29.01
CA GLY D 71 9.68 -1.73 -29.59
C GLY D 71 8.90 -1.87 -30.90
N LEU D 72 7.88 -1.04 -31.08
CA LEU D 72 7.15 -1.01 -32.34
C LEU D 72 7.49 0.28 -33.07
N ALA D 73 8.08 0.15 -34.26
CA ALA D 73 8.40 1.30 -35.11
C ALA D 73 7.35 1.42 -36.21
N VAL D 74 6.83 2.63 -36.44
CA VAL D 74 5.84 2.88 -37.48
C VAL D 74 6.44 3.93 -38.42
N SER D 75 6.77 3.52 -39.65
CA SER D 75 7.50 4.35 -40.60
C SER D 75 6.57 5.30 -41.36
N LYS D 76 5.30 4.92 -41.53
CA LYS D 76 4.28 5.69 -42.23
C LYS D 76 2.93 5.53 -41.52
N THR D 77 2.11 6.59 -41.49
CA THR D 77 0.82 6.55 -40.78
C THR D 77 -0.11 5.51 -41.42
N GLY D 78 -0.97 4.90 -40.60
CA GLY D 78 -1.88 3.86 -41.05
C GLY D 78 -2.84 3.43 -39.96
N TYR D 79 -3.63 2.38 -40.23
CA TYR D 79 -4.63 1.89 -39.29
C TYR D 79 -4.23 0.49 -38.80
N ILE D 80 -4.27 0.28 -37.48
CA ILE D 80 -3.86 -0.95 -36.83
C ILE D 80 -5.04 -1.58 -36.07
N TYR D 81 -5.07 -2.92 -36.02
CA TYR D 81 -6.07 -3.64 -35.25
C TYR D 81 -5.58 -5.02 -34.84
N LEU D 82 -6.24 -5.58 -33.81
CA LEU D 82 -6.02 -6.94 -33.39
C LEU D 82 -6.84 -7.86 -34.30
N ALA D 83 -6.16 -8.62 -35.16
CA ALA D 83 -6.81 -9.39 -36.21
C ALA D 83 -7.26 -10.77 -35.72
N LYS D 84 -6.41 -11.44 -34.94
CA LYS D 84 -6.66 -12.81 -34.49
C LYS D 84 -5.86 -13.10 -33.23
N VAL D 85 -6.45 -13.89 -32.33
CA VAL D 85 -5.77 -14.44 -31.16
C VAL D 85 -6.06 -15.93 -31.07
N ALA D 86 -5.04 -16.71 -30.72
CA ALA D 86 -5.18 -18.13 -30.41
C ALA D 86 -4.47 -18.44 -29.10
N TYR D 87 -5.11 -19.25 -28.25
CA TYR D 87 -4.61 -19.54 -26.91
C TYR D 87 -4.78 -21.02 -26.62
N SER D 88 -3.73 -21.64 -26.04
CA SER D 88 -3.80 -23.02 -25.58
C SER D 88 -2.86 -23.24 -24.40
N TYR D 89 -3.16 -24.26 -23.59
CA TYR D 89 -2.39 -24.53 -22.39
C TYR D 89 -2.23 -26.05 -22.19
N THR D 90 -1.09 -26.44 -21.59
CA THR D 90 -0.73 -27.85 -21.41
C THR D 90 -1.17 -28.38 -20.05
N ALA D 91 -1.39 -27.49 -19.08
CA ALA D 91 -1.78 -27.85 -17.72
C ALA D 91 -3.21 -28.40 -17.66
N THR D 92 -3.54 -29.04 -16.52
CA THR D 92 -4.87 -29.56 -16.22
C THR D 92 -5.89 -28.44 -16.05
N ASN D 93 -5.43 -27.31 -15.47
CA ASN D 93 -6.25 -26.14 -15.20
C ASN D 93 -5.74 -24.95 -16.02
N ASN D 94 -6.68 -24.10 -16.46
CA ASN D 94 -6.38 -22.91 -17.24
C ASN D 94 -5.50 -21.96 -16.43
N PRO D 95 -4.26 -21.63 -16.86
CA PRO D 95 -3.37 -20.82 -16.04
C PRO D 95 -3.58 -19.31 -16.02
N ILE D 96 -4.24 -18.74 -17.05
CA ILE D 96 -4.35 -17.30 -17.22
C ILE D 96 -5.81 -16.84 -17.11
N GLN D 97 -6.06 -15.81 -16.28
CA GLN D 97 -7.37 -15.19 -16.19
C GLN D 97 -7.50 -14.09 -17.24
N ASN D 98 -6.56 -13.14 -17.24
CA ASN D 98 -6.60 -12.00 -18.14
C ASN D 98 -5.22 -11.76 -18.73
N ALA D 99 -5.15 -11.54 -20.06
CA ALA D 99 -3.90 -11.11 -20.68
C ALA D 99 -4.15 -9.92 -21.61
N THR D 100 -3.37 -8.86 -21.43
CA THR D 100 -3.58 -7.60 -22.13
C THR D 100 -2.25 -7.08 -22.66
N LEU D 101 -2.27 -6.59 -23.90
CA LEU D 101 -1.09 -6.12 -24.61
C LEU D 101 -1.29 -4.64 -24.93
N TYR D 102 -0.32 -3.79 -24.55
CA TYR D 102 -0.47 -2.34 -24.62
C TYR D 102 0.51 -1.76 -25.64
N ILE D 103 0.04 -0.83 -26.47
CA ILE D 103 0.92 0.04 -27.23
C ILE D 103 0.94 1.38 -26.49
N MET D 104 2.15 1.88 -26.21
CA MET D 104 2.32 2.99 -25.29
C MET D 104 3.25 4.05 -25.90
N ASN D 105 2.93 5.32 -25.61
CA ASN D 105 3.73 6.49 -25.96
C ASN D 105 5.08 6.41 -25.24
N GLN D 106 6.10 7.13 -25.71
CA GLN D 106 7.42 7.11 -25.08
C GLN D 106 7.37 7.57 -23.62
N GLN D 107 6.40 8.43 -23.27
CA GLN D 107 6.17 8.92 -21.92
C GLN D 107 5.38 7.92 -21.04
N GLY D 108 5.09 6.72 -21.56
CA GLY D 108 4.44 5.66 -20.80
C GLY D 108 2.91 5.77 -20.73
N GLN D 109 2.32 6.69 -21.52
CA GLN D 109 0.87 6.78 -21.65
C GLN D 109 0.36 5.66 -22.56
N ILE D 110 -0.81 5.10 -22.26
CA ILE D 110 -1.39 4.07 -23.12
C ILE D 110 -2.01 4.72 -24.34
N VAL D 111 -1.60 4.26 -25.53
CA VAL D 111 -2.20 4.67 -26.79
C VAL D 111 -3.37 3.76 -27.12
N TYR D 112 -3.12 2.44 -27.16
CA TYR D 112 -4.15 1.42 -27.38
C TYR D 112 -3.95 0.23 -26.44
N LYS D 113 -5.06 -0.33 -25.95
CA LYS D 113 -5.09 -1.50 -25.09
C LYS D 113 -5.76 -2.65 -25.83
N TYR D 114 -5.07 -3.80 -25.95
CA TYR D 114 -5.59 -4.98 -26.61
C TYR D 114 -5.81 -6.10 -25.62
N LYS D 115 -7.07 -6.40 -25.30
CA LYS D 115 -7.39 -7.53 -24.45
C LYS D 115 -7.28 -8.81 -25.27
N LEU D 116 -6.27 -9.65 -24.98
CA LEU D 116 -6.06 -10.90 -25.72
C LEU D 116 -6.96 -11.99 -25.13
N ILE D 117 -6.95 -12.10 -23.80
CA ILE D 117 -7.66 -13.12 -23.04
C ILE D 117 -8.42 -12.43 -21.92
N VAL D 118 -9.69 -12.80 -21.74
CA VAL D 118 -10.56 -12.24 -20.71
C VAL D 118 -11.28 -13.37 -19.99
N ASN D 119 -11.18 -13.41 -18.66
CA ASN D 119 -11.75 -14.46 -17.83
C ASN D 119 -11.42 -15.88 -18.33
N GLY D 120 -10.22 -16.05 -18.92
CA GLY D 120 -9.72 -17.36 -19.30
C GLY D 120 -9.99 -17.79 -20.75
N VAL D 121 -10.72 -16.97 -21.52
CA VAL D 121 -11.02 -17.27 -22.93
C VAL D 121 -10.50 -16.15 -23.83
N VAL D 122 -10.20 -16.49 -25.10
CA VAL D 122 -9.76 -15.50 -26.07
C VAL D 122 -10.85 -14.45 -26.30
N ASN D 123 -10.42 -13.22 -26.62
CA ASN D 123 -11.33 -12.16 -27.00
C ASN D 123 -12.21 -12.66 -28.12
N SER D 124 -13.54 -12.62 -27.94
CA SER D 124 -14.49 -13.19 -28.89
C SER D 124 -14.92 -12.19 -29.97
N THR D 125 -14.67 -10.89 -29.76
CA THR D 125 -15.21 -9.84 -30.63
C THR D 125 -14.33 -9.54 -31.85
N LEU D 126 -13.20 -10.24 -31.98
CA LEU D 126 -12.17 -10.00 -32.99
C LEU D 126 -12.65 -10.36 -34.40
N PRO D 127 -12.13 -9.74 -35.49
CA PRO D 127 -11.12 -8.67 -35.43
C PRO D 127 -11.64 -7.32 -34.93
N SER D 128 -10.79 -6.58 -34.21
CA SER D 128 -11.16 -5.29 -33.62
C SER D 128 -11.25 -4.19 -34.68
N THR D 129 -11.82 -3.04 -34.31
CA THR D 129 -11.91 -1.86 -35.17
C THR D 129 -10.51 -1.35 -35.53
N PRO D 130 -10.19 -1.08 -36.83
CA PRO D 130 -8.95 -0.39 -37.20
C PRO D 130 -8.93 1.05 -36.68
N LEU D 131 -7.88 1.37 -35.93
CA LEU D 131 -7.69 2.70 -35.36
C LEU D 131 -6.39 3.28 -35.92
N GLN D 132 -6.37 4.60 -36.14
CA GLN D 132 -5.21 5.27 -36.70
C GLN D 132 -4.03 5.25 -35.71
N ILE D 133 -2.82 4.99 -36.23
CA ILE D 133 -1.58 5.13 -35.47
C ILE D 133 -0.60 5.99 -36.26
N ASN D 134 -0.01 6.97 -35.59
CA ASN D 134 0.90 7.92 -36.23
C ASN D 134 2.30 7.31 -36.38
N SER D 135 3.07 7.86 -37.34
CA SER D 135 4.48 7.49 -37.50
C SER D 135 5.27 7.88 -36.25
N GLY D 136 6.37 7.15 -36.00
CA GLY D 136 7.14 7.29 -34.78
C GLY D 136 7.52 5.93 -34.22
N SER D 137 7.68 5.85 -32.89
CA SER D 137 7.96 4.56 -32.26
C SER D 137 7.32 4.48 -30.87
N TYR D 138 6.96 3.25 -30.49
CA TYR D 138 6.08 2.98 -29.36
C TYR D 138 6.67 1.88 -28.49
N ILE D 139 6.54 2.07 -27.18
CA ILE D 139 6.76 1.03 -26.18
C ILE D 139 5.65 -0.01 -26.34
N VAL D 140 5.98 -1.30 -26.26
CA VAL D 140 4.94 -2.34 -26.19
C VAL D 140 5.20 -3.24 -24.98
N SER D 141 4.10 -3.52 -24.24
CA SER D 141 4.15 -4.09 -22.90
C SER D 141 3.04 -5.13 -22.74
N LEU D 142 3.31 -6.20 -21.97
CA LEU D 142 2.34 -7.26 -21.76
C LEU D 142 2.01 -7.39 -20.27
N LEU D 143 0.71 -7.48 -19.94
CA LEU D 143 0.25 -7.77 -18.59
C LEU D 143 -0.47 -9.12 -18.56
N ILE D 144 -0.08 -10.00 -17.62
CA ILE D 144 -0.76 -11.26 -17.40
C ILE D 144 -1.26 -11.34 -15.96
N VAL D 145 -2.50 -11.79 -15.80
CA VAL D 145 -3.11 -12.07 -14.51
C VAL D 145 -3.34 -13.57 -14.44
N PRO D 146 -2.53 -14.35 -13.69
CA PRO D 146 -2.75 -15.78 -13.55
C PRO D 146 -4.02 -16.13 -12.78
N TYR D 147 -4.47 -17.38 -12.92
CA TYR D 147 -5.36 -17.98 -11.94
C TYR D 147 -4.51 -18.58 -10.81
N GLN D 148 -4.53 -17.94 -9.63
CA GLN D 148 -3.78 -18.43 -8.48
C GLN D 148 -4.22 -19.85 -8.08
N GLY D 149 -3.26 -20.64 -7.58
CA GLY D 149 -3.55 -22.02 -7.21
C GLY D 149 -3.39 -23.02 -8.35
N THR D 150 -3.40 -22.53 -9.61
CA THR D 150 -3.30 -23.40 -10.77
C THR D 150 -1.84 -23.66 -11.19
N LEU D 151 -0.95 -22.70 -10.88
CA LEU D 151 0.45 -22.77 -11.28
C LEU D 151 1.16 -23.87 -10.49
N PRO D 152 1.89 -24.82 -11.15
CA PRO D 152 2.54 -25.91 -10.43
C PRO D 152 3.70 -25.44 -9.55
N LYS D 153 3.96 -26.18 -8.48
CA LYS D 153 5.05 -25.86 -7.56
C LYS D 153 6.41 -26.01 -8.24
N THR D 154 6.53 -27.00 -9.14
CA THR D 154 7.72 -27.23 -9.94
C THR D 154 7.67 -26.34 -11.19
N PRO D 155 8.71 -25.51 -11.47
CA PRO D 155 8.76 -24.70 -12.68
C PRO D 155 8.64 -25.48 -13.99
N SER D 156 8.16 -24.80 -15.05
CA SER D 156 8.00 -25.38 -16.37
C SER D 156 8.14 -24.32 -17.48
N ASN D 157 8.46 -24.78 -18.70
CA ASN D 157 8.79 -23.90 -19.81
C ASN D 157 7.65 -23.75 -20.82
N ASP D 158 6.57 -24.53 -20.66
CA ASP D 158 5.56 -24.71 -21.70
C ASP D 158 4.14 -24.82 -21.13
N LEU D 159 3.84 -23.97 -20.15
CA LEU D 159 2.57 -23.95 -19.44
C LEU D 159 1.43 -23.55 -20.39
N ALA D 160 1.68 -22.54 -21.22
CA ALA D 160 0.70 -22.00 -22.17
C ALA D 160 1.38 -21.29 -23.35
N THR D 161 0.61 -21.08 -24.42
CA THR D 161 1.08 -20.31 -25.58
C THR D 161 -0.03 -19.40 -26.08
N ILE D 162 0.34 -18.14 -26.37
CA ILE D 162 -0.56 -17.15 -26.95
C ILE D 162 0.03 -16.72 -28.29
N THR D 163 -0.76 -16.87 -29.37
CA THR D 163 -0.39 -16.38 -30.68
C THR D 163 -1.32 -15.21 -31.03
N VAL D 164 -0.73 -14.09 -31.45
CA VAL D 164 -1.48 -12.88 -31.73
C VAL D 164 -1.08 -12.32 -33.09
N ASN D 165 -2.05 -11.90 -33.90
CA ASN D 165 -1.79 -11.25 -35.17
C ASN D 165 -2.33 -9.81 -35.15
N PHE D 166 -1.44 -8.84 -35.38
CA PHE D 166 -1.86 -7.46 -35.61
C PHE D 166 -1.95 -7.22 -37.10
N GLY D 167 -3.10 -6.71 -37.56
CA GLY D 167 -3.23 -6.22 -38.92
C GLY D 167 -2.90 -4.73 -38.98
N PHE D 168 -2.10 -4.34 -39.96
CA PHE D 168 -1.81 -2.95 -40.23
C PHE D 168 -2.08 -2.66 -41.71
N SER D 169 -2.70 -1.51 -42.00
CA SER D 169 -2.93 -1.10 -43.37
C SER D 169 -2.42 0.32 -43.59
N PRO D 170 -1.58 0.56 -44.63
CA PRO D 170 -0.99 1.89 -44.86
C PRO D 170 -1.88 2.86 -45.65
N MET D 171 -3.19 2.62 -45.67
CA MET D 171 -4.14 3.44 -46.40
C MET D 171 -4.45 4.74 -45.66
N THR D 172 -4.90 5.75 -46.42
CA THR D 172 -5.30 7.05 -45.88
C THR D 172 -6.65 6.98 -45.16
N ALA D 173 -7.57 6.15 -45.70
CA ALA D 173 -8.89 5.92 -45.14
C ALA D 173 -9.00 4.55 -44.50
N SER D 174 -9.76 4.48 -43.40
CA SER D 174 -9.89 3.28 -42.57
C SER D 174 -10.50 2.13 -43.38
N PRO D 175 -9.91 0.91 -43.37
CA PRO D 175 -10.52 -0.26 -44.02
C PRO D 175 -11.60 -0.87 -43.14
N PRO D 176 -12.37 -1.87 -43.62
CA PRO D 176 -13.17 -2.71 -42.74
C PRO D 176 -12.23 -3.57 -41.89
N PRO D 177 -12.69 -4.15 -40.76
CA PRO D 177 -11.86 -5.08 -39.99
C PRO D 177 -11.72 -6.43 -40.70
N ILE D 178 -10.76 -6.52 -41.63
CA ILE D 178 -10.57 -7.73 -42.44
C ILE D 178 -9.96 -8.85 -41.60
N PRO D 179 -10.60 -10.04 -41.47
CA PRO D 179 -10.02 -11.16 -40.73
C PRO D 179 -8.96 -11.89 -41.56
N LEU D 180 -7.89 -12.36 -40.90
CA LEU D 180 -6.78 -13.04 -41.57
C LEU D 180 -7.20 -14.46 -41.96
N PRO D 181 -7.21 -14.83 -43.28
CA PRO D 181 -7.53 -16.19 -43.70
C PRO D 181 -6.47 -17.22 -43.30
N SER D 182 -6.87 -18.51 -43.32
CA SER D 182 -5.89 -19.59 -43.32
C SER D 182 -5.23 -19.67 -44.70
N PRO D 183 -3.87 -19.77 -44.80
CA PRO D 183 -3.19 -19.96 -46.09
C PRO D 183 -3.58 -21.24 -46.84
N ASP E 1 11.75 -4.28 -18.55
CA ASP E 1 11.71 -4.56 -17.12
C ASP E 1 10.57 -5.52 -16.80
N VAL E 2 10.78 -6.36 -15.77
CA VAL E 2 9.73 -7.23 -15.27
C VAL E 2 9.34 -6.76 -13.88
N ILE E 3 8.06 -6.41 -13.72
CA ILE E 3 7.49 -6.06 -12.42
C ILE E 3 6.44 -7.10 -12.06
N TYR E 4 6.54 -7.65 -10.85
CA TYR E 4 5.50 -8.48 -10.28
C TYR E 4 4.77 -7.66 -9.23
N TYR E 5 3.43 -7.58 -9.34
CA TYR E 5 2.63 -6.82 -8.39
C TYR E 5 1.83 -7.75 -7.49
N TYR E 6 1.86 -7.42 -6.19
CA TYR E 6 1.20 -8.17 -5.13
C TYR E 6 0.16 -7.26 -4.49
N GLN E 7 -1.08 -7.75 -4.37
CA GLN E 7 -2.19 -6.92 -3.92
C GLN E 7 -2.56 -7.25 -2.47
N GLY E 8 -2.46 -6.24 -1.60
CA GLY E 8 -3.03 -6.30 -0.27
C GLY E 8 -4.39 -5.61 -0.25
N GLN E 9 -5.39 -6.29 0.31
CA GLN E 9 -6.70 -5.68 0.49
C GLN E 9 -7.07 -5.69 1.97
N ILE E 10 -7.23 -4.49 2.55
CA ILE E 10 -7.54 -4.32 3.96
C ILE E 10 -8.96 -3.76 4.07
N THR E 11 -9.85 -4.51 4.73
CA THR E 11 -11.19 -4.01 5.02
C THR E 11 -11.27 -3.64 6.50
N VAL E 12 -11.78 -2.43 6.76
CA VAL E 12 -11.72 -1.83 8.08
C VAL E 12 -13.12 -1.80 8.67
N GLY E 13 -13.25 -2.42 9.85
CA GLY E 13 -14.46 -2.36 10.64
C GLY E 13 -14.23 -1.61 11.95
N ASN E 14 -15.26 -1.60 12.82
CA ASN E 14 -15.27 -0.77 14.00
C ASN E 14 -15.74 -1.60 15.20
N VAL E 15 -15.03 -1.47 16.33
CA VAL E 15 -15.29 -2.24 17.55
C VAL E 15 -15.25 -1.33 18.79
N ALA E 16 -16.15 -1.60 19.76
CA ALA E 16 -16.19 -0.86 21.02
C ALA E 16 -14.86 -0.96 21.75
N PRO E 17 -14.32 0.15 22.33
CA PRO E 17 -12.95 0.17 22.83
C PRO E 17 -12.72 -0.75 24.04
N PRO E 18 -11.62 -1.54 24.05
CA PRO E 18 -11.26 -2.38 25.20
C PRO E 18 -11.03 -1.59 26.49
N MET E 19 -10.53 -0.36 26.36
CA MET E 19 -10.45 0.58 27.48
C MET E 19 -10.62 2.00 26.94
N TYR E 20 -11.04 2.91 27.81
CA TYR E 20 -11.20 4.31 27.42
C TYR E 20 -11.10 5.21 28.64
N PHE E 21 -10.71 6.46 28.41
CA PHE E 21 -10.68 7.48 29.46
C PHE E 21 -12.02 8.20 29.48
N ALA E 22 -12.51 8.49 30.70
CA ALA E 22 -13.83 9.08 30.88
C ALA E 22 -13.93 9.79 32.24
N ILE E 23 -14.93 10.67 32.35
CA ILE E 23 -15.30 11.27 33.63
C ILE E 23 -16.57 10.57 34.11
N GLN E 24 -16.51 10.00 35.32
CA GLN E 24 -17.60 9.22 35.91
C GLN E 24 -18.08 8.13 34.94
N PRO E 25 -17.21 7.18 34.52
CA PRO E 25 -17.60 6.11 33.59
C PRO E 25 -18.72 5.26 34.19
N ASN E 26 -19.69 4.87 33.34
CA ASN E 26 -20.88 4.10 33.71
C ASN E 26 -21.71 4.80 34.80
N GLY E 27 -21.52 6.11 35.00
CA GLY E 27 -22.19 6.88 36.03
C GLY E 27 -21.59 6.72 37.44
N ASN E 28 -20.41 6.11 37.55
CA ASN E 28 -19.75 5.87 38.83
C ASN E 28 -19.18 7.19 39.38
N ALA E 29 -19.87 7.78 40.35
CA ALA E 29 -19.55 9.10 40.88
C ALA E 29 -18.24 9.15 41.68
N LYS E 30 -17.53 8.02 41.82
CA LYS E 30 -16.28 7.94 42.56
C LYS E 30 -15.05 7.89 41.65
N ILE E 31 -15.26 7.69 40.34
CA ILE E 31 -14.16 7.51 39.39
C ILE E 31 -14.04 8.74 38.50
N GLY E 32 -12.85 9.35 38.45
CA GLY E 32 -12.62 10.57 37.68
C GLY E 32 -13.39 11.79 38.16
N ASN E 33 -13.47 12.03 39.48
CA ASN E 33 -14.24 13.21 39.86
C ASN E 33 -13.34 14.37 40.31
N ASN E 34 -12.33 14.77 39.53
CA ASN E 34 -11.50 15.87 40.00
C ASN E 34 -10.80 16.31 38.78
N SER E 35 -11.69 16.26 37.84
CA SER E 35 -11.09 16.67 36.61
C SER E 35 -10.88 18.17 36.62
N ASN E 36 -11.60 18.94 37.46
CA ASN E 36 -11.63 20.39 37.29
C ASN E 36 -11.65 21.11 38.65
N VAL E 37 -10.53 21.73 39.01
CA VAL E 37 -10.44 22.62 40.16
C VAL E 37 -10.02 23.99 39.65
N PRO E 38 -10.86 25.04 39.80
CA PRO E 38 -10.85 26.20 38.90
C PRO E 38 -9.65 27.13 38.75
N SER E 39 -8.50 26.81 39.38
CA SER E 39 -7.25 27.52 39.13
C SER E 39 -6.03 26.60 39.14
N TYR E 40 -6.24 25.29 39.32
CA TYR E 40 -5.16 24.35 39.64
C TYR E 40 -5.07 23.17 38.68
N ILE E 41 -6.23 22.66 38.21
CA ILE E 41 -6.24 21.62 37.19
C ILE E 41 -7.49 21.75 36.32
N ASN E 42 -7.32 21.47 35.02
CA ASN E 42 -8.41 21.31 34.09
C ASN E 42 -8.05 20.16 33.14
N ALA E 43 -8.70 19.01 33.36
CA ALA E 43 -8.47 17.81 32.57
C ALA E 43 -9.77 17.36 31.90
N GLN E 44 -9.63 16.77 30.71
CA GLN E 44 -10.77 16.28 29.93
C GLN E 44 -10.37 14.99 29.22
N PRO E 45 -11.32 14.08 28.95
CA PRO E 45 -11.03 12.94 28.08
C PRO E 45 -10.93 13.48 26.65
N SER E 46 -9.92 12.98 25.91
CA SER E 46 -9.79 13.28 24.50
C SER E 46 -10.98 12.69 23.73
N SER E 47 -11.25 13.19 22.52
CA SER E 47 -12.47 12.83 21.79
C SER E 47 -12.67 11.32 21.70
N GLY E 48 -13.91 10.87 21.93
CA GLY E 48 -14.28 9.46 21.93
C GLY E 48 -13.66 8.61 23.05
N GLY E 49 -13.03 9.24 24.04
CA GLY E 49 -12.34 8.54 25.13
C GLY E 49 -10.96 8.00 24.76
N SER E 50 -10.39 8.51 23.67
CA SER E 50 -9.17 8.03 23.00
C SER E 50 -7.89 8.26 23.80
N GLY E 51 -7.98 8.94 24.94
CA GLY E 51 -6.84 9.48 25.66
C GLY E 51 -7.31 10.62 26.57
N PHE E 52 -6.38 11.48 27.02
CA PHE E 52 -6.79 12.61 27.85
C PHE E 52 -5.87 13.81 27.62
N THR E 53 -6.40 15.00 27.94
CA THR E 53 -5.66 16.25 27.90
C THR E 53 -5.78 16.91 29.26
N ALA E 54 -4.66 17.40 29.82
CA ALA E 54 -4.69 18.05 31.13
C ALA E 54 -3.83 19.31 31.14
N GLN E 55 -4.38 20.40 31.70
CA GLN E 55 -3.63 21.58 32.06
C GLN E 55 -3.46 21.49 33.57
N VAL E 56 -2.22 21.61 34.06
CA VAL E 56 -1.89 21.25 35.43
C VAL E 56 -0.99 22.34 36.01
N ASN E 57 -1.45 22.97 37.09
CA ASN E 57 -0.67 24.04 37.70
C ASN E 57 0.12 23.55 38.89
N ILE E 58 1.45 23.57 38.75
CA ILE E 58 2.31 23.28 39.88
C ILE E 58 2.59 24.55 40.68
N THR E 59 3.01 24.37 41.93
CA THR E 59 3.33 25.48 42.83
C THR E 59 4.63 25.16 43.57
N ASN E 60 4.83 25.80 44.72
CA ASN E 60 6.06 25.66 45.50
C ASN E 60 6.01 24.43 46.40
N ALA E 61 4.83 23.81 46.55
CA ALA E 61 4.70 22.60 47.34
C ALA E 61 5.71 21.56 46.88
N THR E 62 6.32 20.85 47.83
CA THR E 62 7.35 19.84 47.55
C THR E 62 6.79 18.60 46.85
N TYR E 63 5.50 18.27 47.05
CA TYR E 63 4.80 17.32 46.20
C TYR E 63 3.49 17.96 45.73
N ASN E 64 3.23 17.85 44.42
CA ASN E 64 2.02 18.37 43.81
C ASN E 64 1.23 17.16 43.34
N TYR E 65 0.01 16.94 43.87
CA TYR E 65 -0.71 15.70 43.62
C TYR E 65 -2.11 15.97 43.09
N TYR E 66 -2.41 15.32 41.96
CA TYR E 66 -3.65 15.49 41.22
C TYR E 66 -4.41 14.17 41.31
N PHE E 67 -5.13 13.99 42.42
CA PHE E 67 -5.80 12.73 42.71
C PHE E 67 -7.10 12.65 41.90
N ASN E 68 -7.32 11.49 41.24
CA ASN E 68 -8.59 11.16 40.59
C ASN E 68 -8.96 12.15 39.47
N PHE E 69 -7.97 12.71 38.76
CA PHE E 69 -8.22 13.71 37.73
C PHE E 69 -8.88 13.12 36.47
N MET E 70 -8.77 11.80 36.29
CA MET E 70 -9.37 11.07 35.18
C MET E 70 -9.90 9.73 35.69
N GLY E 71 -10.83 9.14 34.92
CA GLY E 71 -11.25 7.77 35.15
C GLY E 71 -10.83 6.89 33.98
N LEU E 72 -10.30 5.71 34.27
CA LEU E 72 -9.96 4.74 33.25
C LEU E 72 -10.96 3.58 33.33
N ALA E 73 -11.73 3.37 32.25
CA ALA E 73 -12.67 2.26 32.18
C ALA E 73 -12.05 1.16 31.32
N VAL E 74 -12.13 -0.10 31.79
CA VAL E 74 -11.62 -1.24 31.06
C VAL E 74 -12.78 -2.21 30.83
N SER E 75 -13.21 -2.34 29.57
CA SER E 75 -14.42 -3.08 29.23
C SER E 75 -14.17 -4.58 29.11
N LYS E 76 -12.93 -4.97 28.77
CA LYS E 76 -12.51 -6.36 28.62
C LYS E 76 -11.07 -6.52 29.12
N THR E 77 -10.75 -7.67 29.73
CA THR E 77 -9.42 -7.89 30.31
C THR E 77 -8.35 -7.86 29.23
N GLY E 78 -7.14 -7.41 29.59
CA GLY E 78 -6.04 -7.28 28.64
C GLY E 78 -4.75 -6.88 29.33
N TYR E 79 -3.71 -6.60 28.54
CA TYR E 79 -2.39 -6.25 29.07
C TYR E 79 -2.07 -4.80 28.72
N ILE E 80 -1.63 -4.02 29.71
CA ILE E 80 -1.35 -2.59 29.57
C ILE E 80 0.12 -2.30 29.89
N TYR E 81 0.69 -1.31 29.20
CA TYR E 81 2.05 -0.86 29.46
C TYR E 81 2.27 0.60 29.06
N LEU E 82 3.32 1.20 29.62
CA LEU E 82 3.76 2.52 29.22
C LEU E 82 4.63 2.38 27.97
N ALA E 83 4.10 2.84 26.83
CA ALA E 83 4.73 2.60 25.54
C ALA E 83 5.79 3.65 25.20
N LYS E 84 5.50 4.92 25.49
CA LYS E 84 6.37 6.03 25.12
C LYS E 84 6.09 7.23 26.01
N VAL E 85 7.14 7.99 26.34
CA VAL E 85 7.03 9.27 27.03
C VAL E 85 7.91 10.29 26.29
N ALA E 86 7.40 11.51 26.16
CA ALA E 86 8.16 12.65 25.63
C ALA E 86 7.97 13.84 26.58
N TYR E 87 9.06 14.55 26.86
CA TYR E 87 9.06 15.65 27.81
C TYR E 87 9.87 16.81 27.26
N SER E 88 9.34 18.04 27.40
CA SER E 88 10.05 19.26 27.03
C SER E 88 9.60 20.42 27.91
N TYR E 89 10.46 21.43 28.04
CA TYR E 89 10.19 22.58 28.88
C TYR E 89 10.68 23.87 28.23
N THR E 90 9.98 24.98 28.51
CA THR E 90 10.25 26.28 27.90
C THR E 90 11.19 27.13 28.75
N ALA E 91 11.27 26.83 30.05
CA ALA E 91 12.09 27.58 30.99
C ALA E 91 13.60 27.35 30.76
N THR E 92 14.42 28.22 31.37
CA THR E 92 15.88 28.15 31.35
C THR E 92 16.37 26.91 32.11
N ASN E 93 15.69 26.59 33.20
CA ASN E 93 16.01 25.45 34.07
C ASN E 93 14.89 24.41 34.03
N ASN E 94 15.27 23.14 34.12
CA ASN E 94 14.36 22.01 34.11
C ASN E 94 13.42 22.10 35.31
N PRO E 95 12.07 22.23 35.12
CA PRO E 95 11.16 22.44 36.24
C PRO E 95 10.75 21.23 37.08
N ILE E 96 10.87 20.01 36.53
CA ILE E 96 10.35 18.80 37.17
C ILE E 96 11.48 17.84 37.52
N GLN E 97 11.51 17.36 38.78
CA GLN E 97 12.46 16.33 39.20
C GLN E 97 11.88 14.95 38.91
N ASN E 98 10.68 14.69 39.43
CA ASN E 98 10.04 13.39 39.29
C ASN E 98 8.57 13.56 38.91
N ALA E 99 8.09 12.79 37.92
CA ALA E 99 6.67 12.75 37.62
C ALA E 99 6.20 11.30 37.48
N THR E 100 5.13 10.96 38.21
CA THR E 100 4.65 9.58 38.30
C THR E 100 3.13 9.57 38.13
N LEU E 101 2.65 8.59 37.36
CA LEU E 101 1.24 8.44 37.02
C LEU E 101 0.76 7.10 37.55
N TYR E 102 -0.34 7.10 38.32
CA TYR E 102 -0.80 5.92 39.04
C TYR E 102 -2.14 5.45 38.50
N ILE E 103 -2.29 4.15 38.31
CA ILE E 103 -3.60 3.54 38.15
C ILE E 103 -3.97 2.92 39.49
N MET E 104 -5.17 3.25 39.99
CA MET E 104 -5.53 2.94 41.37
C MET E 104 -6.91 2.29 41.44
N ASN E 105 -7.06 1.34 42.37
CA ASN E 105 -8.31 0.69 42.70
C ASN E 105 -9.29 1.72 43.26
N GLN E 106 -10.61 1.43 43.25
CA GLN E 106 -11.61 2.35 43.75
C GLN E 106 -11.39 2.70 45.23
N GLN E 107 -10.78 1.78 46.00
CA GLN E 107 -10.43 1.97 47.40
C GLN E 107 -9.12 2.76 47.60
N GLY E 108 -8.51 3.27 46.51
CA GLY E 108 -7.34 4.13 46.58
C GLY E 108 -6.02 3.36 46.72
N GLN E 109 -6.04 2.03 46.56
CA GLN E 109 -4.83 1.21 46.50
C GLN E 109 -4.16 1.38 45.13
N ILE E 110 -2.83 1.39 45.09
CA ILE E 110 -2.11 1.48 43.81
C ILE E 110 -2.13 0.11 43.14
N VAL E 111 -2.60 0.07 41.89
CA VAL E 111 -2.55 -1.13 41.06
C VAL E 111 -1.23 -1.15 40.29
N TYR E 112 -0.95 -0.08 39.54
CA TYR E 112 0.31 0.10 38.81
C TYR E 112 0.83 1.53 38.95
N LYS E 113 2.15 1.66 39.06
CA LYS E 113 2.85 2.94 39.14
C LYS E 113 3.73 3.11 37.90
N TYR E 114 3.52 4.21 37.18
CA TYR E 114 4.29 4.53 35.98
C TYR E 114 5.17 5.75 36.21
N LYS E 115 6.48 5.54 36.31
CA LYS E 115 7.43 6.65 36.43
C LYS E 115 7.63 7.25 35.04
N LEU E 116 7.13 8.47 34.82
CA LEU E 116 7.26 9.15 33.53
C LEU E 116 8.62 9.82 33.42
N ILE E 117 8.98 10.56 34.49
CA ILE E 117 10.21 11.35 34.56
C ILE E 117 10.88 11.03 35.89
N VAL E 118 12.20 10.80 35.85
CA VAL E 118 13.00 10.47 37.03
C VAL E 118 14.25 11.33 37.02
N ASN E 119 14.52 12.05 38.12
CA ASN E 119 15.64 12.97 38.26
C ASN E 119 15.78 13.93 37.06
N GLY E 120 14.64 14.33 36.46
CA GLY E 120 14.61 15.35 35.42
C GLY E 120 14.67 14.84 33.98
N VAL E 121 14.81 13.51 33.77
CA VAL E 121 14.84 12.92 32.44
C VAL E 121 13.72 11.90 32.28
N VAL E 122 13.27 11.67 31.04
CA VAL E 122 12.25 10.67 30.75
C VAL E 122 12.74 9.28 31.14
N ASN E 123 11.81 8.41 31.54
CA ASN E 123 12.10 7.02 31.81
C ASN E 123 12.80 6.43 30.59
N SER E 124 14.00 5.87 30.77
CA SER E 124 14.83 5.40 29.68
C SER E 124 14.55 3.94 29.31
N THR E 125 13.88 3.18 30.19
CA THR E 125 13.72 1.74 30.04
C THR E 125 12.53 1.33 29.17
N LEU E 126 11.76 2.31 28.67
CA LEU E 126 10.51 2.11 27.95
C LEU E 126 10.74 1.48 26.57
N PRO E 127 9.76 0.74 25.99
CA PRO E 127 8.45 0.43 26.61
C PRO E 127 8.52 -0.56 27.77
N SER E 128 7.65 -0.37 28.78
CA SER E 128 7.61 -1.21 29.97
C SER E 128 7.00 -2.58 29.69
N THR E 129 7.14 -3.52 30.63
CA THR E 129 6.54 -4.84 30.54
C THR E 129 5.01 -4.75 30.51
N PRO E 130 4.31 -5.43 29.56
CA PRO E 130 2.85 -5.55 29.62
C PRO E 130 2.39 -6.35 30.83
N LEU E 131 1.52 -5.74 31.64
CA LEU E 131 0.96 -6.36 32.83
C LEU E 131 -0.55 -6.47 32.68
N GLN E 132 -1.14 -7.54 33.21
CA GLN E 132 -2.57 -7.76 33.09
C GLN E 132 -3.35 -6.72 33.90
N ILE E 133 -4.46 -6.22 33.31
CA ILE E 133 -5.42 -5.39 34.03
C ILE E 133 -6.82 -5.96 33.81
N ASN E 134 -7.57 -6.08 34.92
CA ASN E 134 -8.90 -6.66 34.88
C ASN E 134 -9.94 -5.65 34.41
N SER E 135 -11.07 -6.15 33.90
CA SER E 135 -12.21 -5.30 33.56
C SER E 135 -12.77 -4.62 34.82
N GLY E 136 -13.39 -3.46 34.62
CA GLY E 136 -13.83 -2.61 35.72
C GLY E 136 -13.49 -1.14 35.44
N SER E 137 -13.27 -0.37 36.50
CA SER E 137 -12.86 1.02 36.34
C SER E 137 -11.92 1.45 37.47
N TYR E 138 -11.02 2.39 37.12
CA TYR E 138 -9.87 2.72 37.92
C TYR E 138 -9.72 4.23 38.05
N ILE E 139 -9.36 4.67 39.26
CA ILE E 139 -8.91 6.02 39.52
C ILE E 139 -7.55 6.20 38.83
N VAL E 140 -7.32 7.35 38.19
CA VAL E 140 -5.98 7.68 37.70
C VAL E 140 -5.55 9.05 38.22
N SER E 141 -4.29 9.12 38.69
CA SER E 141 -3.77 10.20 39.51
C SER E 141 -2.34 10.53 39.09
N LEU E 142 -1.97 11.82 39.14
CA LEU E 142 -0.64 12.26 38.76
C LEU E 142 0.07 12.93 39.95
N LEU E 143 1.33 12.56 40.17
CA LEU E 143 2.20 13.21 41.16
C LEU E 143 3.36 13.89 40.45
N ILE E 144 3.60 15.17 40.76
CA ILE E 144 4.76 15.90 40.26
C ILE E 144 5.58 16.43 41.44
N VAL E 145 6.90 16.25 41.33
CA VAL E 145 7.87 16.81 42.27
C VAL E 145 8.69 17.85 41.51
N PRO E 146 8.45 19.17 41.71
CA PRO E 146 9.24 20.20 41.05
C PRO E 146 10.69 20.23 41.52
N TYR E 147 11.55 20.88 40.74
CA TYR E 147 12.82 21.40 41.24
C TYR E 147 12.58 22.78 41.85
N GLN E 148 12.63 22.87 43.19
CA GLN E 148 12.45 24.14 43.88
C GLN E 148 13.49 25.17 43.45
N GLY E 149 13.09 26.45 43.43
CA GLY E 149 13.98 27.52 43.00
C GLY E 149 13.94 27.78 41.49
N THR E 150 13.44 26.81 40.70
CA THR E 150 13.42 26.95 39.25
C THR E 150 12.12 27.60 38.76
N LEU E 151 11.03 27.45 39.53
CA LEU E 151 9.72 27.97 39.14
C LEU E 151 9.72 29.50 39.20
N PRO E 152 9.28 30.22 38.14
CA PRO E 152 9.32 31.68 38.13
C PRO E 152 8.32 32.29 39.12
N LYS E 153 8.64 33.49 39.63
CA LYS E 153 7.79 34.20 40.55
C LYS E 153 6.47 34.60 39.89
N THR E 154 6.54 34.96 38.59
CA THR E 154 5.37 35.30 37.79
C THR E 154 4.75 34.01 37.22
N PRO E 155 3.44 33.74 37.45
CA PRO E 155 2.77 32.58 36.85
C PRO E 155 2.87 32.47 35.33
N SER E 156 2.76 31.23 34.83
CA SER E 156 2.81 30.93 33.40
C SER E 156 2.00 29.68 33.04
N ASN E 157 1.58 29.58 31.77
CA ASN E 157 0.67 28.54 31.31
C ASN E 157 1.37 27.41 30.56
N ASP E 158 2.68 27.56 30.28
CA ASP E 158 3.39 26.73 29.30
C ASP E 158 4.83 26.42 29.74
N LEU E 159 5.00 26.12 31.03
CA LEU E 159 6.28 25.87 31.64
C LEU E 159 6.91 24.58 31.07
N ALA E 160 6.08 23.54 30.92
CA ALA E 160 6.51 22.24 30.42
C ALA E 160 5.33 21.45 29.81
N THR E 161 5.66 20.42 29.03
CA THR E 161 4.67 19.51 28.47
C THR E 161 5.15 18.07 28.56
N ILE E 162 4.27 17.17 28.99
CA ILE E 162 4.52 15.74 29.05
C ILE E 162 3.51 15.04 28.15
N THR E 163 4.01 14.27 27.17
CA THR E 163 3.16 13.44 26.33
C THR E 163 3.43 11.98 26.68
N VAL E 164 2.37 11.21 26.94
CA VAL E 164 2.50 9.82 27.36
C VAL E 164 1.58 8.95 26.52
N ASN E 165 2.08 7.79 26.08
CA ASN E 165 1.28 6.80 25.36
C ASN E 165 1.20 5.51 26.16
N PHE E 166 -0.04 5.08 26.49
CA PHE E 166 -0.26 3.76 27.05
C PHE E 166 -0.65 2.81 25.93
N GLY E 167 0.06 1.68 25.84
CA GLY E 167 -0.36 0.60 24.96
C GLY E 167 -1.25 -0.38 25.72
N PHE E 168 -2.36 -0.77 25.10
CA PHE E 168 -3.22 -1.81 25.64
C PHE E 168 -3.46 -2.86 24.55
N SER E 169 -3.44 -4.14 24.94
CA SER E 169 -3.74 -5.22 24.02
C SER E 169 -4.80 -6.14 24.59
N PRO E 170 -5.89 -6.44 23.85
CA PRO E 170 -6.99 -7.26 24.36
C PRO E 170 -6.79 -8.77 24.24
N MET E 171 -5.53 -9.20 24.11
CA MET E 171 -5.19 -10.61 23.94
C MET E 171 -5.25 -11.37 25.27
N THR E 172 -5.44 -12.70 25.20
CA THR E 172 -5.46 -13.57 26.36
C THR E 172 -4.06 -13.80 26.93
N ALA E 173 -3.06 -13.87 26.03
CA ALA E 173 -1.65 -14.05 26.39
C ALA E 173 -0.86 -12.77 26.19
N SER E 174 0.11 -12.54 27.07
CA SER E 174 0.91 -11.31 27.11
C SER E 174 1.70 -11.14 25.81
N PRO E 175 1.66 -9.95 25.15
CA PRO E 175 2.49 -9.68 23.98
C PRO E 175 3.91 -9.30 24.40
N PRO E 176 4.86 -9.14 23.45
CA PRO E 176 6.12 -8.48 23.75
C PRO E 176 5.84 -6.99 23.97
N PRO E 177 6.76 -6.22 24.61
CA PRO E 177 6.58 -4.77 24.75
C PRO E 177 6.82 -4.05 23.42
N ILE E 178 5.77 -3.99 22.58
CA ILE E 178 5.86 -3.41 21.24
C ILE E 178 5.98 -1.88 21.33
N PRO E 179 7.05 -1.23 20.79
CA PRO E 179 7.14 0.23 20.80
C PRO E 179 6.30 0.85 19.70
N LEU E 180 5.69 2.01 19.99
CA LEU E 180 4.82 2.71 19.06
C LEU E 180 5.64 3.39 17.95
N PRO E 181 5.47 3.02 16.65
CA PRO E 181 6.20 3.68 15.56
C PRO E 181 5.76 5.12 15.33
N SER E 182 6.60 5.89 14.62
CA SER E 182 6.16 7.13 14.02
C SER E 182 5.27 6.84 12.81
N PRO E 183 4.08 7.48 12.67
CA PRO E 183 3.22 7.32 11.48
C PRO E 183 3.88 7.72 10.14
C1 NAG F . 5.81 -14.02 17.46
C2 NAG F . 6.55 -14.59 18.64
C3 NAG F . 7.12 -13.48 19.50
C4 NAG F . 7.87 -12.44 18.65
C5 NAG F . 7.11 -12.04 17.38
C6 NAG F . 8.00 -11.24 16.44
C7 NAG F . 5.66 -16.74 19.29
C8 NAG F . 4.78 -17.48 20.23
N2 NAG F . 5.68 -15.41 19.43
O3 NAG F . 8.03 -14.06 20.43
O4 NAG F . 8.11 -11.24 19.37
O5 NAG F . 6.70 -13.22 16.69
O6 NAG F . 8.07 -9.90 16.94
O7 NAG F . 6.34 -17.32 18.45
C1 NAG F . 9.42 -11.28 19.99
C2 NAG F . 10.02 -9.89 20.10
C3 NAG F . 11.36 -9.94 20.84
C4 NAG F . 11.20 -10.67 22.18
C5 NAG F . 10.58 -12.05 21.95
C6 NAG F . 10.31 -12.79 23.24
C7 NAG F . 10.06 -8.01 18.54
C8 NAG F . 10.33 -7.60 17.12
N2 NAG F . 10.18 -9.31 18.79
O3 NAG F . 11.80 -8.59 21.09
O4 NAG F . 12.48 -10.82 22.77
O5 NAG F . 9.32 -11.89 21.28
O6 NAG F . 9.02 -13.39 23.19
O7 NAG F . 9.75 -7.19 19.40
C1 YZT F . 12.98 -8.15 20.39
C2 YZT F . 13.27 -6.71 20.79
C3 YZT F . 14.42 -6.14 19.98
C4 YZT F . 15.64 -7.05 20.05
C5 YZT F . 15.25 -8.49 19.71
C6 YZT F . 16.39 -9.48 19.86
O1S6 YZT F . 15.52 -11.08 18.02
O2 YZT F . 12.10 -5.90 20.61
O2S6 YZT F . 14.94 -11.57 20.33
O3 YZT F . 14.73 -4.83 20.44
O3S6 YZT F . 17.23 -11.91 19.56
O4 YZT F . 16.62 -6.62 19.10
O5 YZT F . 14.17 -8.94 20.54
S6 YZT F . 16.06 -11.14 19.34
C2 BGC F . 18.87 -6.53 18.71
C3 BGC F . 20.06 -5.58 18.73
C4 BGC F . 19.63 -4.13 18.66
C5 BGC F . 18.62 -3.81 19.76
C6 BGC F . 18.06 -2.39 19.63
C1 BGC F . 17.79 -6.07 19.67
O2 BGC F . 19.28 -7.85 19.05
O3 BGC F . 20.89 -5.91 17.62
O4 BGC F . 20.78 -3.29 18.82
O5 BGC F . 17.51 -4.68 19.70
O6 BGC F . 17.54 -1.94 20.89
C1 MAN F . 12.56 -10.07 23.99
C2 MAN F . 13.78 -9.15 23.90
C3 MAN F . 15.04 -10.01 23.80
C4 MAN F . 15.14 -11.07 24.90
C5 MAN F . 13.81 -11.82 25.04
C6 MAN F . 13.77 -12.73 26.26
O2 MAN F . 13.86 -8.34 25.07
O3 MAN F . 16.20 -9.16 23.81
O4 MAN F . 16.19 -11.96 24.56
O5 MAN F . 12.68 -10.94 25.11
O6 MAN F . 12.60 -13.55 26.17
C1 MAN F . 8.78 -14.18 24.36
C2 MAN F . 8.03 -15.45 23.95
C3 MAN F . 6.63 -15.09 23.45
C4 MAN F . 5.87 -14.20 24.44
C5 MAN F . 6.75 -13.01 24.86
C6 MAN F . 6.11 -12.17 25.95
O2 MAN F . 7.91 -16.35 25.05
O3 MAN F . 5.88 -16.27 23.18
O4 MAN F . 4.69 -13.71 23.79
O5 MAN F . 8.03 -13.46 25.34
O6 MAN F . 6.90 -10.98 26.09
C1 NAG G . -14.69 -6.78 13.99
C2 NAG G . -14.46 -8.24 13.69
C3 NAG G . -15.68 -8.82 13.00
C4 NAG G . -16.97 -8.49 13.74
C5 NAG G . -17.04 -7.02 14.16
C6 NAG G . -18.19 -6.74 15.11
C7 NAG G . -12.50 -9.50 12.99
C8 NAG G . -11.31 -9.49 12.10
N2 NAG G . -13.29 -8.44 12.85
O3 NAG G . -15.51 -10.24 12.95
O4 NAG G . -18.05 -8.77 12.85
O5 NAG G . -15.84 -6.62 14.81
O6 NAG G . -19.11 -5.85 14.46
O7 NAG G . -12.71 -10.42 13.77
C1 NAG G . -18.72 -9.97 13.27
C2 NAG G . -20.16 -9.89 12.80
C3 NAG G . -20.91 -11.16 13.17
C4 NAG G . -20.15 -12.42 12.75
C5 NAG G . -18.70 -12.36 13.23
C6 NAG G . -17.87 -13.53 12.75
C7 NAG G . -21.55 -7.88 12.63
C8 NAG G . -22.17 -6.74 13.39
N2 NAG G . -20.82 -8.72 13.37
O3 NAG G . -22.19 -11.14 12.53
O4 NAG G . -20.78 -13.56 13.35
O5 NAG G . -18.09 -11.16 12.76
O6 NAG G . -16.53 -13.11 12.50
O7 NAG G . -21.75 -8.03 11.44
C1 YZT G . -23.21 -10.94 13.50
C2 YZT G . -24.57 -10.98 12.81
C3 YZT G . -25.67 -10.72 13.81
C4 YZT G . -25.56 -11.61 15.04
C5 YZT G . -24.14 -11.55 15.62
C6 YZT G . -23.90 -12.50 16.78
O1S6 YZT G . -21.37 -12.84 16.38
O2 YZT G . -24.61 -10.03 11.76
O2S6 YZT G . -22.05 -11.04 17.88
O3 YZT G . -26.94 -10.89 13.18
O3S6 YZT G . -22.26 -13.38 18.58
O4 YZT G . -26.47 -11.16 16.03
O5 YZT G . -23.17 -11.85 14.60
S6 YZT G . -22.30 -12.41 17.54
C2 BGC G . -28.00 -11.56 17.61
C3 BGC G . -29.40 -12.04 17.93
C4 BGC G . -30.38 -11.65 16.81
C5 BGC G . -29.88 -12.15 15.45
C6 BGC G . -30.75 -11.69 14.30
C1 BGC G . -27.60 -11.97 16.21
O2 BGC G . -27.06 -12.10 18.52
O3 BGC G . -29.81 -11.44 19.16
O4 BGC G . -31.67 -12.21 17.10
O5 BGC G . -28.57 -11.65 15.22
O6 BGC G . -30.17 -12.11 13.07
C1 MAN G . -21.66 -14.22 12.43
C2 MAN G . -22.81 -14.80 13.24
C3 MAN G . -22.85 -16.33 13.09
C4 MAN G . -21.47 -16.95 13.35
C5 MAN G . -20.39 -16.19 12.58
C6 MAN G . -19.48 -17.11 11.80
O2 MAN G . -24.04 -14.22 12.82
O3 MAN G . -23.26 -16.66 11.76
O4 MAN G . -21.17 -16.89 14.74
O5 MAN G . -21.00 -15.25 11.70
O6 MAN G . -18.47 -16.34 11.15
C1 MAN G . -15.75 -14.23 12.01
C2 MAN G . -14.30 -14.01 12.45
C3 MAN G . -13.74 -12.79 11.72
C4 MAN G . -13.94 -12.89 10.21
C5 MAN G . -15.38 -13.24 9.86
C6 MAN G . -15.58 -13.53 8.39
O2 MAN G . -13.50 -15.15 12.14
O3 MAN G . -12.35 -12.62 12.06
O4 MAN G . -13.54 -11.65 9.60
O5 MAN G . -15.82 -14.39 10.59
O6 MAN G . -16.98 -13.73 8.14
C1 NAG H . -16.02 5.95 20.76
C2 NAG H . -17.02 6.21 21.88
C3 NAG H . -18.43 6.45 21.35
C4 NAG H . -18.49 7.52 20.26
C5 NAG H . -17.41 7.28 19.22
C6 NAG H . -17.22 8.52 18.36
C7 NAG H . -16.64 5.18 24.04
C8 NAG H . -17.01 4.05 24.95
N2 NAG H . -17.03 5.06 22.77
O3 NAG H . -19.27 6.85 22.44
O4 NAG H . -19.80 7.53 19.63
O5 NAG H . -16.12 6.99 19.79
O6 NAG H . -18.32 8.70 17.48
O7 NAG H . -16.01 6.15 24.44
C1 NAG H . -20.59 8.67 19.98
C2 NAG H . -21.58 8.96 18.87
C3 NAG H . -22.43 10.17 19.25
C4 NAG H . -23.03 10.06 20.65
C5 NAG H . -22.03 9.52 21.68
C6 NAG H . -22.71 9.04 22.97
C7 NAG H . -21.29 8.57 16.47
C8 NAG H . -20.49 8.90 15.25
N2 NAG H . -20.90 9.17 17.61
O3 NAG H . -23.51 10.30 18.31
O4 NAG H . -23.41 11.37 21.08
O5 NAG H . -21.31 8.41 21.18
O6 NAG H . -21.71 8.40 23.77
O7 NAG H . -22.23 7.80 16.40
C1 YZT H . -23.34 11.37 17.38
C2 YZT H . -24.45 11.38 16.33
C3 YZT H . -24.38 12.62 15.48
C4 YZT H . -24.28 13.87 16.33
C5 YZT H . -23.15 13.75 17.36
C6 YZT H . -23.08 14.91 18.33
O1S6 YZT H . -20.57 14.55 18.89
O2 YZT H . -24.40 10.20 15.54
O2S6 YZT H . -22.22 13.63 20.40
O3 YZT H . -25.52 12.68 14.63
O3S6 YZT H . -21.88 16.04 20.33
O4 YZT H . -24.05 15.02 15.51
O5 YZT H . -23.36 12.57 18.14
S6 YZT H . -21.79 14.84 19.55
C2 BGC H . -24.98 17.35 15.23
C3 BGC H . -26.31 18.12 15.30
C4 BGC H . -27.44 17.47 14.49
C5 BGC H . -27.50 15.96 14.76
C6 BGC H . -28.47 15.25 13.82
C1 BGC H . -25.23 15.86 15.50
O2 BGC H . -24.10 17.89 16.20
O3 BGC H . -26.12 19.47 14.86
O4 BGC H . -28.66 18.10 14.85
O5 BGC H . -26.22 15.37 14.57
O6 BGC H . -28.50 13.85 14.11
C1 MAN H . -24.83 11.58 21.20
C2 MAN H . -25.23 11.67 22.69
C3 MAN H . -26.70 11.26 22.89
C4 MAN H . -27.52 11.63 21.66
C5 MAN H . -27.04 10.84 20.43
C6 MAN H . -27.41 11.52 19.12
O2 MAN H . -25.04 13.00 23.19
O3 MAN H . -27.24 11.89 24.06
O4 MAN H . -28.90 11.37 21.91
O5 MAN H . -25.62 10.61 20.48
O6 MAN H . -27.53 10.51 18.11
C1 MAN H . -21.45 9.25 24.94
C2 MAN H . -19.98 9.52 25.40
C3 MAN H . -19.39 8.44 26.31
C4 MAN H . -20.36 7.99 27.40
C5 MAN H . -21.73 7.71 26.80
C6 MAN H . -22.77 7.34 27.84
O2 MAN H . -19.94 10.77 26.11
O3 MAN H . -18.17 8.87 26.92
O4 MAN H . -19.82 6.80 27.98
O5 MAN H . -22.23 8.86 26.08
O6 MAN H . -24.01 7.07 27.18
C1 NAG I . 4.10 8.32 -0.17
C2 NAG I . 4.59 9.58 0.51
C3 NAG I . 6.10 9.68 0.34
C4 NAG I . 6.83 8.40 0.77
C5 NAG I . 6.15 7.16 0.18
C6 NAG I . 6.65 5.89 0.84
C7 NAG I . 3.15 11.56 0.60
C8 NAG I . 2.58 12.70 -0.18
N2 NAG I . 3.96 10.75 -0.07
O3 NAG I . 6.58 10.79 1.09
O4 NAG I . 8.19 8.42 0.29
O5 NAG I . 4.75 7.19 0.38
O6 NAG I . 5.65 4.89 0.70
O7 NAG I . 2.90 11.40 1.79
C1 NAG I . 9.15 8.69 1.30
C2 NAG I . 10.39 7.80 1.17
C3 NAG I . 11.63 8.30 1.93
C4 NAG I . 11.64 9.83 2.12
C5 NAG I . 10.27 10.45 2.24
C6 NAG I . 10.33 11.97 2.24
C7 NAG I . 10.05 5.42 0.80
C8 NAG I . 9.90 4.06 1.43
N2 NAG I . 10.08 6.46 1.64
O3 NAG I . 12.85 7.85 1.26
O4 NAG I . 12.25 10.20 3.36
O5 NAG I . 9.53 10.04 1.13
O6 NAG I . 9.12 12.39 1.61
O7 NAG I . 10.14 5.55 -0.40
C1 YZT I . 13.41 6.58 1.70
C2 YZT I . 14.88 6.42 1.31
C3 YZT I . 15.44 5.09 1.77
C4 YZT I . 15.13 4.83 3.25
C5 YZT I . 13.65 5.01 3.53
C6 YZT I . 13.28 4.85 4.99
O1S6 YZT I . 10.78 4.38 4.49
O2 YZT I . 15.03 6.56 -0.10
O2S6 YZT I . 11.40 6.62 5.15
O3 YZT I . 16.85 5.05 1.55
O3S6 YZT I . 11.42 4.83 6.80
O4 YZT I . 15.49 3.49 3.59
O5 YZT I . 13.23 6.33 3.11
S6 YZT I . 11.58 5.11 5.41
C2 BGC I . 16.56 2.27 5.32
C3 BGC I . 17.93 2.00 5.95
C4 BGC I . 19.04 1.98 4.90
C5 BGC I . 19.01 3.25 4.06
C6 BGC I . 20.00 3.22 2.91
C1 BGC I . 16.65 3.47 4.40
O2 BGC I . 15.64 2.54 6.37
O3 BGC I . 17.87 0.73 6.63
O4 BGC I . 20.30 1.88 5.60
O5 BGC I . 17.72 3.37 3.47
O6 BGC I . 19.99 4.48 2.22
C1 MAN I . 13.54 10.81 3.11
C2 MAN I . 14.63 9.81 3.51
C3 MAN I . 14.67 9.65 5.03
C4 MAN I . 14.68 10.99 5.78
C5 MAN I . 13.65 11.97 5.21
C6 MAN I . 13.78 13.39 5.76
O2 MAN I . 15.89 10.32 3.06
O3 MAN I . 15.83 8.90 5.42
O4 MAN I . 14.40 10.74 7.15
O5 MAN I . 13.74 12.06 3.79
O6 MAN I . 12.56 14.05 5.48
C1 MAN I . 9.05 13.83 1.55
C2 MAN I . 7.59 14.26 1.78
C3 MAN I . 6.73 14.02 0.53
C4 MAN I . 7.38 14.57 -0.74
C5 MAN I . 8.83 14.10 -0.87
C6 MAN I . 9.57 14.74 -2.04
O2 MAN I . 7.49 15.65 2.15
O3 MAN I . 5.43 14.58 0.72
O4 MAN I . 6.62 14.10 -1.86
O5 MAN I . 9.58 14.37 0.33
O6 MAN I . 10.72 13.94 -2.36
C1 NAG J . -0.51 12.01 10.22
C2 NAG J . -0.19 12.78 11.50
C3 NAG J . 0.10 14.22 11.11
C4 NAG J . 1.17 14.33 10.01
C5 NAG J . 0.89 13.36 8.84
C6 NAG J . 2.07 13.23 7.90
C7 NAG J . -1.25 12.12 13.58
C8 NAG J . -2.50 12.19 14.41
N2 NAG J . -1.32 12.72 12.39
O3 NAG J . 0.51 14.93 12.28
O4 NAG J . 1.18 15.66 9.51
O5 NAG J . 0.62 12.05 9.34
O6 NAG J . 3.24 12.81 8.61
O7 NAG J . -0.25 11.54 13.98
C1 NAG J . 2.39 16.33 9.89
C2 NAG J . 2.45 17.69 9.18
C3 NAG J . 3.75 18.37 9.55
C4 NAG J . 3.93 18.50 11.06
C5 NAG J . 3.77 17.11 11.69
C6 NAG J . 3.82 17.16 13.21
C7 NAG J . 3.06 16.91 6.87
C8 NAG J . 2.58 16.95 5.45
N2 NAG J . 2.29 17.59 7.73
O3 NAG J . 3.88 19.63 8.90
O4 NAG J . 5.25 18.98 11.32
O5 NAG J . 2.53 16.52 11.31
O6 NAG J . 3.18 16.02 13.79
O7 NAG J . 4.09 16.32 7.19
C1 YZT J . 5.04 19.43 8.12
C2 YZT J . 5.06 20.65 7.26
C3 YZT J . 6.25 20.59 6.31
C4 YZT J . 7.56 20.29 7.04
C5 YZT J . 7.38 19.08 7.96
C6 YZT J . 8.60 18.80 8.81
O1S6 YZT J . 8.02 16.29 9.03
O2 YZT J . 3.83 20.74 6.57
O2S6 YZT J . 7.24 17.77 10.78
O3 YZT J . 6.36 21.84 5.62
O3S6 YZT J . 9.63 17.25 10.61
O4 YZT J . 8.58 20.02 6.08
O5 YZT J . 6.26 19.27 8.83
S6 YZT J . 8.43 17.38 9.86
C2 BGC J . 10.83 20.40 5.59
C3 BGC J . 11.84 21.35 4.96
C4 BGC J . 11.19 22.25 3.91
C5 BGC J . 9.96 22.91 4.52
C6 BGC J . 9.26 23.79 3.49
C1 BGC J . 9.52 21.07 5.94
O2 BGC J . 11.41 19.92 6.80
O3 BGC J . 12.86 20.58 4.34
O4 BGC J . 12.17 23.22 3.53
O5 BGC J . 9.04 21.91 4.92
O6 BGC J . 8.00 24.19 4.04
C1 MAN J . 5.20 20.30 11.87
C2 MAN J . 6.24 21.16 11.17
C3 MAN J . 7.62 20.57 11.47
C4 MAN J . 7.87 20.36 12.97
C5 MAN J . 6.69 19.61 13.60
C6 MAN J . 6.78 19.51 15.11
O2 MAN J . 6.22 22.50 11.70
O3 MAN J . 8.63 21.36 10.85
O4 MAN J . 9.09 19.64 13.13
O5 MAN J . 5.45 20.23 13.28
O6 MAN J . 5.73 18.67 15.59
C1 MAN J . 3.10 16.22 15.21
C2 MAN J . 2.75 14.88 15.89
C3 MAN J . 1.28 14.53 15.69
C4 MAN J . 0.37 15.70 16.07
C5 MAN J . 0.79 16.94 15.29
C6 MAN J . -0.05 18.16 15.61
O2 MAN J . 3.03 14.93 17.30
O3 MAN J . 0.92 13.37 16.46
O4 MAN J . -0.98 15.37 15.80
O5 MAN J . 2.17 17.25 15.58
O6 MAN J . 0.18 19.14 14.60
C1 NAG K . 8.60 37.88 67.95
C2 NAG K . 8.47 39.24 68.62
C3 NAG K . 7.72 39.08 69.95
C4 NAG K . 6.44 38.25 69.79
C5 NAG K . 6.65 36.99 68.94
C6 NAG K . 5.32 36.35 68.60
C7 NAG K . 10.26 40.72 68.02
C8 NAG K . 11.59 41.30 68.43
N2 NAG K . 9.77 39.80 68.85
O3 NAG K . 7.39 40.39 70.42
O4 NAG K . 5.95 37.82 71.06
O5 NAG K . 7.30 37.35 67.73
O6 NAG K . 4.86 35.62 69.74
O7 NAG K . 9.69 41.07 67.00
C1 NAG K . 4.98 38.75 71.55
C2 NAG K . 3.93 38.04 72.40
C3 NAG K . 2.94 39.06 72.99
C4 NAG K . 3.69 40.18 73.70
C5 NAG K . 4.73 40.81 72.77
C6 NAG K . 5.58 41.85 73.46
C7 NAG K . 2.77 35.91 72.12
C8 NAG K . 2.02 35.03 71.15
N2 NAG K . 3.22 37.05 71.61
O3 NAG K . 2.08 38.40 73.92
O4 NAG K . 2.76 41.18 74.12
O5 NAG K . 5.60 39.78 72.30
O6 NAG K . 6.95 41.68 73.10
O7 NAG K . 2.93 35.58 73.28
C1 YZT K . 0.69 38.26 73.57
C2 YZT K . -0.03 37.52 74.69
C3 YZT K . -1.47 37.25 74.30
C4 YZT K . -2.19 38.51 73.86
C5 YZT K . -1.37 39.24 72.79
C6 YZT K . -1.94 40.58 72.37
O1S6 YZT K . -0.99 40.46 69.97
O2 YZT K . 0.64 36.30 74.98
O2S6 YZT K . 0.27 41.68 71.65
O3 YZT K . -2.15 36.64 75.41
O3S6 YZT K . -1.80 42.62 70.79
O4 YZT K . -3.46 38.19 73.29
O5 YZT K . -0.03 39.48 73.26
S6 YZT K . -1.11 41.40 71.04
C2 BGC K . -5.59 38.97 73.01
C3 BGC K . -7.00 38.85 73.53
C4 BGC K . -7.21 37.52 74.27
C5 BGC K . -6.16 37.37 75.37
C6 BGC K . -6.25 35.99 76.04
C1 BGC K . -4.56 38.60 74.06
O2 BGC K . -5.35 40.31 72.56
O3 BGC K . -7.88 38.93 72.41
O4 BGC K . -8.51 37.52 74.84
O5 BGC K . -4.86 37.47 74.85
O6 BGC K . -5.66 36.03 77.33
C1 MAN K . 2.70 41.24 75.56
C2 MAN K . 1.24 41.08 75.97
C3 MAN K . 0.43 42.25 75.41
C4 MAN K . 1.03 43.61 75.77
C5 MAN K . 2.54 43.63 75.48
C6 MAN K . 3.23 44.87 76.00
O2 MAN K . 1.14 41.07 77.39
O3 MAN K . -0.92 42.16 75.87
O4 MAN K . 0.36 44.59 74.99
O5 MAN K . 3.22 42.48 76.02
O6 MAN K . 4.56 44.90 75.49
C1 MAN K . 7.77 42.71 73.65
C2 MAN K . 8.82 43.10 72.62
C3 MAN K . 9.80 41.94 72.42
C4 MAN K . 10.35 41.39 73.74
C5 MAN K . 9.22 41.15 74.73
C6 MAN K . 9.72 40.75 76.11
O2 MAN K . 9.56 44.24 73.06
O3 MAN K . 10.86 42.33 71.56
O4 MAN K . 11.05 40.18 73.46
O5 MAN K . 8.38 42.30 74.87
O6 MAN K . 8.60 40.30 76.87
C1 NAG L . 23.09 21.33 69.18
C2 NAG L . 23.38 22.37 68.11
C3 NAG L . 24.50 21.89 67.23
C4 NAG L . 25.71 21.39 68.03
C5 NAG L . 25.30 20.47 69.19
C6 NAG L . 26.45 20.18 70.13
C7 NAG L . 21.95 23.85 66.82
C8 NAG L . 20.68 23.96 66.07
N2 NAG L . 22.22 22.64 67.30
O3 NAG L . 24.90 22.98 66.41
O4 NAG L . 26.55 20.67 67.13
O5 NAG L . 24.26 21.08 69.96
O6 NAG L . 26.74 18.77 70.09
O7 NAG L . 22.70 24.81 66.97
C1 NAG L . 27.71 21.45 66.84
C2 NAG L . 28.84 20.48 66.49
C3 NAG L . 30.09 21.26 66.11
C4 NAG L . 29.82 22.35 65.06
C5 NAG L . 28.63 23.20 65.50
C6 NAG L . 28.22 24.22 64.44
C7 NAG L . 29.25 18.26 67.45
C8 NAG L . 29.52 17.49 68.71
N2 NAG L . 29.11 19.59 67.59
O3 NAG L . 31.06 20.34 65.59
O4 NAG L . 30.96 23.18 64.96
O5 NAG L . 27.50 22.36 65.76
O6 NAG L . 26.82 24.41 64.45
O7 NAG L . 29.17 17.71 66.37
C1 YZT L . 32.13 20.18 66.52
C2 YZT L . 33.18 19.25 65.93
C3 YZT L . 34.29 19.02 66.91
C4 YZT L . 34.85 20.34 67.46
C5 YZT L . 33.72 21.23 67.97
C6 YZT L . 34.17 22.60 68.42
O1S6 YZT L . 31.96 23.84 67.89
O2 YZT L . 32.57 18.01 65.56
O2S6 YZT L . 32.24 22.92 70.13
O3 YZT L . 35.33 18.25 66.30
O3S6 YZT L . 33.52 24.90 69.44
O4 YZT L . 35.73 20.05 68.54
O5 YZT L . 32.73 21.42 66.95
S6 YZT L . 32.91 23.64 69.11
C2 BGC L . 37.65 20.40 69.65
C3 BGC L . 39.16 20.27 69.66
C4 BGC L . 39.58 18.98 68.95
C5 BGC L . 38.99 18.93 67.53
C6 BGC L . 39.31 17.62 66.84
C1 BGC L . 37.09 20.21 68.25
O2 BGC L . 37.25 21.70 70.11
O3 BGC L . 39.59 20.25 71.02
O4 BGC L . 41.01 18.94 68.89
O5 BGC L . 37.58 19.04 67.60
O6 BGC L . 38.64 17.60 65.56
C1 MAN L . 31.77 22.82 63.83
C2 MAN L . 33.23 23.11 64.20
C3 MAN L . 33.83 24.14 63.24
C4 MAN L . 32.92 25.36 63.11
C5 MAN L . 31.46 24.94 62.87
C6 MAN L . 30.82 25.66 61.70
O2 MAN L . 33.98 21.89 64.18
O3 MAN L . 33.99 23.55 61.94
O4 MAN L . 32.97 26.14 64.32
O5 MAN L . 31.41 23.53 62.64
O6 MAN L . 29.47 25.24 61.59
C1 MAN L . 26.45 25.36 63.44
C2 MAN L . 25.19 26.08 63.91
C3 MAN L . 24.02 25.08 63.96
C4 MAN L . 23.86 24.33 62.64
C5 MAN L . 25.19 23.75 62.18
C6 MAN L . 25.12 23.14 60.78
O2 MAN L . 24.84 27.15 63.03
O3 MAN L . 22.82 25.77 64.32
O4 MAN L . 22.88 23.30 62.81
O5 MAN L . 26.22 24.75 62.16
O6 MAN L . 26.37 22.54 60.48
C1 NAG M . 20.89 14.48 81.76
C2 NAG M . 21.96 14.37 82.85
C3 NAG M . 22.99 13.29 82.53
C4 NAG M . 22.36 11.93 82.20
C5 NAG M . 21.22 12.10 81.20
C6 NAG M . 20.35 10.85 81.17
C7 NAG M . 22.56 16.35 84.10
C8 NAG M . 23.56 17.45 84.26
N2 NAG M . 22.63 15.65 82.97
O3 NAG M . 23.84 13.12 83.66
O4 NAG M . 23.35 11.02 81.66
O5 NAG M . 20.32 13.17 81.54
O6 NAG M . 21.04 9.80 80.50
O7 NAG M . 21.72 16.11 84.96
C1 NAG M . 23.71 9.98 82.57
C2 NAG M . 24.19 8.76 81.82
C3 NAG M . 24.54 7.64 82.79
C4 NAG M . 25.46 8.13 83.92
C5 NAG M . 25.06 9.49 84.49
C6 NAG M . 26.15 10.14 85.32
C7 NAG M . 23.47 8.03 79.59
C8 NAG M . 22.33 7.56 78.73
N2 NAG M . 23.19 8.32 80.86
O3 NAG M . 25.21 6.59 82.09
O4 NAG M . 25.38 7.18 84.99
O5 NAG M . 24.74 10.41 83.45
O6 NAG M . 25.72 11.47 85.64
O7 NAG M . 24.59 8.12 79.11
C1 YZT M . 24.41 5.43 81.87
C2 YZT M . 25.13 4.41 81.01
C3 YZT M . 24.36 3.11 80.96
C4 YZT M . 23.98 2.63 82.36
C5 YZT M . 23.29 3.74 83.14
C6 YZT M . 22.98 3.39 84.59
O1S6 YZT M . 21.05 5.11 84.83
O2 YZT M . 25.35 4.91 79.71
O2S6 YZT M . 23.27 5.74 85.64
O3 YZT M . 25.12 2.12 80.28
O3S6 YZT M . 21.96 4.09 86.87
O4 YZT M . 23.12 1.49 82.29
O5 YZT M . 24.13 4.91 83.17
S6 YZT M . 22.18 4.63 85.56
C2 BGC M . 22.98 -0.81 83.32
C3 BGC M . 23.87 -1.95 83.82
C4 BGC M . 24.92 -2.39 82.79
C5 BGC M . 25.64 -1.17 82.19
C6 BGC M . 26.53 -1.55 81.03
C1 BGC M . 23.85 0.32 82.75
O2 BGC M . 22.22 -0.32 84.43
O3 BGC M . 23.06 -3.08 84.19
O4 BGC M . 25.85 -3.26 83.44
O5 BGC M . 24.67 -0.22 81.70
O6 BGC M . 27.17 -0.38 80.51
C1 MAN M . 26.59 6.42 85.22
C2 MAN M . 27.27 6.88 86.52
C3 MAN M . 28.78 6.59 86.48
C4 MAN M . 29.06 5.35 85.65
C5 MAN M . 28.64 5.56 84.19
C6 MAN M . 28.37 4.25 83.45
O2 MAN M . 26.70 6.22 87.65
O3 MAN M . 29.30 6.44 87.79
O4 MAN M . 30.44 5.02 85.73
O5 MAN M . 27.49 6.41 84.09
O6 MAN M . 28.64 4.46 82.05
C1 MAN M . 25.43 11.52 87.08
C2 MAN M . 24.13 12.21 87.59
C3 MAN M . 24.28 13.74 87.79
C4 MAN M . 25.57 14.13 88.49
C5 MAN M . 26.75 13.40 87.84
C6 MAN M . 28.07 13.68 88.54
O2 MAN M . 23.76 11.64 88.86
O3 MAN M . 23.17 14.27 88.53
O4 MAN M . 25.72 15.54 88.36
O5 MAN M . 26.56 11.98 87.86
O6 MAN M . 29.11 12.99 87.86
C1 NAG N . -3.00 11.99 65.34
C2 NAG N . -3.77 11.61 66.60
C3 NAG N . -5.19 12.16 66.49
C4 NAG N . -5.23 13.65 66.15
C5 NAG N . -4.29 13.97 64.99
C6 NAG N . -4.07 15.46 64.82
C7 NAG N . -3.26 9.53 67.77
C8 NAG N . -3.38 8.03 67.73
N2 NAG N . -3.81 10.17 66.75
O3 NAG N . -5.87 11.92 67.72
O4 NAG N . -6.55 14.03 65.74
O5 NAG N . -3.00 13.41 65.19
O6 NAG N . -2.87 15.63 64.08
O7 NAG N . -2.68 10.10 68.68
C1 NAG N . -7.27 14.77 66.73
C2 NAG N . -8.04 15.94 66.12
C3 NAG N . -9.16 16.52 67.02
C4 NAG N . -9.73 15.48 68.02
C5 NAG N . -8.72 14.43 68.47
C6 NAG N . -9.37 13.33 69.30
C7 NAG N . -6.91 17.37 64.52
C8 NAG N . -6.08 18.60 64.31
N2 NAG N . -7.13 17.02 65.79
O3 NAG N . -10.23 17.09 66.20
O4 NAG N . -10.10 16.09 69.25
O5 NAG N . -8.17 13.87 67.31
O6 NAG N . -8.63 12.16 69.00
O7 NAG N . -7.33 16.72 63.58
C1 YZT N . -10.10 18.51 65.88
C2 YZT N . -11.44 19.12 65.46
C3 YZT N . -11.29 20.59 65.11
C4 YZT N . -10.56 21.36 66.21
C5 YZT N . -9.25 20.65 66.56
C6 YZT N . -8.50 21.32 67.70
O1S6 YZT N . -6.22 20.27 67.05
O2 YZT N . -11.98 18.40 64.36
O2S6 YZT N . -7.50 19.20 68.81
O3 YZT N . -12.59 21.17 64.89
O3S6 YZT N . -6.42 21.35 69.24
O4 YZT N . -10.27 22.68 65.76
O5 YZT N . -9.51 19.28 66.93
S6 YZT N . -7.00 20.54 68.21
C2 BGC N . -10.31 24.92 66.56
C3 BGC N . -11.25 26.06 66.93
C4 BGC N . -12.51 26.08 66.05
C5 BGC N . -13.18 24.71 66.03
C6 BGC N . -14.34 24.64 65.06
C1 BGC N . -11.09 23.62 66.43
O2 BGC N . -9.32 24.79 67.58
O3 BGC N . -10.54 27.30 66.83
O4 BGC N . -13.40 27.07 66.57
O5 BGC N . -12.23 23.75 65.60
O6 BGC N . -14.99 23.36 65.15
C1 MAN N . -11.54 16.13 69.37
C2 MAN N . -12.02 17.56 69.15
C3 MAN N . -11.61 18.44 70.33
C4 MAN N . -11.97 17.81 71.69
C5 MAN N . -11.58 16.33 71.76
C6 MAN N . -12.10 15.61 72.99
O2 MAN N . -13.45 17.54 69.04
O3 MAN N . -12.24 19.71 70.24
O4 MAN N . -11.28 18.53 72.72
O5 MAN N . -12.04 15.60 70.62
O6 MAN N . -11.34 14.41 73.13
C1 MAN N . -9.15 11.03 69.72
C2 MAN N . -7.97 10.14 70.16
C3 MAN N . -7.42 9.32 68.98
C4 MAN N . -8.52 8.60 68.20
C5 MAN N . -9.65 9.57 67.83
C6 MAN N . -10.85 8.88 67.18
O2 MAN N . -8.34 9.23 71.22
O3 MAN N . -6.45 8.38 69.46
O4 MAN N . -7.94 8.06 67.01
O5 MAN N . -10.12 10.29 68.98
O6 MAN N . -11.64 9.84 66.47
C1 NAG O . 2.17 12.13 76.08
C2 NAG O . 1.91 12.31 77.56
C3 NAG O . 0.99 11.19 78.02
C4 NAG O . -0.27 11.08 77.15
C5 NAG O . 0.07 11.12 75.65
C6 NAG O . -1.16 11.29 74.78
C7 NAG O . 3.63 13.31 78.97
C8 NAG O . 4.91 13.07 79.72
N2 NAG O . 3.16 12.26 78.30
O3 NAG O . 0.63 11.42 79.39
O4 NAG O . -0.93 9.86 77.44
O5 NAG O . 0.95 12.20 75.36
O6 NAG O . -1.85 12.50 75.13
O7 NAG O . 3.07 14.39 78.99
C1 NAG O . -2.17 10.10 78.12
C2 NAG O . -2.93 8.78 78.25
C3 NAG O . -4.27 9.05 78.93
C4 NAG O . -4.09 9.77 80.27
C5 NAG O . -3.26 11.05 80.04
C6 NAG O . -2.95 11.76 81.34
C7 NAG O . -3.74 8.53 75.89
C8 NAG O . -3.68 7.60 74.71
N2 NAG O . -3.11 8.08 76.99
O3 NAG O . -5.03 7.87 79.07
O4 NAG O . -5.39 10.15 80.74
O5 NAG O . -2.02 10.71 79.41
O6 NAG O . -1.78 12.58 81.22
O7 NAG O . -4.34 9.60 75.83
C1 YZT O . -6.18 8.18 78.29
C2 YZT O . -6.89 6.87 78.24
C3 YZT O . -8.15 7.00 77.39
C4 YZT O . -9.01 8.18 77.84
C5 YZT O . -8.16 9.45 77.94
C6 YZT O . -8.90 10.63 78.50
O1S6 YZT O . -7.35 12.33 77.34
O2 YZT O . -6.00 5.90 77.70
O2S6 YZT O . -6.82 11.73 79.61
O3 YZT O . -8.91 5.80 77.49
O3S6 YZT O . -8.76 13.13 79.17
O4 YZT O . -10.04 8.41 76.87
O5 YZT O . -7.02 9.21 78.79
S6 YZT O . -7.93 12.11 78.61
C2 BGC O . -12.32 8.94 76.65
C3 BGC O . -13.72 8.39 76.63
C4 BGC O . -13.77 6.91 76.24
C5 BGC O . -12.79 6.14 77.10
C6 BGC O . -12.77 4.67 76.72
C1 BGC O . -11.32 7.99 77.31
O2 BGC O . -12.34 10.13 77.41
O3 BGC O . -14.49 9.14 75.68
O4 BGC O . -15.12 6.47 76.43
O5 BGC O . -11.48 6.65 76.91
O6 BGC O . -11.67 4.05 77.39
C1 MAN O . -5.73 9.42 81.92
C2 MAN O . -7.17 8.93 81.78
C3 MAN O . -8.08 10.15 81.70
C4 MAN O . -7.85 11.14 82.85
C5 MAN O . -6.36 11.47 82.97
C6 MAN O . -6.02 12.32 84.19
O2 MAN O . -7.54 8.18 82.94
O3 MAN O . -9.44 9.74 81.61
O4 MAN O . -8.61 12.32 82.58
O5 MAN O . -5.58 10.25 83.06
O6 MAN O . -4.63 12.68 84.14
C1 MAN O . -1.45 13.08 82.53
C2 MAN O . -0.45 14.24 82.38
C3 MAN O . 0.96 13.73 82.03
C4 MAN O . 1.39 12.61 82.99
C5 MAN O . 0.33 11.51 82.99
C6 MAN O . 0.67 10.37 83.93
O2 MAN O . -0.36 15.01 83.58
O3 MAN O . 1.91 14.79 82.05
O4 MAN O . 2.65 12.10 82.59
O5 MAN O . -0.93 12.06 83.40
O6 MAN O . -0.18 9.26 83.62
C1 NAG P . -15.47 -1.91 -50.73
C2 NAG P . -16.42 -1.14 -49.82
C3 NAG P . -16.42 -1.74 -48.43
C4 NAG P . -16.59 -3.27 -48.47
C5 NAG P . -15.71 -3.94 -49.52
C6 NAG P . -16.10 -5.39 -49.70
C7 NAG P . -16.62 1.15 -50.53
C8 NAG P . -16.18 2.57 -50.30
N2 NAG P . -16.03 0.24 -49.77
O3 NAG P . -17.51 -1.15 -47.71
O4 NAG P . -16.26 -3.85 -47.21
O5 NAG P . -15.89 -3.27 -50.77
O6 NAG P . -15.57 -6.15 -48.63
O7 NAG P . -17.48 0.87 -51.35
C1 NAG P . -17.43 -4.01 -46.41
C2 NAG P . -17.32 -5.22 -45.49
C3 NAG P . -18.55 -5.32 -44.57
C4 NAG P . -18.76 -3.99 -43.84
C5 NAG P . -18.85 -2.84 -44.84
C6 NAG P . -18.97 -1.49 -44.17
C7 NAG P . -16.45 -7.47 -45.88
C8 NAG P . -16.49 -8.65 -46.82
N2 NAG P . -17.18 -6.44 -46.28
O3 NAG P . -18.32 -6.36 -43.60
O4 NAG P . -19.98 -4.07 -43.10
O5 NAG P . -17.66 -2.83 -45.63
O6 NAG P . -18.10 -0.56 -44.82
O7 NAG P . -15.82 -7.50 -44.84
C1 YZT P . -19.14 -7.54 -43.69
C2 YZT P . -18.73 -8.50 -42.59
C3 YZT P . -19.48 -9.82 -42.72
C4 YZT P . -20.98 -9.60 -42.81
C5 YZT P . -21.31 -8.56 -43.89
C6 YZT P . -22.78 -8.19 -43.96
O1S6 YZT P . -22.71 -7.65 -46.50
O2 YZT P . -17.33 -8.73 -42.64
O2S6 YZT P . -22.46 -5.81 -44.92
O3 YZT P . -19.16 -10.66 -41.62
O3S6 YZT P . -24.64 -6.88 -45.19
O4 YZT P . -21.63 -10.82 -43.17
O5 YZT P . -20.56 -7.35 -43.66
S6 YZT P . -23.24 -7.10 -45.29
C2 BGC P . -23.58 -12.00 -42.91
C3 BGC P . -24.19 -13.15 -42.15
C4 BGC P . -23.13 -14.10 -41.60
C5 BGC P . -22.11 -13.34 -40.76
C6 BGC P . -20.96 -14.23 -40.32
C1 BGC P . -22.42 -11.38 -42.14
O2 BGC P . -24.56 -11.00 -43.17
O3 BGC P . -25.05 -13.85 -43.05
O4 BGC P . -23.77 -15.09 -40.79
O5 BGC P . -21.54 -12.28 -41.51
O6 BGC P . -20.32 -13.66 -39.16
C1 MAN P . -19.72 -4.00 -41.69
C2 MAN P . -20.36 -5.22 -41.04
C3 MAN P . -21.88 -5.14 -41.24
C4 MAN P . -22.46 -3.80 -40.79
C5 MAN P . -21.65 -2.63 -41.36
C6 MAN P . -22.05 -1.28 -40.78
O2 MAN P . -20.07 -5.22 -39.63
O3 MAN P . -22.50 -6.22 -40.53
O4 MAN P . -23.81 -3.75 -41.26
O5 MAN P . -20.23 -2.79 -41.14
O6 MAN P . -21.40 -0.26 -41.53
C1 MAN P . -18.27 0.75 -44.28
C2 MAN P . -18.19 1.77 -45.41
C3 MAN P . -16.77 1.79 -46.00
C4 MAN P . -15.70 1.95 -44.92
C5 MAN P . -15.94 0.97 -43.77
C6 MAN P . -15.00 1.17 -42.60
O2 MAN P . -18.52 3.09 -44.95
O3 MAN P . -16.66 2.82 -46.97
O4 MAN P . -14.43 1.72 -45.51
O5 MAN P . -17.29 1.05 -43.28
O6 MAN P . -15.14 0.06 -41.72
C1 NAG Q . 6.08 -1.05 -55.13
C2 NAG Q . 5.19 -0.19 -56.03
C3 NAG Q . 6.01 0.35 -57.18
C4 NAG Q . 7.31 1.01 -56.71
C5 NAG Q . 8.06 0.16 -55.67
C6 NAG Q . 9.18 0.93 -55.01
C7 NAG Q . 2.88 -0.41 -56.73
C8 NAG Q . 1.84 -1.36 -57.19
N2 NAG Q . 4.08 -0.95 -56.55
O3 NAG Q . 5.20 1.31 -57.85
O4 NAG Q . 8.14 1.19 -57.85
O5 NAG Q . 7.16 -0.26 -54.64
O6 NAG Q . 10.43 0.29 -55.34
O7 NAG Q . 2.65 0.79 -56.57
C1 NAG Q . 8.16 2.57 -58.23
C2 NAG Q . 9.48 2.83 -58.93
C3 NAG Q . 9.55 4.28 -59.40
C4 NAG Q . 8.30 4.70 -60.18
C5 NAG Q . 7.04 4.33 -59.40
C6 NAG Q . 5.76 4.61 -60.16
C7 NAG Q . 11.66 1.81 -58.45
C8 NAG Q . 12.72 1.60 -57.40
N2 NAG Q . 10.60 2.53 -58.05
O3 NAG Q . 10.70 4.44 -60.25
O4 NAG Q . 8.32 6.11 -60.36
O5 NAG Q . 7.07 2.93 -59.07
O6 NAG Q . 4.78 3.63 -59.85
O7 NAG Q . 11.76 1.36 -59.57
C1 YZT Q . 11.69 5.22 -59.57
C2 YZT Q . 12.87 5.43 -60.49
C3 YZT Q . 13.97 6.20 -59.78
C4 YZT Q . 13.42 7.48 -59.15
C5 YZT Q . 12.19 7.17 -58.28
C6 YZT Q . 11.52 8.41 -57.71
O1S6 YZT Q . 9.13 7.42 -57.59
O2 YZT Q . 13.37 4.16 -60.94
O2S6 YZT Q . 10.56 7.16 -55.64
O3 YZT Q . 15.02 6.49 -60.69
O3S6 YZT Q . 9.64 9.37 -56.21
O4 YZT Q . 14.44 8.04 -58.30
O5 YZT Q . 11.21 6.47 -59.06
S6 YZT Q . 10.15 8.10 -56.63
C2 BGC Q . 15.58 9.81 -57.54
C3 BGC Q . 16.58 10.89 -57.84
C4 BGC Q . 17.64 10.41 -58.83
C5 BGC Q . 16.99 9.84 -60.08
C6 BGC Q . 18.00 9.23 -61.04
C1 BGC Q . 15.05 9.18 -58.83
O2 BGC Q . 14.47 10.32 -56.80
O3 BGC Q . 17.19 11.29 -56.61
O4 BGC Q . 18.51 11.49 -59.17
O5 BGC Q . 16.07 8.81 -59.74
O6 BGC Q . 17.31 8.64 -62.16
C1 MAN Q . 8.79 6.47 -61.67
C2 MAN Q . 9.53 7.79 -61.54
C3 MAN Q . 8.86 8.87 -62.41
C4 MAN Q . 7.35 8.91 -62.15
C5 MAN Q . 6.75 7.51 -62.18
C6 MAN Q . 5.53 7.40 -63.07
O2 MAN Q . 10.90 7.62 -61.89
O3 MAN Q . 9.09 8.57 -63.78
O4 MAN Q . 7.09 9.49 -60.87
O5 MAN Q . 7.74 6.57 -62.63
O6 MAN Q . 5.01 6.07 -62.99
C1 MAN Q . 3.58 3.89 -60.60
C2 MAN Q . 2.39 3.39 -59.77
C3 MAN Q . 2.47 1.86 -59.67
C4 MAN Q . 2.59 1.20 -61.05
C5 MAN Q . 3.72 1.85 -61.85
C6 MAN Q . 3.78 1.36 -63.29
O2 MAN Q . 1.15 3.75 -60.38
O3 MAN Q . 1.31 1.37 -58.98
O4 MAN Q . 2.82 -0.20 -60.88
O5 MAN Q . 3.57 3.28 -61.89
O6 MAN Q . 4.93 1.94 -63.93
C1 NAG R . 13.09 -6.24 -43.61
C2 NAG R . 14.07 -5.43 -42.78
C3 NAG R . 15.45 -5.33 -43.44
C4 NAG R . 16.02 -6.69 -43.85
C5 NAG R . 14.96 -7.51 -44.60
C6 NAG R . 15.37 -8.96 -44.66
C7 NAG R . 13.23 -3.65 -41.37
C8 NAG R . 13.07 -2.17 -41.24
N2 NAG R . 13.54 -4.10 -42.59
O3 NAG R . 16.35 -4.72 -42.51
O4 NAG R . 17.18 -6.52 -44.69
O5 NAG R . 13.67 -7.50 -43.96
O6 NAG R . 16.45 -9.14 -45.58
O7 NAG R . 13.10 -4.40 -40.42
C1 NAG R . 18.41 -6.87 -44.04
C2 NAG R . 19.44 -7.30 -45.06
C3 NAG R . 20.74 -7.65 -44.35
C4 NAG R . 21.21 -6.58 -43.36
C5 NAG R . 20.06 -6.02 -42.52
C6 NAG R . 20.41 -4.70 -41.84
C7 NAG R . 19.04 -8.42 -47.19
C8 NAG R . 18.50 -9.64 -47.87
N2 NAG R . 18.95 -8.39 -45.86
O3 NAG R . 21.79 -7.84 -45.33
O4 NAG R . 22.14 -7.18 -42.46
O5 NAG R . 18.91 -5.75 -43.31
O6 NAG R . 19.22 -4.19 -41.23
O7 NAG R . 19.53 -7.51 -47.85
C1 YZT R . 22.14 -9.19 -45.57
C2 YZT R . 23.15 -9.32 -46.70
C3 YZT R . 23.66 -10.74 -46.80
C4 YZT R . 24.14 -11.24 -45.45
C5 YZT R . 23.07 -11.05 -44.38
C6 YZT R . 23.53 -11.42 -42.97
O1S6 YZT R . 21.13 -11.86 -42.10
O2 YZT R . 22.56 -8.90 -47.92
O2S6 YZT R . 22.13 -9.69 -41.65
O3 YZT R . 24.71 -10.80 -47.76
O3S6 YZT R . 22.94 -11.66 -40.46
O4 YZT R . 24.48 -12.64 -45.53
O5 YZT R . 22.69 -9.67 -44.33
S6 YZT R . 22.34 -11.22 -41.68
C2 BGC R . 26.40 -14.14 -44.86
C3 BGC R . 27.92 -14.15 -44.75
C4 BGC R . 28.62 -13.67 -46.02
C5 BGC R . 27.98 -12.38 -46.53
C6 BGC R . 28.52 -11.98 -47.90
C1 BGC R . 25.92 -12.79 -45.42
O2 BGC R . 25.84 -14.37 -43.57
O3 BGC R . 28.38 -15.47 -44.42
O4 BGC R . 30.01 -13.46 -45.70
O5 BGC R . 26.57 -12.55 -46.67
O6 BGC R . 27.89 -10.77 -48.34
C1 MAN R . 23.49 -6.70 -42.59
C2 MAN R . 23.87 -5.81 -41.39
C3 MAN R . 24.96 -4.82 -41.76
C4 MAN R . 25.89 -5.43 -42.81
C5 MAN R . 25.13 -5.68 -44.12
C6 MAN R . 25.78 -6.76 -44.98
O2 MAN R . 24.30 -6.60 -40.28
O3 MAN R . 25.72 -4.44 -40.61
O4 MAN R . 26.99 -4.55 -43.06
O5 MAN R . 23.77 -6.06 -43.86
O6 MAN R . 25.45 -6.50 -46.35
C1 MAN R . 19.36 -4.30 -39.77
C2 MAN R . 18.18 -4.85 -38.91
C3 MAN R . 17.14 -3.78 -38.51
C4 MAN R . 17.77 -2.48 -38.03
C5 MAN R . 18.87 -2.05 -39.01
C6 MAN R . 19.59 -0.80 -38.55
O2 MAN R . 18.70 -5.42 -37.69
O3 MAN R . 16.25 -4.28 -37.49
O4 MAN R . 16.74 -1.50 -38.00
O5 MAN R . 19.85 -3.09 -39.17
O6 MAN R . 20.59 -0.46 -39.52
C1 NAG S . -3.34 -27.31 -55.16
C2 NAG S . -3.20 -28.08 -53.85
C3 NAG S . -4.50 -28.85 -53.59
C4 NAG S . -5.75 -27.96 -53.67
C5 NAG S . -5.71 -27.08 -54.92
C6 NAG S . -6.76 -25.99 -54.88
C7 NAG S . -1.02 -28.92 -53.16
C8 NAG S . 0.04 -29.95 -53.40
N2 NAG S . -2.10 -29.00 -53.92
O3 NAG S . -4.42 -29.45 -52.29
O4 NAG S . -6.93 -28.77 -53.75
O5 NAG S . -4.46 -26.42 -55.07
O6 NAG S . -6.35 -24.98 -55.80
O7 NAG S . -0.89 -28.06 -52.29
C1 NAG S . -7.67 -28.81 -52.53
C2 NAG S . -9.18 -28.71 -52.77
C3 NAG S . -10.07 -29.16 -51.59
C4 NAG S . -9.36 -30.20 -50.68
C5 NAG S . -7.85 -30.06 -50.61
C6 NAG S . -7.20 -31.21 -49.87
C7 NAG S . -9.98 -27.01 -54.31
C8 NAG S . -10.49 -25.61 -54.48
N2 NAG S . -9.54 -27.34 -53.09
O3 NAG S . -11.34 -29.69 -52.08
O4 NAG S . -9.75 -30.05 -49.32
O5 NAG S . -7.37 -30.05 -51.93
O6 NAG S . -5.93 -31.38 -50.49
O7 NAG S . -9.98 -27.79 -55.24
C1 YZT S . -12.43 -28.72 -52.19
C2 YZT S . -13.80 -29.40 -52.24
C3 YZT S . -14.92 -28.38 -52.37
C4 YZT S . -14.79 -27.27 -51.32
C5 YZT S . -13.39 -26.67 -51.36
C6 YZT S . -13.17 -25.62 -50.29
O1S6 YZT S . -11.17 -24.53 -51.54
O2 YZT S . -13.84 -30.33 -53.32
O2S6 YZT S . -10.68 -26.10 -49.75
O3 YZT S . -16.18 -29.04 -52.24
O3S6 YZT S . -11.57 -23.89 -49.20
O4 YZT S . -15.73 -26.24 -51.60
O5 YZT S . -12.41 -27.71 -51.17
S6 YZT S . -11.54 -24.90 -50.21
C2 BGC S . -17.27 -24.82 -50.46
C3 BGC S . -18.62 -24.83 -49.74
C4 BGC S . -19.60 -25.83 -50.34
C5 BGC S . -18.95 -27.22 -50.45
C6 BGC S . -19.84 -28.22 -51.19
C1 BGC S . -16.78 -26.25 -50.64
O2 BGC S . -16.33 -24.09 -49.69
O3 BGC S . -19.17 -23.51 -49.78
O4 BGC S . -20.76 -25.89 -49.50
O5 BGC S . -17.76 -27.11 -51.21
O6 BGC S . -19.23 -29.52 -51.18
C1 MAN S . -10.61 -31.15 -48.92
C2 MAN S . -12.04 -30.63 -48.81
C3 MAN S . -12.17 -29.71 -47.60
C4 MAN S . -11.57 -30.30 -46.32
C5 MAN S . -10.19 -30.92 -46.57
C6 MAN S . -9.66 -31.72 -45.39
O2 MAN S . -12.90 -31.75 -48.64
O3 MAN S . -13.55 -29.41 -47.37
O4 MAN S . -11.46 -29.26 -45.35
O5 MAN S . -10.20 -31.79 -47.71
O6 MAN S . -8.25 -31.89 -45.60
C1 MAN S . -5.20 -32.45 -49.86
C2 MAN S . -3.71 -32.08 -49.81
C3 MAN S . -3.05 -32.22 -51.19
C4 MAN S . -3.34 -33.56 -51.85
C5 MAN S . -4.86 -33.86 -51.83
C6 MAN S . -5.19 -35.25 -52.34
O2 MAN S . -2.99 -32.87 -48.86
O3 MAN S . -1.64 -32.03 -51.07
O4 MAN S . -2.89 -33.51 -53.20
O5 MAN S . -5.40 -33.73 -50.52
O6 MAN S . -6.58 -35.31 -52.72
C1 NAG T . 2.31 -22.63 -45.76
C2 NAG T . 2.38 -22.64 -44.24
C3 NAG T . 2.79 -24.03 -43.80
C4 NAG T . 1.91 -25.12 -44.42
C5 NAG T . 1.72 -24.92 -45.93
C6 NAG T . 0.63 -25.81 -46.50
C7 NAG T . 2.98 -20.60 -43.05
C8 NAG T . 4.11 -19.71 -42.62
N2 NAG T . 3.34 -21.66 -43.78
O3 NAG T . 2.73 -24.09 -42.37
O4 NAG T . 2.51 -26.39 -44.20
O5 NAG T . 1.35 -23.57 -46.21
O6 NAG T . -0.62 -25.57 -45.83
O7 NAG T . 1.82 -20.35 -42.75
C1 NAG T . 1.75 -27.16 -43.26
C2 NAG T . 2.35 -28.58 -43.18
C3 NAG T . 1.50 -29.41 -42.23
C4 NAG T . 1.38 -28.75 -40.86
C5 NAG T . 0.86 -27.32 -41.03
C6 NAG T . 0.82 -26.56 -39.71
C7 NAG T . 1.47 -29.49 -45.36
C8 NAG T . 1.92 -30.08 -46.66
N2 NAG T . 2.46 -29.22 -44.49
O3 NAG T . 1.98 -30.74 -42.14
O4 NAG T . 0.44 -29.50 -40.09
O5 NAG T . 1.69 -26.60 -41.95
O6 NAG T . 0.86 -25.15 -39.93
O7 NAG T . 0.28 -29.29 -45.13
C1 YZT T . 0.87 -31.47 -42.62
C2 YZT T . 1.43 -32.85 -42.74
C3 YZT T . 0.38 -33.79 -43.29
C4 YZT T . -0.94 -33.70 -42.50
C5 YZT T . -1.37 -32.24 -42.36
C6 YZT T . -2.59 -32.04 -41.48
O1S6 YZT T . -3.24 -29.84 -42.64
O2 YZT T . 2.57 -32.79 -43.59
O2S6 YZT T . -1.89 -29.68 -40.64
O3 YZT T . 0.86 -35.14 -43.25
O3S6 YZT T . -4.23 -30.34 -40.47
O4 YZT T . -1.97 -34.42 -43.20
O5 YZT T . -0.30 -31.46 -41.80
S6 YZT T . -3.10 -30.36 -41.33
C2 BGC T . -3.78 -35.86 -42.89
C3 BGC T . -4.22 -37.30 -42.72
C4 BGC T . -3.22 -38.28 -43.33
C5 BGC T . -1.82 -37.96 -42.80
C6 BGC T . -0.78 -38.89 -43.40
C1 BGC T . -2.30 -35.65 -42.60
O2 BGC T . -4.52 -35.08 -41.96
O3 BGC T . -5.47 -37.47 -43.37
O4 BGC T . -3.62 -39.59 -42.95
O5 BGC T . -1.47 -36.64 -43.16
O6 BGC T . 0.52 -38.39 -43.06
C1 MAN T . 1.09 -30.16 -39.00
C2 MAN T . 0.57 -31.59 -38.93
C3 MAN T . -0.93 -31.55 -38.63
C4 MAN T . -1.27 -30.68 -37.41
C5 MAN T . -0.58 -29.31 -37.52
C6 MAN T . -0.73 -28.46 -36.27
O2 MAN T . 1.21 -32.29 -37.85
O3 MAN T . -1.45 -32.86 -38.53
O4 MAN T . -2.68 -30.54 -37.32
O5 MAN T . 0.81 -29.46 -37.79
O6 MAN T . -0.19 -27.15 -36.53
C1 MAN T . 1.01 -24.50 -38.65
C2 MAN T . 0.68 -23.00 -38.81
C3 MAN T . 1.83 -22.25 -39.50
C4 MAN T . 3.17 -22.57 -38.84
C5 MAN T . 3.38 -24.07 -38.81
C6 MAN T . 4.69 -24.47 -38.14
O2 MAN T . 0.43 -22.39 -37.54
O3 MAN T . 1.59 -20.84 -39.50
O4 MAN T . 4.22 -21.92 -39.56
O5 MAN T . 2.31 -24.69 -38.07
O6 MAN T . 4.94 -25.84 -38.47
C1 NAG U . 14.77 2.04 -20.97
C2 NAG U . 15.55 3.15 -20.29
C3 NAG U . 14.71 3.76 -19.20
C4 NAG U . 13.30 4.12 -19.70
C5 NAG U . 12.66 2.99 -20.51
C6 NAG U . 11.41 3.49 -21.21
C7 NAG U . 17.93 2.74 -20.39
C8 NAG U . 19.14 2.24 -19.65
N2 NAG U . 16.77 2.62 -19.73
O3 NAG U . 15.37 4.97 -18.77
O4 NAG U . 12.41 4.39 -18.61
O5 NAG U . 13.58 2.58 -21.52
O6 NAG U . 10.35 3.52 -20.26
O7 NAG U . 18.01 3.24 -21.50
C1 NAG U . 12.38 5.80 -18.33
C2 NAG U . 11.02 6.22 -17.79
C3 NAG U . 11.03 7.70 -17.43
C4 NAG U . 12.20 8.02 -16.50
C5 NAG U . 13.50 7.55 -17.12
C6 NAG U . 14.70 7.74 -16.21
C7 NAG U . 8.75 5.59 -18.45
C8 NAG U . 7.82 5.42 -19.62
N2 NAG U . 9.99 5.96 -18.78
O3 NAG U . 9.80 8.03 -16.75
O4 NAG U . 12.25 9.43 -16.27
O5 NAG U . 13.41 6.15 -17.40
O6 NAG U . 15.52 6.57 -16.23
O7 NAG U . 8.38 5.43 -17.30
C1 YZT U . 8.87 8.91 -17.44
C2 YZT U . 7.65 9.09 -16.56
C3 YZT U . 6.59 9.90 -17.28
C4 YZT U . 7.15 11.21 -17.83
C5 YZT U . 8.42 10.93 -18.63
C6 YZT U . 9.13 12.19 -19.12
O1S6 YZT U . 10.11 11.07 -21.23
O2 YZT U . 7.11 7.83 -16.17
O2S6 YZT U . 11.51 11.21 -19.23
O3 YZT U . 5.49 10.16 -16.40
O3S6 YZT U . 11.04 13.23 -20.52
O4 YZT U . 6.20 11.82 -18.70
O5 YZT U . 9.38 10.19 -17.85
S6 YZT U . 10.52 11.95 -20.18
C2 BGC U . 5.47 13.84 -19.47
C3 BGC U . 4.36 14.87 -19.31
C4 BGC U . 3.10 14.25 -18.70
C5 BGC U . 3.44 13.55 -17.38
C6 BGC U . 2.24 12.79 -16.81
C1 BGC U . 5.65 13.01 -18.20
O2 BGC U . 6.69 14.49 -19.78
O3 BGC U . 4.06 15.38 -20.60
O4 BGC U . 2.15 15.28 -18.46
O5 BGC U . 4.47 12.59 -17.57
O6 BGC U . 2.40 12.57 -15.41
C1 MAN U . 11.99 9.73 -14.90
C2 MAN U . 10.84 10.74 -14.86
C3 MAN U . 11.30 12.04 -15.54
C4 MAN U . 12.63 12.57 -14.99
C5 MAN U . 13.67 11.44 -14.91
C6 MAN U . 14.93 11.85 -14.17
O2 MAN U . 10.51 11.03 -13.50
O3 MAN U . 10.28 13.03 -15.42
O4 MAN U . 13.08 13.59 -15.87
O5 MAN U . 13.15 10.27 -14.26
O6 MAN U . 15.91 10.82 -14.36
C1 MAN U . 16.70 6.76 -15.45
C2 MAN U . 17.87 6.10 -16.17
C3 MAN U . 17.68 4.57 -16.19
C4 MAN U . 17.38 4.00 -14.80
C5 MAN U . 16.27 4.81 -14.13
C6 MAN U . 16.03 4.39 -12.69
O2 MAN U . 19.11 6.39 -15.52
O3 MAN U . 18.83 3.95 -16.75
O4 MAN U . 16.99 2.65 -14.96
O5 MAN U . 16.56 6.22 -14.13
O6 MAN U . 14.82 5.02 -12.24
C1 NAG V . 11.58 -19.39 -17.13
C2 NAG V . 12.76 -19.07 -18.03
C3 NAG V . 13.31 -20.33 -18.63
C4 NAG V . 13.55 -21.42 -17.58
C5 NAG V . 12.38 -21.57 -16.61
C6 NAG V . 12.72 -22.45 -15.42
C7 NAG V . 13.21 -17.21 -19.54
C8 NAG V . 12.61 -16.32 -20.56
N2 NAG V . 12.38 -18.16 -19.09
O3 NAG V . 14.54 -20.00 -19.27
O4 NAG V . 13.74 -22.65 -18.27
O5 NAG V . 11.99 -20.30 -16.10
O6 NAG V . 11.89 -23.62 -15.46
O7 NAG V . 14.37 -17.10 -19.16
C1 NAG V . 15.13 -23.02 -18.24
C2 NAG V . 15.21 -24.53 -18.35
C3 NAG V . 16.67 -24.98 -18.36
C4 NAG V . 17.50 -24.20 -19.39
C5 NAG V . 17.29 -22.70 -19.23
C6 NAG V . 17.98 -21.88 -20.30
C7 NAG V . 13.64 -26.17 -17.41
C8 NAG V . 13.01 -26.70 -16.17
N2 NAG V . 14.50 -25.15 -17.25
O3 NAG V . 16.72 -26.37 -18.68
O4 NAG V . 18.88 -24.49 -19.18
O5 NAG V . 15.89 -22.41 -19.29
O6 NAG V . 17.22 -20.72 -20.62
O7 NAG V . 13.40 -26.65 -18.51
C1 YZT V . 17.10 -27.12 -17.53
C2 YZT V . 17.20 -28.59 -17.89
C3 YZT V . 17.56 -29.40 -16.67
C4 YZT V . 18.79 -28.85 -15.95
C5 YZT V . 18.61 -27.35 -15.68
C6 YZT V . 19.83 -26.68 -15.08
O1S6 YZT V . 19.43 -24.33 -16.07
O2 YZT V . 15.97 -29.03 -18.45
O2S6 YZT V . 18.49 -24.82 -13.87
O3 YZT V . 17.78 -30.76 -17.04
O3S6 YZT V . 20.92 -24.51 -14.14
O4 YZT V . 18.93 -29.51 -14.69
O5 YZT V . 18.31 -26.65 -16.91
S6 YZT V . 19.67 -24.97 -14.67
C2 BGC V . 20.21 -30.50 -13.14
C3 BGC V . 21.07 -31.68 -12.77
C4 BGC V . 20.54 -32.96 -13.42
C5 BGC V . 20.40 -32.78 -14.93
C6 BGC V . 19.77 -34.00 -15.60
C1 BGC V . 19.99 -30.43 -14.64
O2 BGC V . 20.81 -29.27 -12.73
O3 BGC V . 21.06 -31.81 -11.35
O4 BGC V . 21.44 -34.04 -13.13
O5 BGC V . 19.56 -31.67 -15.21
O6 BGC V . 19.57 -33.72 -16.98
C1 MAN V . 19.36 -25.48 -20.10
C2 MAN V . 20.43 -26.29 -19.37
C3 MAN V . 21.77 -26.18 -20.10
C4 MAN V . 22.12 -24.71 -20.40
C5 MAN V . 20.92 -23.98 -21.00
C6 MAN V . 21.26 -23.21 -22.26
O2 MAN V . 20.02 -27.65 -19.27
O3 MAN V . 21.69 -26.88 -21.35
O4 MAN V . 22.49 -24.05 -19.18
O5 MAN V . 19.88 -24.93 -21.31
O6 MAN V . 20.10 -22.52 -22.73
C1 MAN V . 17.88 -19.97 -21.64
C2 MAN V . 17.51 -18.50 -21.45
C3 MAN V . 16.02 -18.31 -21.74
C4 MAN V . 15.62 -18.90 -23.09
C5 MAN V . 16.14 -20.32 -23.25
C6 MAN V . 15.93 -20.88 -24.65
O2 MAN V . 18.26 -17.66 -22.34
O3 MAN V . 15.68 -16.93 -21.64
O4 MAN V . 14.21 -18.84 -23.22
O5 MAN V . 17.55 -20.39 -22.97
O6 MAN V . 16.34 -22.24 -24.67
C1 NAG W . 2.72 -20.51 -5.73
C2 NAG W . 3.11 -21.19 -4.43
C3 NAG W . 3.03 -22.72 -4.52
C4 NAG W . 1.69 -23.22 -5.06
C5 NAG W . 1.30 -22.43 -6.32
C6 NAG W . -0.17 -22.65 -6.62
C7 NAG W . 4.71 -20.11 -2.98
C8 NAG W . 6.14 -20.07 -2.52
N2 NAG W . 4.46 -20.81 -4.08
O3 NAG W . 3.24 -23.27 -3.23
O4 NAG W . 1.75 -24.63 -5.36
O5 NAG W . 1.46 -21.01 -6.17
O6 NAG W . -0.40 -23.95 -7.12
O7 NAG W . 3.83 -19.54 -2.36
C1 NAG W . 1.01 -25.44 -4.45
C2 NAG W . 0.58 -26.72 -5.11
C3 NAG W . -0.20 -27.59 -4.13
C4 NAG W . 0.53 -27.77 -2.79
C5 NAG W . 1.16 -26.46 -2.28
C6 NAG W . 2.20 -26.70 -1.19
C7 NAG W . 0.02 -27.04 -7.48
C8 NAG W . -0.89 -26.66 -8.61
N2 NAG W . -0.21 -26.44 -6.30
O3 NAG W . -0.41 -28.89 -4.69
O4 NAG W . -0.42 -28.18 -1.81
O5 NAG W . 1.83 -25.76 -3.33
O6 NAG W . 2.85 -25.44 -0.92
O7 NAG W . 0.90 -27.86 -7.66
C1 YZT W . -1.74 -29.12 -5.15
C2 YZT W . -1.86 -30.47 -5.85
C3 YZT W . -3.32 -30.79 -6.15
C4 YZT W . -4.18 -30.62 -4.89
C5 YZT W . -3.95 -29.26 -4.25
C6 YZT W . -4.69 -29.07 -2.94
O1S6 YZT W . -4.72 -26.48 -3.09
O2 YZT W . -1.10 -30.48 -7.05
O2S6 YZT W . -2.97 -27.52 -1.76
O3 YZT W . -3.41 -32.12 -6.64
O3S6 YZT W . -5.27 -27.52 -0.94
O4 YZT W . -5.56 -30.78 -5.22
O5 YZT W . -2.56 -29.08 -3.98
S6 YZT W . -4.48 -27.50 -2.13
C2 BGC W . -7.57 -32.06 -4.36
C3 BGC W . -7.94 -33.40 -3.72
C4 BGC W . -7.38 -34.60 -4.48
C5 BGC W . -5.90 -34.39 -4.83
C6 BGC W . -5.37 -35.48 -5.76
C1 BGC W . -6.06 -32.02 -4.66
O2 BGC W . -7.91 -31.01 -3.45
O3 BGC W . -9.37 -33.51 -3.62
O4 BGC W . -7.56 -35.76 -3.67
O5 BGC W . -5.73 -33.13 -5.48
O6 BGC W . -4.00 -35.24 -6.06
C1 MAN W . -0.25 -29.53 -1.34
C2 MAN W . 0.29 -29.52 0.11
C3 MAN W . 1.05 -30.80 0.41
C4 MAN W . 0.46 -31.97 -0.37
C5 MAN W . 0.64 -31.75 -1.87
C6 MAN W . -0.36 -32.55 -2.71
O2 MAN W . -0.79 -29.37 1.05
O3 MAN W . 1.02 -31.09 1.82
O4 MAN W . 1.11 -33.19 0.03
O5 MAN W . 0.55 -30.36 -2.21
O6 MAN W . 0.23 -32.82 -3.99
C1 MAN W . 2.43 -24.99 0.40
C2 MAN W . 2.02 -23.50 0.62
C3 MAN W . 3.20 -22.54 0.90
C4 MAN W . 4.21 -23.12 1.89
C5 MAN W . 4.55 -24.56 1.50
C6 MAN W . 5.49 -25.21 2.50
O2 MAN W . 1.13 -23.41 1.75
O3 MAN W . 2.75 -21.27 1.36
O4 MAN W . 5.38 -22.30 1.82
O5 MAN W . 3.37 -25.36 1.42
O6 MAN W . 5.78 -26.54 2.05
C1 NAG X . -11.35 -7.28 -27.51
C2 NAG X . -12.37 -6.78 -26.49
C3 NAG X . -12.86 -5.40 -26.91
C4 NAG X . -11.71 -4.43 -27.18
C5 NAG X . -10.65 -5.07 -28.07
C6 NAG X . -9.37 -4.25 -28.10
C7 NAG X . -13.81 -8.39 -25.33
C8 NAG X . -15.00 -9.30 -25.47
N2 NAG X . -13.49 -7.70 -26.42
O3 NAG X . -13.71 -4.88 -25.88
O4 NAG X . -12.20 -3.27 -27.88
O5 NAG X . -10.28 -6.35 -27.59
O6 NAG X . -8.29 -5.12 -28.42
O7 NAG X . -13.19 -8.28 -24.28
C1 NAG X . -12.32 -2.11 -27.05
C2 NAG X . -11.82 -0.84 -27.78
C3 NAG X . -12.29 0.48 -27.14
C4 NAG X . -13.62 0.34 -26.36
C5 NAG X . -13.83 -1.01 -25.74
C6 NAG X . -15.22 -1.17 -25.15
C7 NAG X . -9.72 -0.95 -28.98
C8 NAG X . -8.23 -0.76 -28.94
N2 NAG X . -10.37 -0.84 -27.82
O3 NAG X . -12.40 1.52 -28.17
O4 NAG X . -13.65 1.21 -25.24
O5 NAG X . -13.67 -1.97 -26.75
O6 NAG X . -15.56 -2.53 -25.30
O7 NAG X . -10.29 -1.22 -30.03
C1 YZT X . -11.21 2.34 -28.38
C2 YZT X . -11.53 3.66 -29.09
C3 YZT X . -10.28 4.49 -29.33
C4 YZT X . -9.46 4.63 -28.05
C5 YZT X . -9.20 3.26 -27.43
C6 YZT X . -8.45 3.32 -26.11
O1S6 YZT X . -7.63 0.87 -26.24
O2 YZT X . -12.19 3.40 -30.33
O2S6 YZT X . -9.59 1.35 -24.88
O3 YZT X . -10.64 5.78 -29.82
O3S6 YZT X . -7.38 2.06 -24.12
O4 YZT X . -8.21 5.24 -28.34
O5 YZT X . -10.45 2.58 -27.19
S6 YZT X . -8.16 1.79 -25.29
C2 BGC X . -6.73 6.89 -27.48
C3 BGC X . -6.56 8.40 -27.31
C4 BGC X . -7.17 9.19 -28.47
C5 BGC X . -8.62 8.75 -28.71
C6 BGC X . -9.23 9.40 -29.95
C1 BGC X . -8.16 6.56 -27.86
O2 BGC X . -6.40 6.25 -26.26
O3 BGC X . -5.16 8.70 -27.19
O4 BGC X . -7.12 10.59 -28.14
O5 BGC X . -8.64 7.35 -28.94
O6 BGC X . -10.60 9.03 -30.07
C1 MAN X . -14.58 2.30 -25.47
C2 MAN X . -13.78 3.58 -25.73
C3 MAN X . -13.10 4.04 -24.44
C4 MAN X . -14.06 4.09 -23.23
C5 MAN X . -14.92 2.82 -23.15
C6 MAN X . -16.03 2.91 -22.12
O2 MAN X . -14.69 4.59 -26.18
O3 MAN X . -12.55 5.35 -24.63
O4 MAN X . -13.28 4.21 -22.04
O5 MAN X . -15.53 2.50 -24.40
O6 MAN X . -16.48 1.58 -21.86
C1 MAN X . -16.87 -2.80 -24.78
C2 MAN X . -16.86 -4.19 -24.10
C3 MAN X . -16.88 -5.32 -25.14
C4 MAN X . -17.97 -5.12 -26.20
C5 MAN X . -17.91 -3.71 -26.79
C6 MAN X . -19.07 -3.41 -27.73
O2 MAN X . -17.96 -4.36 -23.19
O3 MAN X . -17.04 -6.58 -24.48
O4 MAN X . -17.76 -6.08 -27.22
O5 MAN X . -17.91 -2.71 -25.76
O6 MAN X . -18.72 -2.30 -28.57
C1 NAG Y . -9.99 -9.34 -15.83
C2 NAG Y . -10.32 -8.80 -14.45
C3 NAG Y . -11.82 -8.82 -14.28
C4 NAG Y . -12.55 -8.11 -15.43
C5 NAG Y . -12.02 -8.56 -16.81
C6 NAG Y . -12.51 -7.68 -17.94
C7 NAG Y . -8.74 -9.17 -12.63
C8 NAG Y . -8.24 -10.15 -11.61
N2 NAG Y . -9.69 -9.63 -13.44
O3 NAG Y . -12.15 -8.20 -13.03
O4 NAG Y . -13.94 -8.41 -15.35
O5 NAG Y . -10.60 -8.52 -16.82
O6 NAG Y . -12.13 -6.31 -17.71
O7 NAG Y . -8.30 -8.03 -12.70
C1 NAG Y . -14.69 -7.24 -14.99
C2 NAG Y . -16.18 -7.56 -15.09
C3 NAG Y . -16.97 -6.30 -14.75
C4 NAG Y . -16.58 -5.74 -13.38
C5 NAG Y . -15.07 -5.52 -13.34
C6 NAG Y . -14.59 -5.09 -11.96
C7 NAG Y . -16.43 -7.49 -17.60
C8 NAG Y . -16.85 -8.33 -18.76
N2 NAG Y . -16.57 -8.08 -16.40
O3 NAG Y . -18.37 -6.52 -14.85
O4 NAG Y . -17.24 -4.48 -13.23
O5 NAG Y . -14.39 -6.75 -13.68
O6 NAG Y . -13.21 -5.40 -11.77
O7 NAG Y . -16.02 -6.35 -17.74
C1 YZT Y . -18.73 -5.60 -15.87
C2 YZT Y . -20.14 -5.96 -16.15
C3 YZT Y . -20.69 -5.09 -17.26
C4 YZT Y . -20.45 -3.60 -16.99
C5 YZT Y . -18.99 -3.36 -16.61
C6 YZT Y . -18.71 -1.93 -16.20
O1S6 YZT Y . -16.22 -2.10 -16.89
O2 YZT Y . -20.18 -7.35 -16.50
O2S6 YZT Y . -16.77 -2.56 -14.58
O3 YZT Y . -22.09 -5.33 -17.41
O3S6 YZT Y . -16.90 -0.26 -15.41
O4 YZT Y . -20.77 -2.85 -18.17
O5 YZT Y . -18.60 -4.21 -15.53
S6 YZT Y . -17.01 -1.62 -15.79
C2 BGC Y . -21.80 -0.88 -18.89
C3 BGC Y . -23.11 -0.22 -19.29
C4 BGC Y . -24.15 -1.23 -19.73
C5 BGC Y . -24.27 -2.34 -18.69
C6 BGC Y . -25.28 -3.39 -19.11
C1 BGC Y . -21.99 -2.14 -18.06
O2 BGC Y . -21.08 0.06 -18.11
O3 BGC Y . -22.86 0.69 -20.35
O4 BGC Y . -25.39 -0.53 -19.89
O5 BGC Y . -23.02 -2.98 -18.54
O6 BGC Y . -25.15 -4.50 -18.21
C1 MAN Y . -18.23 -4.55 -12.19
C2 MAN Y . -19.48 -3.85 -12.68
C3 MAN Y . -19.16 -2.38 -12.93
C4 MAN Y . -18.49 -1.71 -11.72
C5 MAN Y . -17.32 -2.56 -11.22
C6 MAN Y . -16.71 -2.06 -9.92
O2 MAN Y . -20.51 -3.91 -11.69
O3 MAN Y . -20.32 -1.69 -13.37
O4 MAN Y . -18.05 -0.41 -12.10
O5 MAN Y . -17.73 -3.93 -11.01
O6 MAN Y . -15.55 -2.84 -9.62
C1 MAN Y . -12.87 -5.11 -10.40
C2 MAN Y . -11.34 -5.09 -10.26
C3 MAN Y . -10.75 -6.50 -10.28
C4 MAN Y . -11.48 -7.42 -9.30
C5 MAN Y . -12.97 -7.39 -9.61
C6 MAN Y . -13.78 -8.27 -8.65
O2 MAN Y . -10.94 -4.45 -9.04
O3 MAN Y . -9.35 -6.49 -9.99
O4 MAN Y . -10.97 -8.74 -9.41
O5 MAN Y . -13.46 -6.05 -9.48
O6 MAN Y . -15.08 -8.44 -9.22
C1 NAG Z . -15.12 11.51 44.39
C2 NAG Z . -16.08 11.38 45.55
C3 NAG Z . -15.31 11.05 46.82
C4 NAG Z . -14.32 9.90 46.61
C5 NAG Z . -13.52 10.04 45.31
C6 NAG Z . -12.77 8.75 45.01
C7 NAG Z . -18.04 12.74 45.25
C8 NAG Z . -18.73 14.03 45.58
N2 NAG Z . -16.81 12.61 45.73
O3 NAG Z . -16.25 10.70 47.83
O4 NAG Z . -13.37 9.82 47.67
O5 NAG Z . -14.41 10.29 44.23
O6 NAG Z . -11.60 8.70 45.83
O7 NAG Z . -18.59 11.87 44.58
C1 NAG Z . -13.83 8.89 48.67
C2 NAG Z . -12.65 8.21 49.36
C3 NAG Z . -13.15 7.30 50.48
C4 NAG Z . -14.08 8.05 51.42
C5 NAG Z . -15.21 8.71 50.63
C6 NAG Z . -16.11 9.57 51.50
C7 NAG Z . -10.55 7.30 48.47
C8 NAG Z . -9.95 6.43 47.42
N2 NAG Z . -11.88 7.46 48.39
O3 NAG Z . -12.02 6.81 51.23
O4 NAG Z . -14.63 7.15 52.38
O5 NAG Z . -14.64 9.56 49.63
O6 NAG Z . -16.38 10.80 50.83
O7 NAG Z . -9.88 7.82 49.36
C1 YZT Z . -11.72 5.40 51.13
C2 YZT Z . -10.49 5.11 51.98
C3 YZT Z . -10.04 3.67 51.82
C4 YZT Z . -11.20 2.71 52.07
C5 YZT Z . -12.41 3.10 51.23
C6 YZT Z . -13.65 2.27 51.51
O1S6 YZT Z . -14.60 2.54 49.12
O2 YZT Z . -9.42 6.00 51.63
O2S6 YZT Z . -15.40 4.04 50.85
O3 YZT Z . -8.96 3.40 52.71
O3S6 YZT Z . -16.10 1.71 50.87
O4 YZT Z . -10.80 1.38 51.68
O5 YZT Z . -12.77 4.48 51.48
S6 YZT Z . -15.04 2.58 50.47
C2 BGC Z . -11.14 -0.83 52.14
C3 BGC Z . -10.52 -2.02 52.84
C4 BGC Z . -9.02 -1.85 53.03
C5 BGC Z . -8.72 -0.53 53.75
C6 BGC Z . -7.22 -0.26 53.82
C1 BGC Z . -10.67 0.48 52.75
O2 BGC Z . -12.56 -0.89 52.22
O3 BGC Z . -10.78 -3.17 52.03
O4 BGC Z . -8.53 -2.94 53.81
O5 BGC Z . -9.30 0.56 53.06
O6 BGC Z . -6.93 0.66 54.88
C1 MAN Z . -14.17 7.47 53.70
C2 MAN Z . -13.55 6.21 54.29
C3 MAN Z . -14.62 5.12 54.41
C4 MAN Z . -15.87 5.62 55.15
C5 MAN Z . -16.33 6.98 54.60
C6 MAN Z . -17.43 7.61 55.43
O2 MAN Z . -13.02 6.49 55.59
O3 MAN Z . -14.08 3.98 55.06
O4 MAN Z . -16.90 4.64 54.97
O5 MAN Z . -15.25 7.92 54.51
O6 MAN Z . -17.93 8.74 54.71
C1 MAN Z . -17.31 11.59 51.58
C2 MAN Z . -18.27 12.27 50.61
C3 MAN Z . -17.50 13.30 49.77
C4 MAN Z . -16.67 14.26 50.62
C5 MAN Z . -15.84 13.48 51.63
C6 MAN Z . -15.10 14.38 52.61
O2 MAN Z . -19.31 12.95 51.30
O3 MAN Z . -18.41 14.03 48.94
O4 MAN Z . -15.82 15.01 49.75
O5 MAN Z . -16.64 12.56 52.39
O6 MAN Z . -14.17 13.56 53.34
C1 NAG AA . -2.92 27.81 36.01
C2 NAG AA . -4.31 27.68 35.41
C3 NAG AA . -4.45 28.57 34.21
C4 NAG AA . -3.98 30.00 34.50
C5 NAG AA . -2.64 30.03 35.25
C6 NAG AA . -2.31 31.43 35.76
C7 NAG AA . -5.80 25.78 35.14
C8 NAG AA . -5.88 24.34 34.76
N2 NAG AA . -4.59 26.30 35.02
O3 NAG AA . -5.83 28.59 33.84
O4 NAG AA . -3.83 30.66 33.25
O5 NAG AA . -2.68 29.16 36.37
O6 NAG AA . -1.12 31.90 35.11
O7 NAG AA . -6.79 26.40 35.52
C1 NAG AA . -4.91 31.59 33.07
C2 NAG AA . -4.42 32.71 32.16
C3 NAG AA . -5.53 33.70 31.89
C4 NAG AA . -6.83 33.02 31.44
C5 NAG AA . -7.19 31.88 32.39
C6 NAG AA . -8.40 31.08 31.93
C7 NAG AA . -2.16 33.65 32.06
C8 NAG AA . -1.08 34.35 32.83
N2 NAG AA . -3.27 33.37 32.74
O3 NAG AA . -5.11 34.61 30.86
O4 NAG AA . -7.88 33.98 31.45
O5 NAG AA . -6.08 30.99 32.51
O6 NAG AA . -8.25 29.71 32.29
O7 NAG AA . -2.01 33.36 30.88
C1 YZT AA . -4.87 35.90 31.42
C2 YZT AA . -4.47 36.86 30.31
C3 YZT AA . -4.16 38.23 30.90
C4 YZT AA . -5.29 38.72 31.79
C5 YZT AA . -5.66 37.66 32.84
C6 YZT AA . -6.85 38.03 33.70
O1S6 YZT AA . -7.67 35.62 34.14
O2 YZT AA . -3.33 36.35 29.61
O2S6 YZT AA . -6.11 36.61 35.73
O3 YZT AA . -3.91 39.16 29.84
O3S6 YZT AA . -8.43 37.37 35.65
O4 YZT AA . -4.84 39.89 32.49
O5 YZT AA . -5.97 36.41 32.18
S6 YZT AA . -7.28 36.88 34.97
C2 BGC AA . -5.21 41.97 33.24
C3 BGC AA . -5.41 43.43 32.91
C4 BGC AA . -4.60 43.82 31.68
C5 BGC AA . -4.92 42.89 30.50
C6 BGC AA . -4.05 43.17 29.28
C1 BGC AA . -5.40 41.09 32.02
O2 BGC AA . -6.12 41.54 34.24
O3 BGC AA . -5.00 44.21 34.03
O4 BGC AA . -4.90 45.17 31.33
O5 BGC AA . -4.68 41.54 30.88
O6 BGC AA . -4.32 42.21 28.27
C1 MAN AA . -8.15 34.49 30.13
C2 MAN AA . -8.60 35.94 30.29
C3 MAN AA . -10.01 36.12 29.73
C4 MAN AA . -10.96 35.06 30.27
C5 MAN AA . -10.34 33.66 30.17
C6 MAN AA . -11.25 32.65 29.54
O2 MAN AA . -7.67 36.81 29.64
O3 MAN AA . -9.97 36.00 28.30
O4 MAN AA . -11.25 35.32 31.65
O5 MAN AA . -9.12 33.74 29.42
O6 MAN AA . -10.61 31.36 29.53
C1 MAN AA . -9.39 28.97 31.84
C2 MAN AA . -9.59 27.80 32.80
C3 MAN AA . -8.40 26.83 32.67
C4 MAN AA . -8.16 26.42 31.22
C5 MAN AA . -8.09 27.64 30.31
C6 MAN AA . -8.04 27.27 28.83
O2 MAN AA . -10.80 27.10 32.50
O3 MAN AA . -8.63 25.69 33.50
O4 MAN AA . -6.95 25.65 31.15
O5 MAN AA . -9.24 28.48 30.50
O6 MAN AA . -7.86 28.48 28.08
C1 NAG BA . 8.19 30.04 45.03
C2 NAG BA . 8.43 31.36 45.74
C3 NAG BA . 9.09 32.39 44.84
C4 NAG BA . 10.35 31.89 44.13
C5 NAG BA . 10.08 30.51 43.52
C6 NAG BA . 11.38 29.84 43.16
C7 NAG BA . 6.94 32.01 47.54
C8 NAG BA . 5.77 32.86 47.91
N2 NAG BA . 7.17 31.87 46.23
O3 NAG BA . 9.45 33.54 45.62
O4 NAG BA . 10.76 32.81 43.10
O5 NAG BA . 9.40 29.60 44.41
O6 NAG BA . 11.97 30.46 42.02
O7 NAG BA . 7.64 31.47 48.38
C1 NAG BA . 11.96 33.52 43.43
C2 NAG BA . 12.69 33.94 42.17
C3 NAG BA . 13.96 34.70 42.54
C4 NAG BA . 13.71 35.82 43.55
C5 NAG BA . 12.76 35.40 44.68
C6 NAG BA . 12.21 36.59 45.47
C7 NAG BA . 12.72 32.77 40.03
C8 NAG BA . 13.10 31.51 39.30
N2 NAG BA . 12.98 32.80 41.34
O3 NAG BA . 14.52 35.28 41.36
O4 NAG BA . 14.96 36.16 44.16
O5 NAG BA . 11.64 34.68 44.19
O6 NAG BA . 11.21 36.08 46.38
O7 NAG BA . 12.22 33.70 39.42
C1 YZT BA . 15.67 34.62 40.86
C2 YZT BA . 16.15 35.21 39.54
C3 YZT BA . 17.48 34.63 39.13
C4 YZT BA . 18.48 34.72 40.28
C5 YZT BA . 17.91 34.13 41.56
C6 YZT BA . 18.81 34.28 42.77
O1S6 YZT BA . 17.78 32.27 44.05
O2 YZT BA . 15.16 35.00 38.52
O2S6 YZT BA . 16.98 34.51 44.58
O3 YZT BA . 17.97 35.32 37.98
O3S6 YZT BA . 19.22 33.84 45.29
O4 YZT BA . 19.69 34.04 39.93
O5 YZT BA . 16.67 34.78 41.87
S6 YZT BA . 18.21 33.62 44.29
C2 BGC BA . 22.18 34.47 39.97
C3 BGC BA . 23.20 35.61 39.77
C4 BGC BA . 22.99 36.38 38.47
C5 BGC BA . 21.51 36.75 38.29
C6 BGC BA . 21.24 37.34 36.91
C1 BGC BA . 20.76 35.00 39.73
O2 BGC BA . 22.30 33.98 41.30
O3 BGC BA . 24.53 35.07 39.82
O4 BGC BA . 23.80 37.55 38.53
O5 BGC BA . 20.69 35.58 38.42
O6 BGC BA . 19.85 37.66 36.78
C1 MAN BA . 15.46 37.46 43.82
C2 MAN BA . 15.34 38.42 45.03
C3 MAN BA . 15.25 39.87 44.59
C4 MAN BA . 16.03 40.08 43.29
C5 MAN BA . 15.42 39.27 42.15
C6 MAN BA . 16.40 38.98 41.02
O2 MAN BA . 16.47 38.26 45.91
O3 MAN BA . 15.73 40.74 45.60
O4 MAN BA . 16.04 41.47 42.96
O5 MAN BA . 14.86 38.02 42.62
O6 MAN BA . 15.67 38.83 39.81
C1 MAN BA . 11.74 36.19 47.74
C2 MAN BA . 11.59 35.00 48.73
C3 MAN BA . 10.24 34.97 49.48
C4 MAN BA . 9.82 36.35 50.00
C5 MAN BA . 9.99 37.39 48.89
C6 MAN BA . 9.67 38.80 49.39
O2 MAN BA . 12.63 35.06 49.73
O3 MAN BA . 10.26 34.04 50.57
O4 MAN BA . 8.45 36.25 50.38
O5 MAN BA . 11.33 37.40 48.39
O6 MAN BA . 9.82 39.71 48.30
C1 NAG CA . 10.08 3.13 34.02
C2 NAG CA . 11.03 2.79 35.14
C3 NAG CA . 10.82 1.34 35.55
C4 NAG CA . 9.35 1.01 35.85
C5 NAG CA . 8.44 1.54 34.74
C6 NAG CA . 6.98 1.52 35.15
C7 NAG CA . 13.22 3.88 35.26
C8 NAG CA . 14.59 3.94 34.65
N2 NAG CA . 12.40 2.98 34.71
O3 NAG CA . 11.61 1.04 36.70
O4 NAG CA . 9.16 -0.42 35.90
O5 NAG CA . 8.73 2.90 34.43
O6 NAG CA . 6.28 2.49 34.37
O7 NAG CA . 12.89 4.59 36.18
C1 NAG CA . 9.00 -0.93 37.21
C2 NAG CA . 7.89 -1.99 37.30
C3 NAG CA . 7.94 -2.88 38.55
C4 NAG CA . 9.36 -3.01 39.15
C5 NAG CA . 10.24 -1.79 38.94
C6 NAG CA . 11.67 -2.04 39.36
C7 NAG CA . 5.78 -1.51 36.21
C8 NAG CA . 4.39 -0.95 36.33
N2 NAG CA . 6.60 -1.34 37.25
O3 NAG CA . 7.38 -4.19 38.27
O4 NAG CA . 9.32 -3.12 40.57
O5 NAG CA . 10.23 -1.51 37.56
O6 NAG CA . 12.47 -1.26 38.49
O7 NAG CA . 6.12 -2.09 35.19
C1 YZT CA . 5.94 -4.35 38.51
C2 YZT CA . 5.54 -5.81 38.65
C3 YZT CA . 4.05 -5.97 38.90
C4 YZT CA . 3.59 -5.07 40.04
C5 YZT CA . 4.03 -3.63 39.81
C6 YZT CA . 3.67 -2.69 40.94
O1S6 YZT CA . 3.88 -0.56 39.47
O2 YZT CA . 5.92 -6.54 37.48
O2S6 YZT CA . 5.76 -1.16 40.89
O3 YZT CA . 3.74 -7.33 39.19
O3S6 YZT CA . 3.71 -0.29 41.90
O4 YZT CA . 2.16 -5.08 40.11
O5 YZT CA . 5.47 -3.59 39.65
S6 YZT CA . 4.22 -1.01 40.78
C2 BGC CA . 0.40 -5.21 41.72
C3 BGC CA . -0.28 -6.16 42.69
C4 BGC CA . -0.34 -7.59 42.16
C5 BGC CA . 1.06 -8.05 41.73
C6 BGC CA . 1.04 -9.42 41.06
C1 BGC CA . 1.72 -5.81 41.24
O2 BGC CA . 0.67 -3.97 42.39
O3 BGC CA . -1.60 -5.67 42.94
O4 BGC CA . -0.84 -8.43 43.20
O5 BGC CA . 1.58 -7.14 40.78
O6 BGC CA . 2.38 -9.84 40.76
C1 MAN CA . 9.66 -4.46 40.98
C2 MAN CA . 8.39 -5.16 41.45
C3 MAN CA . 7.92 -4.57 42.78
C4 MAN CA . 9.05 -4.46 43.82
C5 MAN CA . 10.33 -3.88 43.21
C6 MAN CA . 11.53 -3.95 44.13
O2 MAN CA . 8.69 -6.55 41.62
O3 MAN CA . 6.87 -5.37 43.32
O4 MAN CA . 8.60 -3.62 44.87
O5 MAN CA . 10.68 -4.53 41.98
O6 MAN CA . 12.50 -3.03 43.62
C1 MAN CA . 13.87 -1.41 38.79
C2 MAN CA . 14.57 -0.04 38.60
C3 MAN CA . 14.78 0.27 37.12
C4 MAN CA . 15.41 -0.89 36.35
C5 MAN CA . 14.65 -2.20 36.62
C6 MAN CA . 15.32 -3.42 36.01
O2 MAN CA . 15.84 0.00 39.27
O3 MAN CA . 15.57 1.44 36.97
O4 MAN CA . 15.34 -0.59 34.96
O5 MAN CA . 14.51 -2.45 38.03
O6 MAN CA . 14.38 -4.50 35.90
C1 NAG DA . 12.58 10.96 42.70
C2 NAG DA . 12.98 11.08 44.15
C3 NAG DA . 14.37 10.47 44.31
C4 NAG DA . 14.45 9.05 43.72
C5 NAG DA . 13.81 8.97 42.33
C6 NAG DA . 13.62 7.53 41.87
C7 NAG DA . 12.18 12.96 45.48
C8 NAG DA . 12.36 14.41 45.80
N2 NAG DA . 12.99 12.47 44.56
O3 NAG DA . 14.72 10.46 45.69
O4 NAG DA . 15.81 8.67 43.64
O5 NAG DA . 12.53 9.58 42.32
O6 NAG DA . 12.80 6.81 42.79
O7 NAG DA . 11.32 12.28 46.04
C1 NAG DA . 16.10 7.63 44.59
C2 NAG DA . 17.53 7.11 44.34
C3 NAG DA . 17.82 5.98 45.32
C4 NAG DA . 17.60 6.41 46.77
C5 NAG DA . 16.18 6.97 46.91
C6 NAG DA . 15.92 7.54 48.29
C7 NAG DA . 17.10 5.74 42.29
C8 NAG DA . 17.53 5.61 40.84
N2 NAG DA . 17.75 6.69 42.96
O3 NAG DA . 19.11 5.44 45.12
O4 NAG DA . 17.72 5.25 47.59
O5 NAG DA . 15.97 8.04 45.96
O6 NAG DA . 14.86 8.50 48.28
O7 NAG DA . 16.25 5.01 42.77
C1 YZT DA . 18.82 4.11 44.77
C2 YZT DA . 20.14 3.58 44.35
C3 YZT DA . 20.02 2.14 43.89
C4 YZT DA . 19.29 1.28 44.93
C5 YZT DA . 17.99 1.96 45.36
C6 YZT DA . 17.27 1.24 46.48
O1S6 YZT DA . 14.98 2.17 45.80
O2 YZT DA . 20.63 4.42 43.30
O2S6 YZT DA . 16.20 3.38 47.49
O3 YZT DA . 21.31 1.60 43.65
O3S6 YZT DA . 15.22 1.21 48.04
O4 YZT DA . 18.98 0.00 44.35
O5 YZT DA . 18.24 3.30 45.80
S6 YZT DA . 15.76 2.00 46.98
C2 BGC DA . 18.93 -2.29 44.82
C3 BGC DA . 19.74 -3.57 44.86
C4 BGC DA . 20.95 -3.52 43.94
C5 BGC DA . 21.74 -2.25 44.21
C6 BGC DA . 22.94 -2.14 43.29
C1 BGC DA . 19.80 -1.04 44.84
O2 BGC DA . 18.12 -2.26 45.98
O3 BGC DA . 18.90 -4.65 44.47
O4 BGC DA . 21.73 -4.69 44.20
O5 BGC DA . 20.92 -1.12 43.98
O6 BGC DA . 23.49 -0.83 43.43
C1 MAN DA . 18.87 5.34 48.43
C2 MAN DA . 19.60 4.00 48.40
C3 MAN DA . 18.66 2.94 48.99
C4 MAN DA . 18.11 3.34 50.36
C5 MAN DA . 17.53 4.76 50.31
C6 MAN DA . 17.11 5.29 51.68
O2 MAN DA . 20.76 4.06 49.21
O3 MAN DA . 19.31 1.67 49.01
O4 MAN DA . 17.11 2.40 50.75
O5 MAN DA . 18.47 5.68 49.76
O6 MAN DA . 16.45 6.56 51.50
C1 MAN DA . 14.79 9.11 49.59
C2 MAN DA . 13.46 9.86 49.71
C3 MAN DA . 13.48 11.18 48.91
C4 MAN DA . 14.73 11.99 49.25
C5 MAN DA . 15.97 11.14 49.02
C6 MAN DA . 17.26 11.87 49.35
O2 MAN DA . 13.16 10.17 51.08
O3 MAN DA . 12.31 11.96 49.17
O4 MAN DA . 14.77 13.16 48.43
O5 MAN DA . 15.91 9.97 49.85
O6 MAN DA . 18.35 11.13 48.80
C1 MAN EA . 22.13 -6.37 -13.43
C2 MAN EA . 22.47 -4.93 -13.82
C3 MAN EA . 21.80 -4.57 -15.16
C4 MAN EA . 22.02 -5.62 -16.25
C5 MAN EA . 21.83 -7.03 -15.69
C6 MAN EA . 22.20 -8.12 -16.66
O2 MAN EA . 23.89 -4.81 -13.97
O3 MAN EA . 22.28 -3.30 -15.61
O4 MAN EA . 21.04 -5.39 -17.26
O5 MAN EA . 22.60 -7.19 -14.49
O6 MAN EA . 21.50 -9.31 -16.27
C1 MAN FA . -16.49 24.86 46.09
C2 MAN FA . -17.45 23.75 46.53
C3 MAN FA . -17.33 22.55 45.58
C4 MAN FA . -17.41 22.91 44.10
C5 MAN FA . -16.55 24.16 43.83
C6 MAN FA . -16.71 24.69 42.42
O2 MAN FA . -18.79 24.25 46.48
O3 MAN FA . -18.36 21.60 45.89
O4 MAN FA . -16.88 21.81 43.37
O5 MAN FA . -16.87 25.20 44.75
O6 MAN FA . -15.55 25.45 42.10
C1 MAN GA . -25.94 -30.78 -69.09
C2 MAN GA . -25.58 -32.20 -68.65
C3 MAN GA . -24.81 -32.92 -69.76
C4 MAN GA . -25.47 -32.83 -71.13
C5 MAN GA . -25.95 -31.39 -71.38
C6 MAN GA . -26.78 -31.25 -72.65
O2 MAN GA . -26.78 -32.91 -68.37
O3 MAN GA . -24.65 -34.30 -69.41
O4 MAN GA . -24.49 -33.17 -72.10
O5 MAN GA . -26.73 -30.92 -70.27
O6 MAN GA . -26.71 -29.88 -73.06
C1 MAN HA . -6.78 8.25 -48.83
C2 MAN HA . -8.31 8.28 -48.68
C3 MAN HA . -8.95 7.24 -49.60
C4 MAN HA . -8.44 7.29 -51.04
C5 MAN HA . -6.92 7.45 -51.06
C6 MAN HA . -6.36 7.69 -52.44
O2 MAN HA . -8.78 9.58 -49.04
O3 MAN HA . -10.38 7.41 -49.59
O4 MAN HA . -8.79 6.06 -51.67
O5 MAN HA . -6.52 8.52 -50.20
O6 MAN HA . -4.98 7.28 -52.43
C1 MAN IA . -5.38 -16.60 24.56
C2 MAN IA . -4.00 -17.26 24.71
C3 MAN IA . -3.26 -17.23 23.36
C4 MAN IA . -4.09 -17.75 22.19
C5 MAN IA . -5.51 -17.15 22.26
C6 MAN IA . -6.46 -17.76 21.24
O2 MAN IA . -4.17 -18.61 25.13
O3 MAN IA . -2.06 -18.02 23.47
O4 MAN IA . -3.47 -17.30 20.99
O5 MAN IA . -6.06 -17.35 23.57
O6 MAN IA . -7.51 -16.81 21.02
#